data_5Y0G
# 
_entry.id   5Y0G 
# 
_audit_conform.dict_name       mmcif_pdbx.dic 
_audit_conform.dict_version    5.380 
_audit_conform.dict_location   http://mmcif.pdb.org/dictionaries/ascii/mmcif_pdbx.dic 
# 
loop_
_database_2.database_id 
_database_2.database_code 
_database_2.pdbx_database_accession 
_database_2.pdbx_DOI 
PDB   5Y0G         pdb_00005y0g 10.2210/pdb5y0g/pdb 
WWPDB D_1300004449 ?            ?                   
# 
_pdbx_database_status.status_code                     REL 
_pdbx_database_status.status_code_sf                  REL 
_pdbx_database_status.status_code_mr                  ? 
_pdbx_database_status.entry_id                        5Y0G 
_pdbx_database_status.recvd_initial_deposition_date   2017-07-17 
_pdbx_database_status.SG_entry                        N 
_pdbx_database_status.deposit_site                    PDBJ 
_pdbx_database_status.process_site                    PDBJ 
_pdbx_database_status.status_code_cs                  ? 
_pdbx_database_status.methods_development_category    ? 
_pdbx_database_status.pdb_format_compatible           Y 
_pdbx_database_status.status_code_nmr_data            ? 
# 
loop_
_audit_author.name 
_audit_author.pdbx_ordinal 
_audit_author.identifier_ORCID 
'Su, H.X.'  1 ? 
'Liu, Q.F.' 2 ? 
'Xu, Y.C.'  3 ? 
# 
_citation.abstract                  ? 
_citation.abstract_id_CAS           ? 
_citation.book_id_ISBN              ? 
_citation.book_publisher            ? 
_citation.book_publisher_city       ? 
_citation.book_title                ? 
_citation.coordinate_linkage        ? 
_citation.country                   FR 
_citation.database_id_Medline       ? 
_citation.details                   ? 
_citation.id                        primary 
_citation.journal_abbrev            'Eur J Med Chem' 
_citation.journal_id_ASTM           EJMCA5 
_citation.journal_id_CSD            0493 
_citation.journal_id_ISSN           1768-3254 
_citation.journal_full              ? 
_citation.journal_issue             ? 
_citation.journal_volume            154 
_citation.language                  ? 
_citation.page_first                44 
_citation.page_last                 59 
_citation.title                     
;From hit to lead: Structure-based discovery of naphthalene-1-sulfonamide derivatives as potent and selective inhibitors of fatty acid binding protein 4
;
_citation.year                      2018 
_citation.database_id_CSD           ? 
_citation.pdbx_database_id_DOI      10.1016/j.ejmech.2018.05.007 
_citation.pdbx_database_id_PubMed   29775936 
_citation.unpublished_flag          ? 
# 
loop_
_citation_author.citation_id 
_citation_author.name 
_citation_author.ordinal 
_citation_author.identifier_ORCID 
primary 'Gao, D.D.'   1  ? 
primary 'Dou, H.X.'   2  ? 
primary 'Su, H.X.'    3  ? 
primary 'Zhang, M.M.' 4  ? 
primary 'Wang, T.'    5  ? 
primary 'Liu, Q.F.'   6  ? 
primary 'Cai, H.Y.'   7  ? 
primary 'Ding, H.P.'  8  ? 
primary 'Yang, Z.'    9  ? 
primary 'Zhu, W.L.'   10 ? 
primary 'Xu, Y.C.'    11 ? 
primary 'Wang, H.Y.'  12 ? 
primary 'Li, Y.X.'    13 ? 
# 
_cell.angle_alpha                  90.00 
_cell.angle_alpha_esd              ? 
_cell.angle_beta                   90.00 
_cell.angle_beta_esd               ? 
_cell.angle_gamma                  90.00 
_cell.angle_gamma_esd              ? 
_cell.entry_id                     5Y0G 
_cell.details                      ? 
_cell.formula_units_Z              ? 
_cell.length_a                     32.380 
_cell.length_a_esd                 ? 
_cell.length_b                     53.670 
_cell.length_b_esd                 ? 
_cell.length_c                     75.260 
_cell.length_c_esd                 ? 
_cell.volume                       ? 
_cell.volume_esd                   ? 
_cell.Z_PDB                        4 
_cell.reciprocal_angle_alpha       ? 
_cell.reciprocal_angle_beta        ? 
_cell.reciprocal_angle_gamma       ? 
_cell.reciprocal_angle_alpha_esd   ? 
_cell.reciprocal_angle_beta_esd    ? 
_cell.reciprocal_angle_gamma_esd   ? 
_cell.reciprocal_length_a          ? 
_cell.reciprocal_length_b          ? 
_cell.reciprocal_length_c          ? 
_cell.reciprocal_length_a_esd      ? 
_cell.reciprocal_length_b_esd      ? 
_cell.reciprocal_length_c_esd      ? 
_cell.pdbx_unique_axis             ? 
# 
_symmetry.entry_id                         5Y0G 
_symmetry.cell_setting                     ? 
_symmetry.Int_Tables_number                19 
_symmetry.space_group_name_Hall            ? 
_symmetry.space_group_name_H-M             'P 21 21 21' 
_symmetry.pdbx_full_space_group_name_H-M   ? 
# 
loop_
_entity.id 
_entity.type 
_entity.src_method 
_entity.pdbx_description 
_entity.formula_weight 
_entity.pdbx_number_of_molecules 
_entity.pdbx_ec 
_entity.pdbx_mutation 
_entity.pdbx_fragment 
_entity.details 
1 polymer     man 'Fatty acid-binding protein, adipocyte'                               16911.268 1   ? ? ? ? 
2 non-polymer syn '4-fluoranyl-3-[(4-methoxynaphthalen-1-yl)sulfonylamino]benzoic acid' 375.371   1   ? ? ? ? 
3 water       nat water                                                                 18.015    100 ? ? ? ? 
# 
_entity_name_com.entity_id   1 
_entity_name_com.name        
'Adipocyte lipid-binding protein,ALBP,Adipocyte-type fatty acid-binding protein,AFABP,Fatty acid-binding protein 4' 
# 
_entity_poly.entity_id                      1 
_entity_poly.type                           'polypeptide(L)' 
_entity_poly.nstd_linkage                   no 
_entity_poly.nstd_monomer                   no 
_entity_poly.pdbx_seq_one_letter_code       
;MGSSHHHHHHSSGLVPRGSHMCDAFVGTWKLVSSENFDDYMKEVGVGFATRKVAGMAKPNMIISVNGDVITIKSESTFKN
TEISFILGQEFDEVTADDRKVKSTITLDGGVLVHVQKWDGKSTTIKRKREDDKLVVECVMKGVTSTRVYERA
;
_entity_poly.pdbx_seq_one_letter_code_can   
;MGSSHHHHHHSSGLVPRGSHMCDAFVGTWKLVSSENFDDYMKEVGVGFATRKVAGMAKPNMIISVNGDVITIKSESTFKN
TEISFILGQEFDEVTADDRKVKSTITLDGGVLVHVQKWDGKSTTIKRKREDDKLVVECVMKGVTSTRVYERA
;
_entity_poly.pdbx_strand_id                 A 
_entity_poly.pdbx_target_identifier         ? 
# 
loop_
_entity_poly_seq.entity_id 
_entity_poly_seq.num 
_entity_poly_seq.mon_id 
_entity_poly_seq.hetero 
1 1   MET n 
1 2   GLY n 
1 3   SER n 
1 4   SER n 
1 5   HIS n 
1 6   HIS n 
1 7   HIS n 
1 8   HIS n 
1 9   HIS n 
1 10  HIS n 
1 11  SER n 
1 12  SER n 
1 13  GLY n 
1 14  LEU n 
1 15  VAL n 
1 16  PRO n 
1 17  ARG n 
1 18  GLY n 
1 19  SER n 
1 20  HIS n 
1 21  MET n 
1 22  CYS n 
1 23  ASP n 
1 24  ALA n 
1 25  PHE n 
1 26  VAL n 
1 27  GLY n 
1 28  THR n 
1 29  TRP n 
1 30  LYS n 
1 31  LEU n 
1 32  VAL n 
1 33  SER n 
1 34  SER n 
1 35  GLU n 
1 36  ASN n 
1 37  PHE n 
1 38  ASP n 
1 39  ASP n 
1 40  TYR n 
1 41  MET n 
1 42  LYS n 
1 43  GLU n 
1 44  VAL n 
1 45  GLY n 
1 46  VAL n 
1 47  GLY n 
1 48  PHE n 
1 49  ALA n 
1 50  THR n 
1 51  ARG n 
1 52  LYS n 
1 53  VAL n 
1 54  ALA n 
1 55  GLY n 
1 56  MET n 
1 57  ALA n 
1 58  LYS n 
1 59  PRO n 
1 60  ASN n 
1 61  MET n 
1 62  ILE n 
1 63  ILE n 
1 64  SER n 
1 65  VAL n 
1 66  ASN n 
1 67  GLY n 
1 68  ASP n 
1 69  VAL n 
1 70  ILE n 
1 71  THR n 
1 72  ILE n 
1 73  LYS n 
1 74  SER n 
1 75  GLU n 
1 76  SER n 
1 77  THR n 
1 78  PHE n 
1 79  LYS n 
1 80  ASN n 
1 81  THR n 
1 82  GLU n 
1 83  ILE n 
1 84  SER n 
1 85  PHE n 
1 86  ILE n 
1 87  LEU n 
1 88  GLY n 
1 89  GLN n 
1 90  GLU n 
1 91  PHE n 
1 92  ASP n 
1 93  GLU n 
1 94  VAL n 
1 95  THR n 
1 96  ALA n 
1 97  ASP n 
1 98  ASP n 
1 99  ARG n 
1 100 LYS n 
1 101 VAL n 
1 102 LYS n 
1 103 SER n 
1 104 THR n 
1 105 ILE n 
1 106 THR n 
1 107 LEU n 
1 108 ASP n 
1 109 GLY n 
1 110 GLY n 
1 111 VAL n 
1 112 LEU n 
1 113 VAL n 
1 114 HIS n 
1 115 VAL n 
1 116 GLN n 
1 117 LYS n 
1 118 TRP n 
1 119 ASP n 
1 120 GLY n 
1 121 LYS n 
1 122 SER n 
1 123 THR n 
1 124 THR n 
1 125 ILE n 
1 126 LYS n 
1 127 ARG n 
1 128 LYS n 
1 129 ARG n 
1 130 GLU n 
1 131 ASP n 
1 132 ASP n 
1 133 LYS n 
1 134 LEU n 
1 135 VAL n 
1 136 VAL n 
1 137 GLU n 
1 138 CYS n 
1 139 VAL n 
1 140 MET n 
1 141 LYS n 
1 142 GLY n 
1 143 VAL n 
1 144 THR n 
1 145 SER n 
1 146 THR n 
1 147 ARG n 
1 148 VAL n 
1 149 TYR n 
1 150 GLU n 
1 151 ARG n 
1 152 ALA n 
# 
_entity_src_gen.entity_id                          1 
_entity_src_gen.pdbx_src_id                        1 
_entity_src_gen.pdbx_alt_source_flag               sample 
_entity_src_gen.pdbx_seq_type                      'Biological sequence' 
_entity_src_gen.pdbx_beg_seq_num                   1 
_entity_src_gen.pdbx_end_seq_num                   152 
_entity_src_gen.gene_src_common_name               Human 
_entity_src_gen.gene_src_genus                     ? 
_entity_src_gen.pdbx_gene_src_gene                 FABP4 
_entity_src_gen.gene_src_species                   ? 
_entity_src_gen.gene_src_strain                    ? 
_entity_src_gen.gene_src_tissue                    ? 
_entity_src_gen.gene_src_tissue_fraction           ? 
_entity_src_gen.gene_src_details                   ? 
_entity_src_gen.pdbx_gene_src_fragment             ? 
_entity_src_gen.pdbx_gene_src_scientific_name      'Homo sapiens' 
_entity_src_gen.pdbx_gene_src_ncbi_taxonomy_id     9606 
_entity_src_gen.pdbx_gene_src_variant              ? 
_entity_src_gen.pdbx_gene_src_cell_line            ? 
_entity_src_gen.pdbx_gene_src_atcc                 ? 
_entity_src_gen.pdbx_gene_src_organ                ? 
_entity_src_gen.pdbx_gene_src_organelle            ? 
_entity_src_gen.pdbx_gene_src_cell                 ? 
_entity_src_gen.pdbx_gene_src_cellular_location    ? 
_entity_src_gen.host_org_common_name               ? 
_entity_src_gen.pdbx_host_org_scientific_name      'Escherichia coli BL21(DE3)' 
_entity_src_gen.pdbx_host_org_ncbi_taxonomy_id     469008 
_entity_src_gen.host_org_genus                     ? 
_entity_src_gen.pdbx_host_org_gene                 ? 
_entity_src_gen.pdbx_host_org_organ                ? 
_entity_src_gen.host_org_species                   ? 
_entity_src_gen.pdbx_host_org_tissue               ? 
_entity_src_gen.pdbx_host_org_tissue_fraction      ? 
_entity_src_gen.pdbx_host_org_strain               'BL21(DE3)' 
_entity_src_gen.pdbx_host_org_variant              ? 
_entity_src_gen.pdbx_host_org_cell_line            ? 
_entity_src_gen.pdbx_host_org_atcc                 ? 
_entity_src_gen.pdbx_host_org_culture_collection   ? 
_entity_src_gen.pdbx_host_org_cell                 ? 
_entity_src_gen.pdbx_host_org_organelle            ? 
_entity_src_gen.pdbx_host_org_cellular_location    ? 
_entity_src_gen.pdbx_host_org_vector_type          ? 
_entity_src_gen.pdbx_host_org_vector               ? 
_entity_src_gen.host_org_details                   ? 
_entity_src_gen.expression_system_id               ? 
_entity_src_gen.plasmid_name                       ? 
_entity_src_gen.plasmid_details                    ? 
_entity_src_gen.pdbx_description                   ? 
# 
_struct_ref.id                         1 
_struct_ref.db_name                    UNP 
_struct_ref.db_code                    FABP4_HUMAN 
_struct_ref.pdbx_db_accession          P15090 
_struct_ref.pdbx_db_isoform            ? 
_struct_ref.entity_id                  1 
_struct_ref.pdbx_seq_one_letter_code   
;MCDAFVGTWKLVSSENFDDYMKEVGVGFATRKVAGMAKPNMIISVNGDVITIKSESTFKNTEISFILGQEFDEVTADDRK
VKSTITLDGGVLVHVQKWDGKSTTIKRKREDDKLVVECVMKGVTSTRVYERA
;
_struct_ref.pdbx_align_begin           1 
# 
_struct_ref_seq.align_id                      1 
_struct_ref_seq.ref_id                        1 
_struct_ref_seq.pdbx_PDB_id_code              5Y0G 
_struct_ref_seq.pdbx_strand_id                A 
_struct_ref_seq.seq_align_beg                 21 
_struct_ref_seq.pdbx_seq_align_beg_ins_code   ? 
_struct_ref_seq.seq_align_end                 152 
_struct_ref_seq.pdbx_seq_align_end_ins_code   ? 
_struct_ref_seq.pdbx_db_accession             P15090 
_struct_ref_seq.db_align_beg                  1 
_struct_ref_seq.pdbx_db_align_beg_ins_code    ? 
_struct_ref_seq.db_align_end                  132 
_struct_ref_seq.pdbx_db_align_end_ins_code    ? 
_struct_ref_seq.pdbx_auth_seq_align_beg       0 
_struct_ref_seq.pdbx_auth_seq_align_end       131 
# 
loop_
_struct_ref_seq_dif.align_id 
_struct_ref_seq_dif.pdbx_pdb_id_code 
_struct_ref_seq_dif.mon_id 
_struct_ref_seq_dif.pdbx_pdb_strand_id 
_struct_ref_seq_dif.seq_num 
_struct_ref_seq_dif.pdbx_pdb_ins_code 
_struct_ref_seq_dif.pdbx_seq_db_name 
_struct_ref_seq_dif.pdbx_seq_db_accession_code 
_struct_ref_seq_dif.db_mon_id 
_struct_ref_seq_dif.pdbx_seq_db_seq_num 
_struct_ref_seq_dif.details 
_struct_ref_seq_dif.pdbx_auth_seq_num 
_struct_ref_seq_dif.pdbx_ordinal 
1 5Y0G MET A 1  ? UNP P15090 ? ? 'expression tag' -20 1  
1 5Y0G GLY A 2  ? UNP P15090 ? ? 'expression tag' -19 2  
1 5Y0G SER A 3  ? UNP P15090 ? ? 'expression tag' -18 3  
1 5Y0G SER A 4  ? UNP P15090 ? ? 'expression tag' -17 4  
1 5Y0G HIS A 5  ? UNP P15090 ? ? 'expression tag' -16 5  
1 5Y0G HIS A 6  ? UNP P15090 ? ? 'expression tag' -15 6  
1 5Y0G HIS A 7  ? UNP P15090 ? ? 'expression tag' -14 7  
1 5Y0G HIS A 8  ? UNP P15090 ? ? 'expression tag' -13 8  
1 5Y0G HIS A 9  ? UNP P15090 ? ? 'expression tag' -12 9  
1 5Y0G HIS A 10 ? UNP P15090 ? ? 'expression tag' -11 10 
1 5Y0G SER A 11 ? UNP P15090 ? ? 'expression tag' -10 11 
1 5Y0G SER A 12 ? UNP P15090 ? ? 'expression tag' -9  12 
1 5Y0G GLY A 13 ? UNP P15090 ? ? 'expression tag' -8  13 
1 5Y0G LEU A 14 ? UNP P15090 ? ? 'expression tag' -7  14 
1 5Y0G VAL A 15 ? UNP P15090 ? ? 'expression tag' -6  15 
1 5Y0G PRO A 16 ? UNP P15090 ? ? 'expression tag' -5  16 
1 5Y0G ARG A 17 ? UNP P15090 ? ? 'expression tag' -4  17 
1 5Y0G GLY A 18 ? UNP P15090 ? ? 'expression tag' -3  18 
1 5Y0G SER A 19 ? UNP P15090 ? ? 'expression tag' -2  19 
1 5Y0G HIS A 20 ? UNP P15090 ? ? 'expression tag' -1  20 
# 
loop_
_chem_comp.id 
_chem_comp.type 
_chem_comp.mon_nstd_flag 
_chem_comp.name 
_chem_comp.pdbx_synonyms 
_chem_comp.formula 
_chem_comp.formula_weight 
8JL non-polymer         . '4-fluoranyl-3-[(4-methoxynaphthalen-1-yl)sulfonylamino]benzoic acid' ? 'C18 H14 F N O5 S' 375.371 
ALA 'L-peptide linking' y ALANINE                                                               ? 'C3 H7 N O2'       89.093  
ARG 'L-peptide linking' y ARGININE                                                              ? 'C6 H15 N4 O2 1'   175.209 
ASN 'L-peptide linking' y ASPARAGINE                                                            ? 'C4 H8 N2 O3'      132.118 
ASP 'L-peptide linking' y 'ASPARTIC ACID'                                                       ? 'C4 H7 N O4'       133.103 
CYS 'L-peptide linking' y CYSTEINE                                                              ? 'C3 H7 N O2 S'     121.158 
GLN 'L-peptide linking' y GLUTAMINE                                                             ? 'C5 H10 N2 O3'     146.144 
GLU 'L-peptide linking' y 'GLUTAMIC ACID'                                                       ? 'C5 H9 N O4'       147.129 
GLY 'peptide linking'   y GLYCINE                                                               ? 'C2 H5 N O2'       75.067  
HIS 'L-peptide linking' y HISTIDINE                                                             ? 'C6 H10 N3 O2 1'   156.162 
HOH non-polymer         . WATER                                                                 ? 'H2 O'             18.015  
ILE 'L-peptide linking' y ISOLEUCINE                                                            ? 'C6 H13 N O2'      131.173 
LEU 'L-peptide linking' y LEUCINE                                                               ? 'C6 H13 N O2'      131.173 
LYS 'L-peptide linking' y LYSINE                                                                ? 'C6 H15 N2 O2 1'   147.195 
MET 'L-peptide linking' y METHIONINE                                                            ? 'C5 H11 N O2 S'    149.211 
PHE 'L-peptide linking' y PHENYLALANINE                                                         ? 'C9 H11 N O2'      165.189 
PRO 'L-peptide linking' y PROLINE                                                               ? 'C5 H9 N O2'       115.130 
SER 'L-peptide linking' y SERINE                                                                ? 'C3 H7 N O3'       105.093 
THR 'L-peptide linking' y THREONINE                                                             ? 'C4 H9 N O3'       119.119 
TRP 'L-peptide linking' y TRYPTOPHAN                                                            ? 'C11 H12 N2 O2'    204.225 
TYR 'L-peptide linking' y TYROSINE                                                              ? 'C9 H11 N O3'      181.189 
VAL 'L-peptide linking' y VALINE                                                                ? 'C5 H11 N O2'      117.146 
# 
_exptl.absorpt_coefficient_mu     ? 
_exptl.absorpt_correction_T_max   ? 
_exptl.absorpt_correction_T_min   ? 
_exptl.absorpt_correction_type    ? 
_exptl.absorpt_process_details    ? 
_exptl.entry_id                   5Y0G 
_exptl.crystals_number            1 
_exptl.details                    ? 
_exptl.method                     'X-RAY DIFFRACTION' 
_exptl.method_details             ? 
# 
_exptl_crystal.colour                      ? 
_exptl_crystal.density_diffrn              ? 
_exptl_crystal.density_Matthews            1.93 
_exptl_crystal.density_method              ? 
_exptl_crystal.density_percent_sol         36.38 
_exptl_crystal.description                 ? 
_exptl_crystal.F_000                       ? 
_exptl_crystal.id                          1 
_exptl_crystal.preparation                 ? 
_exptl_crystal.size_max                    ? 
_exptl_crystal.size_mid                    ? 
_exptl_crystal.size_min                    ? 
_exptl_crystal.size_rad                    ? 
_exptl_crystal.colour_lustre               ? 
_exptl_crystal.colour_modifier             ? 
_exptl_crystal.colour_primary              ? 
_exptl_crystal.density_meas                ? 
_exptl_crystal.density_meas_esd            ? 
_exptl_crystal.density_meas_gt             ? 
_exptl_crystal.density_meas_lt             ? 
_exptl_crystal.density_meas_temp           ? 
_exptl_crystal.density_meas_temp_esd       ? 
_exptl_crystal.density_meas_temp_gt        ? 
_exptl_crystal.density_meas_temp_lt        ? 
_exptl_crystal.pdbx_crystal_image_url      ? 
_exptl_crystal.pdbx_crystal_image_format   ? 
_exptl_crystal.pdbx_mosaicity              ? 
_exptl_crystal.pdbx_mosaicity_esd          ? 
# 
_exptl_crystal_grow.apparatus       ? 
_exptl_crystal_grow.atmosphere      ? 
_exptl_crystal_grow.crystal_id      1 
_exptl_crystal_grow.details         ? 
_exptl_crystal_grow.method          'VAPOR DIFFUSION, HANGING DROP' 
_exptl_crystal_grow.method_ref      ? 
_exptl_crystal_grow.pH              6.5 
_exptl_crystal_grow.pressure        ? 
_exptl_crystal_grow.pressure_esd    ? 
_exptl_crystal_grow.seeding         ? 
_exptl_crystal_grow.seeding_ref     ? 
_exptl_crystal_grow.temp            293.0 
_exptl_crystal_grow.temp_details    ? 
_exptl_crystal_grow.temp_esd        ? 
_exptl_crystal_grow.time            ? 
_exptl_crystal_grow.pdbx_details    '1.6 M sodium citrate, pH 6.5' 
_exptl_crystal_grow.pdbx_pH_range   6.0-7.0 
# 
_diffrn.ambient_environment    ? 
_diffrn.ambient_temp           100.0 
_diffrn.ambient_temp_details   ? 
_diffrn.ambient_temp_esd       ? 
_diffrn.crystal_id             1 
_diffrn.crystal_support        ? 
_diffrn.crystal_treatment      ? 
_diffrn.details                ? 
_diffrn.id                     1 
_diffrn.ambient_pressure       ? 
_diffrn.ambient_pressure_esd   ? 
_diffrn.ambient_pressure_gt    ? 
_diffrn.ambient_pressure_lt    ? 
_diffrn.ambient_temp_gt        ? 
_diffrn.ambient_temp_lt        ? 
# 
_diffrn_detector.details                      ? 
_diffrn_detector.detector                     PIXEL 
_diffrn_detector.diffrn_id                    1 
_diffrn_detector.type                         'DECTRIS PILATUS 2M' 
_diffrn_detector.area_resol_mean              ? 
_diffrn_detector.dtime                        ? 
_diffrn_detector.pdbx_frames_total            ? 
_diffrn_detector.pdbx_collection_time_total   ? 
_diffrn_detector.pdbx_collection_date         2017-05-28 
# 
_diffrn_radiation.collimation                      ? 
_diffrn_radiation.diffrn_id                        1 
_diffrn_radiation.filter_edge                      ? 
_diffrn_radiation.inhomogeneity                    ? 
_diffrn_radiation.monochromator                    ? 
_diffrn_radiation.polarisn_norm                    ? 
_diffrn_radiation.polarisn_ratio                   ? 
_diffrn_radiation.probe                            ? 
_diffrn_radiation.type                             ? 
_diffrn_radiation.xray_symbol                      ? 
_diffrn_radiation.wavelength_id                    1 
_diffrn_radiation.pdbx_monochromatic_or_laue_m_l   M 
_diffrn_radiation.pdbx_wavelength_list             ? 
_diffrn_radiation.pdbx_wavelength                  ? 
_diffrn_radiation.pdbx_diffrn_protocol             'SINGLE WAVELENGTH' 
_diffrn_radiation.pdbx_analyzer                    ? 
_diffrn_radiation.pdbx_scattering_type             x-ray 
# 
_diffrn_radiation_wavelength.id           1 
_diffrn_radiation_wavelength.wavelength   0.9775 
_diffrn_radiation_wavelength.wt           1.0 
# 
_diffrn_source.current                     ? 
_diffrn_source.details                     ? 
_diffrn_source.diffrn_id                   1 
_diffrn_source.power                       ? 
_diffrn_source.size                        ? 
_diffrn_source.source                      SYNCHROTRON 
_diffrn_source.target                      ? 
_diffrn_source.type                        'SSRF BEAMLINE BL19U1' 
_diffrn_source.voltage                     ? 
_diffrn_source.take-off_angle              ? 
_diffrn_source.pdbx_wavelength_list        0.9775 
_diffrn_source.pdbx_wavelength             ? 
_diffrn_source.pdbx_synchrotron_beamline   BL19U1 
_diffrn_source.pdbx_synchrotron_site       SSRF 
# 
_reflns.B_iso_Wilson_estimate            ? 
_reflns.entry_id                         5Y0G 
_reflns.data_reduction_details           ? 
_reflns.data_reduction_method            ? 
_reflns.d_resolution_high                1.54 
_reflns.d_resolution_low                 43.7 
_reflns.details                          ? 
_reflns.limit_h_max                      ? 
_reflns.limit_h_min                      ? 
_reflns.limit_k_max                      ? 
_reflns.limit_k_min                      ? 
_reflns.limit_l_max                      ? 
_reflns.limit_l_min                      ? 
_reflns.number_all                       ? 
_reflns.number_obs                       36585 
_reflns.observed_criterion               ? 
_reflns.observed_criterion_F_max         ? 
_reflns.observed_criterion_F_min         ? 
_reflns.observed_criterion_I_max         ? 
_reflns.observed_criterion_I_min         ? 
_reflns.observed_criterion_sigma_F       ? 
_reflns.observed_criterion_sigma_I       ? 
_reflns.percent_possible_obs             98.0 
_reflns.R_free_details                   ? 
_reflns.Rmerge_F_all                     ? 
_reflns.Rmerge_F_obs                     ? 
_reflns.Friedel_coverage                 ? 
_reflns.number_gt                        ? 
_reflns.threshold_expression             ? 
_reflns.pdbx_redundancy                  3.29 
_reflns.pdbx_Rmerge_I_obs                ? 
_reflns.pdbx_Rmerge_I_all                ? 
_reflns.pdbx_Rsym_value                  ? 
_reflns.pdbx_netI_over_av_sigmaI         ? 
_reflns.pdbx_netI_over_sigmaI            15.08 
_reflns.pdbx_res_netI_over_av_sigmaI_2   ? 
_reflns.pdbx_res_netI_over_sigmaI_2      ? 
_reflns.pdbx_chi_squared                 ? 
_reflns.pdbx_scaling_rejects             ? 
_reflns.pdbx_d_res_high_opt              ? 
_reflns.pdbx_d_res_low_opt               ? 
_reflns.pdbx_d_res_opt_method            ? 
_reflns.phase_calculation_details        ? 
_reflns.pdbx_Rrim_I_all                  ? 
_reflns.pdbx_Rpim_I_all                  ? 
_reflns.pdbx_d_opt                       ? 
_reflns.pdbx_number_measured_all         ? 
_reflns.pdbx_diffrn_id                   1 
_reflns.pdbx_ordinal                     1 
_reflns.pdbx_CC_half                     ? 
_reflns.pdbx_R_split                     ? 
# 
_reflns_shell.d_res_high                  1.54 
_reflns_shell.d_res_low                   1.58 
_reflns_shell.meanI_over_sigI_all         ? 
_reflns_shell.meanI_over_sigI_obs         3.75 
_reflns_shell.number_measured_all         ? 
_reflns_shell.number_measured_obs         ? 
_reflns_shell.number_possible             ? 
_reflns_shell.number_unique_all           ? 
_reflns_shell.number_unique_obs           2467 
_reflns_shell.percent_possible_all        89.8 
_reflns_shell.percent_possible_obs        ? 
_reflns_shell.Rmerge_F_all                ? 
_reflns_shell.Rmerge_F_obs                ? 
_reflns_shell.Rmerge_I_all                ? 
_reflns_shell.Rmerge_I_obs                0.34 
_reflns_shell.meanI_over_sigI_gt          ? 
_reflns_shell.meanI_over_uI_all           ? 
_reflns_shell.meanI_over_uI_gt            ? 
_reflns_shell.number_measured_gt          ? 
_reflns_shell.number_unique_gt            ? 
_reflns_shell.percent_possible_gt         ? 
_reflns_shell.Rmerge_F_gt                 ? 
_reflns_shell.Rmerge_I_gt                 ? 
_reflns_shell.pdbx_redundancy             2.54 
_reflns_shell.pdbx_Rsym_value             ? 
_reflns_shell.pdbx_chi_squared            ? 
_reflns_shell.pdbx_netI_over_sigmaI_all   ? 
_reflns_shell.pdbx_netI_over_sigmaI_obs   ? 
_reflns_shell.pdbx_Rrim_I_all             ? 
_reflns_shell.pdbx_Rpim_I_all             0.41 
_reflns_shell.pdbx_rejects                ? 
_reflns_shell.pdbx_ordinal                1 
_reflns_shell.pdbx_diffrn_id              1 
_reflns_shell.pdbx_CC_half                0.899 
_reflns_shell.pdbx_R_split                ? 
# 
_refine.aniso_B[1][1]                            ? 
_refine.aniso_B[1][2]                            ? 
_refine.aniso_B[1][3]                            ? 
_refine.aniso_B[2][2]                            ? 
_refine.aniso_B[2][3]                            ? 
_refine.aniso_B[3][3]                            ? 
_refine.B_iso_max                                ? 
_refine.B_iso_mean                               ? 
_refine.B_iso_min                                ? 
_refine.correlation_coeff_Fo_to_Fc               ? 
_refine.correlation_coeff_Fo_to_Fc_free          ? 
_refine.details                                  ? 
_refine.diff_density_max                         ? 
_refine.diff_density_max_esd                     ? 
_refine.diff_density_min                         ? 
_refine.diff_density_min_esd                     ? 
_refine.diff_density_rms                         ? 
_refine.diff_density_rms_esd                     ? 
_refine.entry_id                                 5Y0G 
_refine.pdbx_refine_id                           'X-RAY DIFFRACTION' 
_refine.ls_abs_structure_details                 ? 
_refine.ls_abs_structure_Flack                   ? 
_refine.ls_abs_structure_Flack_esd               ? 
_refine.ls_abs_structure_Rogers                  ? 
_refine.ls_abs_structure_Rogers_esd              ? 
_refine.ls_d_res_high                            1.542 
_refine.ls_d_res_low                             43.697 
_refine.ls_extinction_coef                       ? 
_refine.ls_extinction_coef_esd                   ? 
_refine.ls_extinction_expression                 ? 
_refine.ls_extinction_method                     ? 
_refine.ls_goodness_of_fit_all                   ? 
_refine.ls_goodness_of_fit_all_esd               ? 
_refine.ls_goodness_of_fit_obs                   ? 
_refine.ls_goodness_of_fit_obs_esd               ? 
_refine.ls_hydrogen_treatment                    ? 
_refine.ls_matrix_type                           ? 
_refine.ls_number_constraints                    ? 
_refine.ls_number_parameters                     ? 
_refine.ls_number_reflns_all                     ? 
_refine.ls_number_reflns_obs                     36580 
_refine.ls_number_reflns_R_free                  1102 
_refine.ls_number_reflns_R_work                  ? 
_refine.ls_number_restraints                     ? 
_refine.ls_percent_reflns_obs                    97.97 
_refine.ls_percent_reflns_R_free                 3.01 
_refine.ls_R_factor_all                          ? 
_refine.ls_R_factor_obs                          0.1750 
_refine.ls_R_factor_R_free                       0.2046 
_refine.ls_R_factor_R_free_error                 ? 
_refine.ls_R_factor_R_free_error_details         ? 
_refine.ls_R_factor_R_work                       0.1740 
_refine.ls_R_Fsqd_factor_obs                     ? 
_refine.ls_R_I_factor_obs                        ? 
_refine.ls_redundancy_reflns_all                 ? 
_refine.ls_redundancy_reflns_obs                 ? 
_refine.ls_restrained_S_all                      ? 
_refine.ls_restrained_S_obs                      ? 
_refine.ls_shift_over_esd_max                    ? 
_refine.ls_shift_over_esd_mean                   ? 
_refine.ls_structure_factor_coef                 ? 
_refine.ls_weighting_details                     ? 
_refine.ls_weighting_scheme                      ? 
_refine.ls_wR_factor_all                         ? 
_refine.ls_wR_factor_obs                         ? 
_refine.ls_wR_factor_R_free                      ? 
_refine.ls_wR_factor_R_work                      ? 
_refine.occupancy_max                            ? 
_refine.occupancy_min                            ? 
_refine.solvent_model_details                    ? 
_refine.solvent_model_param_bsol                 ? 
_refine.solvent_model_param_ksol                 ? 
_refine.ls_R_factor_gt                           ? 
_refine.ls_goodness_of_fit_gt                    ? 
_refine.ls_goodness_of_fit_ref                   ? 
_refine.ls_shift_over_su_max                     ? 
_refine.ls_shift_over_su_max_lt                  ? 
_refine.ls_shift_over_su_mean                    ? 
_refine.ls_shift_over_su_mean_lt                 ? 
_refine.pdbx_ls_sigma_I                          ? 
_refine.pdbx_ls_sigma_F                          1.34 
_refine.pdbx_ls_sigma_Fsqd                       ? 
_refine.pdbx_data_cutoff_high_absF               ? 
_refine.pdbx_data_cutoff_high_rms_absF           ? 
_refine.pdbx_data_cutoff_low_absF                ? 
_refine.pdbx_isotropic_thermal_model             ? 
_refine.pdbx_ls_cross_valid_method               'FREE R-VALUE' 
_refine.pdbx_method_to_determine_struct          'MOLECULAR REPLACEMENT' 
_refine.pdbx_starting_model                      4NNS 
_refine.pdbx_stereochemistry_target_values       ? 
_refine.pdbx_R_Free_selection_details            ? 
_refine.pdbx_stereochem_target_val_spec_case     ? 
_refine.pdbx_overall_ESU_R                       ? 
_refine.pdbx_overall_ESU_R_Free                  ? 
_refine.pdbx_solvent_vdw_probe_radii             1.11 
_refine.pdbx_solvent_ion_probe_radii             ? 
_refine.pdbx_solvent_shrinkage_radii             0.90 
_refine.pdbx_real_space_R                        ? 
_refine.pdbx_density_correlation                 ? 
_refine.pdbx_pd_number_of_powder_patterns        ? 
_refine.pdbx_pd_number_of_points                 ? 
_refine.pdbx_pd_meas_number_of_points            ? 
_refine.pdbx_pd_proc_ls_prof_R_factor            ? 
_refine.pdbx_pd_proc_ls_prof_wR_factor           ? 
_refine.pdbx_pd_Marquardt_correlation_coeff      ? 
_refine.pdbx_pd_Fsqrd_R_factor                   ? 
_refine.pdbx_pd_ls_matrix_band_width             ? 
_refine.pdbx_overall_phase_error                 22.07 
_refine.pdbx_overall_SU_R_free_Cruickshank_DPI   ? 
_refine.pdbx_overall_SU_R_free_Blow_DPI          ? 
_refine.pdbx_overall_SU_R_Blow_DPI               ? 
_refine.pdbx_TLS_residual_ADP_flag               ? 
_refine.pdbx_diffrn_id                           1 
_refine.overall_SU_B                             ? 
_refine.overall_SU_ML                            0.16 
_refine.overall_SU_R_Cruickshank_DPI             ? 
_refine.overall_SU_R_free                        ? 
_refine.overall_FOM_free_R_set                   ? 
_refine.overall_FOM_work_R_set                   ? 
_refine.pdbx_average_fsc_overall                 ? 
_refine.pdbx_average_fsc_work                    ? 
_refine.pdbx_average_fsc_free                    ? 
# 
_refine_hist.pdbx_refine_id                   'X-RAY DIFFRACTION' 
_refine_hist.cycle_id                         LAST 
_refine_hist.pdbx_number_atoms_protein        1060 
_refine_hist.pdbx_number_atoms_nucleic_acid   0 
_refine_hist.pdbx_number_atoms_ligand         26 
_refine_hist.number_atoms_solvent             100 
_refine_hist.number_atoms_total               1186 
_refine_hist.d_res_high                       1.542 
_refine_hist.d_res_low                        43.697 
# 
loop_
_refine_ls_restr.pdbx_refine_id 
_refine_ls_restr.criterion 
_refine_ls_restr.dev_ideal 
_refine_ls_restr.dev_ideal_target 
_refine_ls_restr.number 
_refine_ls_restr.rejects 
_refine_ls_restr.type 
_refine_ls_restr.weight 
_refine_ls_restr.pdbx_restraint_function 
'X-RAY DIFFRACTION' ? 0.013 ? 1106 ? f_bond_d           ? ? 
'X-RAY DIFFRACTION' ? 1.193 ? 1490 ? f_angle_d          ? ? 
'X-RAY DIFFRACTION' ? 2.922 ? 932  ? f_dihedral_angle_d ? ? 
'X-RAY DIFFRACTION' ? 0.072 ? 168  ? f_chiral_restr     ? ? 
'X-RAY DIFFRACTION' ? 0.008 ? 186  ? f_plane_restr      ? ? 
# 
loop_
_refine_ls_shell.pdbx_refine_id 
_refine_ls_shell.d_res_high 
_refine_ls_shell.d_res_low 
_refine_ls_shell.number_reflns_all 
_refine_ls_shell.number_reflns_obs 
_refine_ls_shell.number_reflns_R_free 
_refine_ls_shell.number_reflns_R_work 
_refine_ls_shell.percent_reflns_obs 
_refine_ls_shell.percent_reflns_R_free 
_refine_ls_shell.R_factor_all 
_refine_ls_shell.R_factor_obs 
_refine_ls_shell.R_factor_R_free 
_refine_ls_shell.R_factor_R_free_error 
_refine_ls_shell.R_factor_R_work 
_refine_ls_shell.redundancy_reflns_all 
_refine_ls_shell.redundancy_reflns_obs 
_refine_ls_shell.wR_factor_all 
_refine_ls_shell.wR_factor_obs 
_refine_ls_shell.wR_factor_R_free 
_refine_ls_shell.wR_factor_R_work 
_refine_ls_shell.pdbx_total_number_of_bins_used 
_refine_ls_shell.pdbx_phase_error 
_refine_ls_shell.pdbx_fsc_work 
_refine_ls_shell.pdbx_fsc_free 
'X-RAY DIFFRACTION' 1.5420 1.6122  . . 137 4237 94.00 . . . 0.2600 . 0.2141 . . . . . . . . . . 
'X-RAY DIFFRACTION' 1.6122 1.6972  . . 134 4448 99.00 . . . 0.2284 . 0.1848 . . . . . . . . . . 
'X-RAY DIFFRACTION' 1.6972 1.8035  . . 139 4477 99.00 . . . 0.1747 . 0.1698 . . . . . . . . . . 
'X-RAY DIFFRACTION' 1.8035 1.9428  . . 139 4462 99.00 . . . 0.2391 . 0.1647 . . . . . . . . . . 
'X-RAY DIFFRACTION' 1.9428 2.1383  . . 135 4449 99.00 . . . 0.2132 . 0.1693 . . . . . . . . . . 
'X-RAY DIFFRACTION' 2.1383 2.4477  . . 140 4486 99.00 . . . 0.2028 . 0.1738 . . . . . . . . . . 
'X-RAY DIFFRACTION' 2.4477 3.0837  . . 133 4450 99.00 . . . 0.1921 . 0.1890 . . . . . . . . . . 
'X-RAY DIFFRACTION' 3.0837 43.7145 . . 145 4469 99.00 . . . 0.1984 . 0.1645 . . . . . . . . . . 
# 
_struct.entry_id                     5Y0G 
_struct.title                        
'Crystal structure of human FABP4 complexed with ligand 4-Fluoro-3-((4-methoxynaphthalene)-1-sulfonamido) benzoic acid' 
_struct.pdbx_model_details           ? 
_struct.pdbx_formula_weight          ? 
_struct.pdbx_formula_weight_method   ? 
_struct.pdbx_model_type_details      ? 
_struct.pdbx_CASP_flag               N 
# 
_struct_keywords.entry_id        5Y0G 
_struct_keywords.text            'lipid binding protein, FABP4, inhibitor' 
_struct_keywords.pdbx_keywords   'LIPID BINDING PROTEIN' 
# 
loop_
_struct_asym.id 
_struct_asym.pdbx_blank_PDB_chainid_flag 
_struct_asym.pdbx_modified 
_struct_asym.entity_id 
_struct_asym.details 
A N N 1 ? 
B N N 2 ? 
C N N 3 ? 
# 
loop_
_struct_conf.conf_type_id 
_struct_conf.id 
_struct_conf.pdbx_PDB_helix_id 
_struct_conf.beg_label_comp_id 
_struct_conf.beg_label_asym_id 
_struct_conf.beg_label_seq_id 
_struct_conf.pdbx_beg_PDB_ins_code 
_struct_conf.end_label_comp_id 
_struct_conf.end_label_asym_id 
_struct_conf.end_label_seq_id 
_struct_conf.pdbx_end_PDB_ins_code 
_struct_conf.beg_auth_comp_id 
_struct_conf.beg_auth_asym_id 
_struct_conf.beg_auth_seq_id 
_struct_conf.end_auth_comp_id 
_struct_conf.end_auth_asym_id 
_struct_conf.end_auth_seq_id 
_struct_conf.pdbx_PDB_helix_class 
_struct_conf.details 
_struct_conf.pdbx_PDB_helix_length 
HELX_P HELX_P1 AA1 HIS A 20 ? VAL A 26 ? HIS A -1 VAL A 5  5 ? 7  
HELX_P HELX_P2 AA2 ASN A 36 ? GLY A 45 ? ASN A 15 GLY A 24 1 ? 10 
HELX_P HELX_P3 AA3 GLY A 47 ? ALA A 57 ? GLY A 26 ALA A 36 1 ? 11 
# 
_struct_conf_type.id          HELX_P 
_struct_conf_type.criteria    ? 
_struct_conf_type.reference   ? 
# 
_struct_sheet.id               AA1 
_struct_sheet.type             ? 
_struct_sheet.number_strands   10 
_struct_sheet.details          ? 
# 
loop_
_struct_sheet_order.sheet_id 
_struct_sheet_order.range_id_1 
_struct_sheet_order.range_id_2 
_struct_sheet_order.offset 
_struct_sheet_order.sense 
AA1 1 2  ? anti-parallel 
AA1 2 3  ? anti-parallel 
AA1 3 4  ? anti-parallel 
AA1 4 5  ? anti-parallel 
AA1 5 6  ? anti-parallel 
AA1 6 7  ? anti-parallel 
AA1 7 8  ? anti-parallel 
AA1 8 9  ? anti-parallel 
AA1 9 10 ? anti-parallel 
# 
loop_
_struct_sheet_range.sheet_id 
_struct_sheet_range.id 
_struct_sheet_range.beg_label_comp_id 
_struct_sheet_range.beg_label_asym_id 
_struct_sheet_range.beg_label_seq_id 
_struct_sheet_range.pdbx_beg_PDB_ins_code 
_struct_sheet_range.end_label_comp_id 
_struct_sheet_range.end_label_asym_id 
_struct_sheet_range.end_label_seq_id 
_struct_sheet_range.pdbx_end_PDB_ins_code 
_struct_sheet_range.beg_auth_comp_id 
_struct_sheet_range.beg_auth_asym_id 
_struct_sheet_range.beg_auth_seq_id 
_struct_sheet_range.end_auth_comp_id 
_struct_sheet_range.end_auth_asym_id 
_struct_sheet_range.end_auth_seq_id 
AA1 1  ASN A 80  ? ILE A 86  ? ASN A 59  ILE A 65  
AA1 2  VAL A 69  ? GLU A 75  ? VAL A 48  GLU A 54  
AA1 3  ASN A 60  ? ASN A 66  ? ASN A 39  ASN A 45  
AA1 4  GLY A 27  ? GLU A 35  ? GLY A 6   GLU A 14  
AA1 5  VAL A 143 ? ARG A 151 ? VAL A 122 ARG A 130 
AA1 6  LYS A 133 ? MET A 140 ? LYS A 112 MET A 119 
AA1 7  LYS A 121 ? GLU A 130 ? LYS A 100 GLU A 109 
AA1 8  VAL A 111 ? TRP A 118 ? VAL A 90  TRP A 97  
AA1 9  LYS A 100 ? ASP A 108 ? LYS A 79  ASP A 87  
AA1 10 PHE A 91  ? VAL A 94  ? PHE A 70  VAL A 73  
# 
loop_
_pdbx_struct_sheet_hbond.sheet_id 
_pdbx_struct_sheet_hbond.range_id_1 
_pdbx_struct_sheet_hbond.range_id_2 
_pdbx_struct_sheet_hbond.range_1_label_atom_id 
_pdbx_struct_sheet_hbond.range_1_label_comp_id 
_pdbx_struct_sheet_hbond.range_1_label_asym_id 
_pdbx_struct_sheet_hbond.range_1_label_seq_id 
_pdbx_struct_sheet_hbond.range_1_PDB_ins_code 
_pdbx_struct_sheet_hbond.range_1_auth_atom_id 
_pdbx_struct_sheet_hbond.range_1_auth_comp_id 
_pdbx_struct_sheet_hbond.range_1_auth_asym_id 
_pdbx_struct_sheet_hbond.range_1_auth_seq_id 
_pdbx_struct_sheet_hbond.range_2_label_atom_id 
_pdbx_struct_sheet_hbond.range_2_label_comp_id 
_pdbx_struct_sheet_hbond.range_2_label_asym_id 
_pdbx_struct_sheet_hbond.range_2_label_seq_id 
_pdbx_struct_sheet_hbond.range_2_PDB_ins_code 
_pdbx_struct_sheet_hbond.range_2_auth_atom_id 
_pdbx_struct_sheet_hbond.range_2_auth_comp_id 
_pdbx_struct_sheet_hbond.range_2_auth_asym_id 
_pdbx_struct_sheet_hbond.range_2_auth_seq_id 
AA1 1 2  O PHE A 85  ? O PHE A 64  N ILE A 70  ? N ILE A 49  
AA1 2 3  O LYS A 73  ? O LYS A 52  N ILE A 62  ? N ILE A 41  
AA1 3 4  O MET A 61  ? O MET A 40  N TRP A 29  ? N TRP A 8   
AA1 4 5  N VAL A 32  ? N VAL A 11  O VAL A 148 ? O VAL A 127 
AA1 5 6  O ARG A 147 ? O ARG A 126 N VAL A 136 ? N VAL A 115 
AA1 6 7  O GLU A 137 ? O GLU A 116 N LYS A 126 ? N LYS A 105 
AA1 7 8  O LYS A 121 ? O LYS A 100 N TRP A 118 ? N TRP A 97  
AA1 8 9  O VAL A 113 ? O VAL A 92  N THR A 106 ? N THR A 85  
AA1 9 10 O VAL A 101 ? O VAL A 80  N GLU A 93  ? N GLU A 72  
# 
_struct_site.id                   AC1 
_struct_site.pdbx_evidence_code   Software 
_struct_site.pdbx_auth_asym_id    A 
_struct_site.pdbx_auth_comp_id    8JL 
_struct_site.pdbx_auth_seq_id     200 
_struct_site.pdbx_auth_ins_code   ? 
_struct_site.pdbx_num_residues    20 
_struct_site.details              'binding site for residue 8JL A 200' 
# 
loop_
_struct_site_gen.id 
_struct_site_gen.site_id 
_struct_site_gen.pdbx_num_res 
_struct_site_gen.label_comp_id 
_struct_site_gen.label_asym_id 
_struct_site_gen.label_seq_id 
_struct_site_gen.pdbx_auth_ins_code 
_struct_site_gen.auth_comp_id 
_struct_site_gen.auth_asym_id 
_struct_site_gen.auth_seq_id 
_struct_site_gen.label_atom_id 
_struct_site_gen.label_alt_id 
_struct_site_gen.symmetry 
_struct_site_gen.details 
1  AC1 20 PHE A 37  ? PHE A 16  . ? 1_555 ? 
2  AC1 20 TYR A 40  ? TYR A 19  . ? 1_555 ? 
3  AC1 20 MET A 41  ? MET A 20  . ? 1_555 ? 
4  AC1 20 ALA A 54  ? ALA A 33  . ? 1_555 ? 
5  AC1 20 THR A 95  ? THR A 74  . ? 1_555 ? 
6  AC1 20 ALA A 96  ? ALA A 75  . ? 1_555 ? 
7  AC1 20 ASP A 97  ? ASP A 76  . ? 1_555 ? 
8  AC1 20 ARG A 99  ? ARG A 78  . ? 1_555 ? 
9  AC1 20 GLN A 116 ? GLN A 95  . ? 1_555 ? 
10 AC1 20 ILE A 125 ? ILE A 104 . ? 1_555 ? 
11 AC1 20 VAL A 136 ? VAL A 115 . ? 1_555 ? 
12 AC1 20 CYS A 138 ? CYS A 117 . ? 1_555 ? 
13 AC1 20 ARG A 147 ? ARG A 126 . ? 1_555 ? 
14 AC1 20 TYR A 149 ? TYR A 128 . ? 1_555 ? 
15 AC1 20 HOH C .   ? HOH A 320 . ? 1_555 ? 
16 AC1 20 HOH C .   ? HOH A 322 . ? 1_555 ? 
17 AC1 20 HOH C .   ? HOH A 346 . ? 1_555 ? 
18 AC1 20 HOH C .   ? HOH A 348 . ? 1_555 ? 
19 AC1 20 HOH C .   ? HOH A 358 . ? 1_555 ? 
20 AC1 20 HOH C .   ? HOH A 366 . ? 1_555 ? 
# 
_atom_sites.entry_id                    5Y0G 
_atom_sites.fract_transf_matrix[1][1]   -0.00312611 
_atom_sites.fract_transf_matrix[1][2]   -0.03059433 
_atom_sites.fract_transf_matrix[1][3]   0.00282386 
_atom_sites.fract_transf_matrix[2][1]   0.01852860 
_atom_sites.fract_transf_matrix[2][2]   -0.00182788 
_atom_sites.fract_transf_matrix[2][3]   0.00070809 
_atom_sites.fract_transf_matrix[3][1]   -0.00038105 
_atom_sites.fract_transf_matrix[3][2]   0.00125930 
_atom_sites.fract_transf_matrix[3][3]   0.01322170 
_atom_sites.fract_transf_vector[1]      0.238609 
_atom_sites.fract_transf_vector[2]      -0.185665 
_atom_sites.fract_transf_vector[3]      -0.192508 
# 
loop_
_atom_type.symbol 
C 
F 
N 
O 
S 
# 
loop_
_atom_site.group_PDB 
_atom_site.id 
_atom_site.type_symbol 
_atom_site.label_atom_id 
_atom_site.label_alt_id 
_atom_site.label_comp_id 
_atom_site.label_asym_id 
_atom_site.label_entity_id 
_atom_site.label_seq_id 
_atom_site.pdbx_PDB_ins_code 
_atom_site.Cartn_x 
_atom_site.Cartn_y 
_atom_site.Cartn_z 
_atom_site.occupancy 
_atom_site.B_iso_or_equiv 
_atom_site.pdbx_formal_charge 
_atom_site.auth_seq_id 
_atom_site.auth_comp_id 
_atom_site.auth_asym_id 
_atom_site.auth_atom_id 
_atom_site.pdbx_PDB_model_num 
ATOM   1    N N   . ARG A 1 17  ? -15.477 6.938   20.509  1.00 41.62 ?  -4  ARG A N   1 
ATOM   2    C CA  . ARG A 1 17  ? -15.107 5.577   20.137  1.00 40.52 ?  -4  ARG A CA  1 
ATOM   3    C C   . ARG A 1 17  ? -13.857 5.118   20.868  1.00 40.45 ?  -4  ARG A C   1 
ATOM   4    O O   . ARG A 1 17  ? -12.980 5.916   21.192  1.00 42.14 ?  -4  ARG A O   1 
ATOM   5    C CB  . ARG A 1 17  ? -14.872 5.481   18.635  1.00 38.37 ?  -4  ARG A CB  1 
ATOM   6    C CG  . ARG A 1 17  ? -16.048 5.915   17.816  1.00 43.11 ?  -4  ARG A CG  1 
ATOM   7    C CD  . ARG A 1 17  ? -15.570 6.491   16.508  1.00 39.21 ?  -4  ARG A CD  1 
ATOM   8    N NE  . ARG A 1 17  ? -16.683 6.915   15.676  1.00 40.18 ?  -4  ARG A NE  1 
ATOM   9    C CZ  . ARG A 1 17  ? -16.621 7.908   14.792  1.00 35.88 ?  -4  ARG A CZ  1 
ATOM   10   N NH1 . ARG A 1 17  ? -15.488 8.589   14.637  1.00 33.71 ?  -4  ARG A NH1 1 
ATOM   11   N NH2 . ARG A 1 17  ? -17.690 8.209   14.061  1.00 35.99 ?  -4  ARG A NH2 1 
ATOM   12   N N   . GLY A 1 18  ? -13.769 3.812   21.108  1.00 39.91 ?  -3  GLY A N   1 
ATOM   13   C CA  . GLY A 1 18  ? -12.621 3.243   21.774  1.00 35.56 ?  -3  GLY A CA  1 
ATOM   14   C C   . GLY A 1 18  ? -11.546 2.837   20.787  1.00 30.83 ?  -3  GLY A C   1 
ATOM   15   O O   . GLY A 1 18  ? -11.639 3.088   19.587  1.00 35.32 ?  -3  GLY A O   1 
ATOM   16   N N   . SER A 1 19  ? -10.506 2.213   21.333  1.00 31.85 ?  -2  SER A N   1 
ATOM   17   C CA  . SER A 1 19  ? -9.411  1.700   20.526  1.00 27.01 ?  -2  SER A CA  1 
ATOM   18   C C   . SER A 1 19  ? -9.896  0.603   19.598  1.00 28.22 ?  -2  SER A C   1 
ATOM   19   O O   . SER A 1 19  ? -10.876 -0.101  19.862  1.00 30.06 ?  -2  SER A O   1 
ATOM   20   C CB  . SER A 1 19  ? -8.296  1.161   21.424  1.00 29.70 ?  -2  SER A CB  1 
ATOM   21   O OG  . SER A 1 19  ? -7.848  2.164   22.319  1.00 33.00 ?  -2  SER A OG  1 
ATOM   22   N N   . HIS A 1 20  ? -9.195  0.471   18.484  1.00 24.23 ?  -1  HIS A N   1 
ATOM   23   C CA  . HIS A 1 20  ? -9.395  -0.640  17.578  1.00 23.87 ?  -1  HIS A CA  1 
ATOM   24   C C   . HIS A 1 20  ? -8.049  -1.303  17.326  1.00 23.44 ?  -1  HIS A C   1 
ATOM   25   O O   . HIS A 1 20  ? -7.009  -0.655  17.432  1.00 23.57 ?  -1  HIS A O   1 
ATOM   26   C CB  . HIS A 1 20  ? -10.040 -0.172  16.277  1.00 26.70 ?  -1  HIS A CB  1 
ATOM   27   C CG  . HIS A 1 20  ? -11.456 0.288   16.454  1.00 31.83 ?  -1  HIS A CG  1 
ATOM   28   N ND1 . HIS A 1 20  ? -12.494 -0.178  15.678  1.00 39.45 ?  -1  HIS A ND1 1 
ATOM   29   C CD2 . HIS A 1 20  ? -12.004 1.169   17.323  1.00 35.86 ?  -1  HIS A CD2 1 
ATOM   30   C CE1 . HIS A 1 20  ? -13.623 0.390   16.067  1.00 38.66 ?  -1  HIS A CE1 1 
ATOM   31   N NE2 . HIS A 1 20  ? -13.352 1.214   17.061  1.00 38.73 ?  -1  HIS A NE2 1 
ATOM   32   N N   . MET A 1 21  ? -8.082  -2.616  17.055  1.00 21.77 ?  0   MET A N   1 
ATOM   33   C CA  . MET A 1 21  ? -6.851  -3.328  16.721  1.00 21.82 ?  0   MET A CA  1 
ATOM   34   C C   . MET A 1 21  ? -6.096  -2.613  15.606  1.00 21.44 ?  0   MET A C   1 
ATOM   35   O O   . MET A 1 21  ? -4.864  -2.530  15.643  1.00 20.12 ?  0   MET A O   1 
ATOM   36   C CB  . MET A 1 21  ? -7.177  -4.787  16.328  1.00 23.91 ?  0   MET A CB  1 
ATOM   37   C CG  . MET A 1 21  ? -5.963  -5.605  15.937  1.00 21.68 ?  0   MET A CG  1 
ATOM   38   S SD  . MET A 1 21  ? -5.628  -5.404  14.150  1.00 27.18 ?  0   MET A SD  1 
ATOM   39   C CE  . MET A 1 21  ? -3.837  -5.536  14.072  1.00 27.08 ?  0   MET A CE  1 
ATOM   40   N N   . CYS A 1 22  ? -6.821  -2.058  14.627  1.00 21.87 ?  1   CYS A N   1 
ATOM   41   C CA  A CYS A 1 22  ? -6.080  -1.471  13.505  0.60 22.47 ?  1   CYS A CA  1 
ATOM   42   C CA  B CYS A 1 22  ? -6.248  -1.369  13.464  0.40 22.48 ?  1   CYS A CA  1 
ATOM   43   C C   . CYS A 1 22  ? -5.438  -0.131  13.840  1.00 21.95 ?  1   CYS A C   1 
ATOM   44   O O   . CYS A 1 22  ? -4.679  0.399   13.008  1.00 20.38 ?  1   CYS A O   1 
ATOM   45   C CB  A CYS A 1 22  ? -6.984  -1.321  12.294  0.60 24.31 ?  1   CYS A CB  1 
ATOM   46   C CB  B CYS A 1 22  ? -7.382  -0.972  12.513  0.40 23.96 ?  1   CYS A CB  1 
ATOM   47   S SG  A CYS A 1 22  ? -8.443  -0.376  12.652  0.60 26.83 ?  1   CYS A SG  1 
ATOM   48   S SG  B CYS A 1 22  ? -7.302  -1.642  10.825  0.40 26.74 ?  1   CYS A SG  1 
ATOM   49   N N   . ASP A 1 23  ? -5.623  0.388   15.051  1.00 18.57 ?  2   ASP A N   1 
ATOM   50   C CA  . ASP A 1 23  ? -4.825  1.514   15.472  1.00 19.98 ?  2   ASP A CA  1 
ATOM   51   C C   . ASP A 1 23  ? -3.348  1.167   15.512  1.00 19.87 ?  2   ASP A C   1 
ATOM   52   O O   . ASP A 1 23  ? -2.536  2.085   15.551  1.00 19.87 ?  2   ASP A O   1 
ATOM   53   C CB  . ASP A 1 23  ? -5.292  1.997   16.861  1.00 21.44 ?  2   ASP A CB  1 
ATOM   54   C CG  . ASP A 1 23  ? -6.702  2.531   16.843  1.00 24.91 ?  2   ASP A CG  1 
ATOM   55   O OD1 . ASP A 1 23  ? -7.198  2.903   15.768  1.00 27.90 ?  2   ASP A OD1 1 
ATOM   56   O OD2 . ASP A 1 23  ? -7.322  2.582   17.927  1.00 28.75 ?  2   ASP A OD2 1 
ATOM   57   N N   . ALA A 1 24  ? -2.971  -0.126  15.438  1.00 18.99 ?  3   ALA A N   1 
ATOM   58   C CA  . ALA A 1 24  ? -1.561  -0.492  15.379  1.00 19.45 ?  3   ALA A CA  1 
ATOM   59   C C   . ALA A 1 24  ? -0.885  0.044   14.128  1.00 17.30 ?  3   ALA A C   1 
ATOM   60   O O   . ALA A 1 24  ? 0.340   0.181   14.123  1.00 17.90 ?  3   ALA A O   1 
ATOM   61   C CB  . ALA A 1 24  ? -1.374  -2.010  15.380  1.00 22.42 ?  3   ALA A CB  1 
ATOM   62   N N   . PHE A 1 25  ? -1.645  0.333   13.079  1.00 16.00 ?  4   PHE A N   1 
ATOM   63   C CA  . PHE A 1 25  ? -1.083  0.882   11.858  1.00 14.47 ?  4   PHE A CA  1 
ATOM   64   C C   . PHE A 1 25  ? -0.935  2.393   11.893  1.00 16.06 ?  4   PHE A C   1 
ATOM   65   O O   . PHE A 1 25  ? -0.290  2.954   11.000  1.00 14.77 ?  4   PHE A O   1 
ATOM   66   C CB  . PHE A 1 25  ? -1.969  0.511   10.650  1.00 15.54 ?  4   PHE A CB  1 
ATOM   67   C CG  . PHE A 1 25  ? -1.974  -0.932  10.341  1.00 15.19 ?  4   PHE A CG  1 
ATOM   68   C CD1 . PHE A 1 25  ? -0.967  -1.500  9.561   1.00 16.78 ?  4   PHE A CD1 1 
ATOM   69   C CD2 . PHE A 1 25  ? -2.968  -1.757  10.841  1.00 17.86 ?  4   PHE A CD2 1 
ATOM   70   C CE1 . PHE A 1 25  ? -0.954  -2.881  9.268   1.00 17.56 ?  4   PHE A CE1 1 
ATOM   71   C CE2 . PHE A 1 25  ? -2.956  -3.147  10.567  1.00 18.87 ?  4   PHE A CE2 1 
ATOM   72   C CZ  . PHE A 1 25  ? -1.982  -3.694  9.771   1.00 17.01 ?  4   PHE A CZ  1 
ATOM   73   N N   . VAL A 1 26  ? -1.562  3.066   12.842  1.00 16.28 ?  5   VAL A N   1 
ATOM   74   C CA  . VAL A 1 26  ? -1.694  4.507   12.777  1.00 15.25 ?  5   VAL A CA  1 
ATOM   75   C C   . VAL A 1 26  ? -0.351  5.139   13.054  1.00 16.46 ?  5   VAL A C   1 
ATOM   76   O O   . VAL A 1 26  ? 0.346   4.730   13.989  1.00 18.39 ?  5   VAL A O   1 
ATOM   77   C CB  . VAL A 1 26  ? -2.735  4.985   13.800  1.00 15.97 ?  5   VAL A CB  1 
ATOM   78   C CG1 . VAL A 1 26  ? -2.653  6.494   14.002  1.00 17.14 ?  5   VAL A CG1 1 
ATOM   79   C CG2 . VAL A 1 26  ? -4.126  4.531   13.287  1.00 17.14 ?  5   VAL A CG2 1 
ATOM   80   N N   . GLY A 1 27  ? 0.000   6.156   12.278  1.00 15.88 ?  6   GLY A N   1 
ATOM   81   C CA  . GLY A 1 27  ? 1.221   6.884   12.540  1.00 14.99 ?  6   GLY A CA  1 
ATOM   82   C C   . GLY A 1 27  ? 1.876   7.339   11.256  1.00 14.77 ?  6   GLY A C   1 
ATOM   83   O O   . GLY A 1 27  ? 1.265   7.332   10.185  1.00 16.41 ?  6   GLY A O   1 
ATOM   84   N N   . THR A 1 28  ? 3.125   7.759   11.396  1.00 15.04 ?  7   THR A N   1 
ATOM   85   C CA  . THR A 1 28  ? 3.930   8.299   10.303  1.00 15.25 ?  7   THR A CA  1 
ATOM   86   C C   . THR A 1 28  ? 5.095   7.350   10.100  1.00 16.35 ?  7   THR A C   1 
ATOM   87   O O   . THR A 1 28  ? 5.840   7.067   11.038  1.00 16.66 ?  7   THR A O   1 
ATOM   88   C CB  . THR A 1 28  ? 4.453   9.696   10.627  1.00 19.56 ?  7   THR A CB  1 
ATOM   89   O OG1 . THR A 1 28  ? 3.377   10.524  11.073  1.00 22.57 ?  7   THR A OG1 1 
ATOM   90   C CG2 . THR A 1 28  ? 5.098   10.336  9.407   1.00 21.22 ?  7   THR A CG2 1 
ATOM   91   N N   . TRP A 1 29  ? 5.252   6.872   8.879   1.00 14.24 ?  8   TRP A N   1 
ATOM   92   C CA  . TRP A 1 29  ? 6.164   5.785   8.550   1.00 14.62 ?  8   TRP A CA  1 
ATOM   93   C C   . TRP A 1 29  ? 7.086   6.221   7.425   1.00 14.85 ?  8   TRP A C   1 
ATOM   94   O O   . TRP A 1 29  ? 6.681   6.991   6.544   1.00 17.53 ?  8   TRP A O   1 
ATOM   95   C CB  . TRP A 1 29  ? 5.379   4.528   8.109   1.00 14.60 ?  8   TRP A CB  1 
ATOM   96   C CG  . TRP A 1 29  ? 4.408   4.013   9.124   1.00 13.98 ?  8   TRP A CG  1 
ATOM   97   C CD1 . TRP A 1 29  ? 3.079   4.337   9.231   1.00 13.83 ?  8   TRP A CD1 1 
ATOM   98   C CD2 . TRP A 1 29  ? 4.683   3.070   10.160  1.00 14.28 ?  8   TRP A CD2 1 
ATOM   99   N NE1 . TRP A 1 29  ? 2.518   3.676   10.324  1.00 14.38 ?  8   TRP A NE1 1 
ATOM   100  C CE2 . TRP A 1 29  ? 3.483   2.881   10.887  1.00 14.12 ?  8   TRP A CE2 1 
ATOM   101  C CE3 . TRP A 1 29  ? 5.832   2.385   10.560  1.00 15.73 ?  8   TRP A CE3 1 
ATOM   102  C CZ2 . TRP A 1 29  ? 3.415   2.029   12.002  1.00 15.24 ?  8   TRP A CZ2 1 
ATOM   103  C CZ3 . TRP A 1 29  ? 5.743   1.525   11.645  1.00 16.20 ?  8   TRP A CZ3 1 
ATOM   104  C CH2 . TRP A 1 29  ? 4.539   1.348   12.335  1.00 16.13 ?  8   TRP A CH2 1 
ATOM   105  N N   . LYS A 1 30  ? 8.311   5.689   7.421   1.00 14.16 ?  9   LYS A N   1 
ATOM   106  C CA  . LYS A 1 30  ? 9.238   6.001   6.329   1.00 15.24 ?  9   LYS A CA  1 
ATOM   107  C C   . LYS A 1 30  ? 9.827   4.723   5.732   1.00 13.11 ?  9   LYS A C   1 
ATOM   108  O O   . LYS A 1 30  ? 10.168  3.780   6.442   1.00 15.19 ?  9   LYS A O   1 
ATOM   109  C CB  . LYS A 1 30  ? 10.317  6.944   6.833   1.00 17.92 ?  9   LYS A CB  1 
ATOM   110  C CG  . LYS A 1 30  ? 11.143  6.362   7.896   1.00 21.31 ?  9   LYS A CG  1 
ATOM   111  C CD  . LYS A 1 30  ? 12.390  7.202   8.173   1.00 25.84 ?  9   LYS A CD  1 
ATOM   112  C CE  . LYS A 1 30  ? 13.186  6.586   9.326   1.00 29.55 ?  9   LYS A CE  1 
ATOM   113  N NZ  . LYS A 1 30  ? 12.459  6.767   10.606  1.00 33.64 ?  9   LYS A NZ  1 
ATOM   114  N N   . LEU A 1 31  ? 9.936   4.680   4.404   1.00 13.39 ?  10  LEU A N   1 
ATOM   115  C CA  . LEU A 1 31  ? 10.461  3.496   3.730   1.00 12.22 ?  10  LEU A CA  1 
ATOM   116  C C   . LEU A 1 31  ? 11.937  3.326   4.060   1.00 15.08 ?  10  LEU A C   1 
ATOM   117  O O   . LEU A 1 31  ? 12.730  4.251   3.843   1.00 18.90 ?  10  LEU A O   1 
ATOM   118  C CB  . LEU A 1 31  ? 10.313  3.631   2.217   1.00 14.79 ?  10  LEU A CB  1 
ATOM   119  C CG  . LEU A 1 31  ? 10.782  2.398   1.463   1.00 14.08 ?  10  LEU A CG  1 
ATOM   120  C CD1 . LEU A 1 31  ? 9.748   1.311   1.622   1.00 15.28 ?  10  LEU A CD1 1 
ATOM   121  C CD2 . LEU A 1 31  ? 10.943  2.741   -0.045  1.00 19.46 ?  10  LEU A CD2 1 
ATOM   122  N N   . VAL A 1 32  ? 12.313  2.140   4.520   1.00 14.63 ?  11  VAL A N   1 
ATOM   123  C CA  . VAL A 1 32  ? 13.719  1.853   4.760   1.00 15.60 ?  11  VAL A CA  1 
ATOM   124  C C   . VAL A 1 32  ? 14.266  0.715   3.919   1.00 20.85 ?  11  VAL A C   1 
ATOM   125  O O   . VAL A 1 32  ? 15.504  0.586   3.828   1.00 20.82 ?  11  VAL A O   1 
ATOM   126  C CB  . VAL A 1 32  ? 13.985  1.586   6.251   1.00 18.59 ?  11  VAL A CB  1 
ATOM   127  C CG1 . VAL A 1 32  ? 13.618  2.807   7.071   1.00 21.56 ?  11  VAL A CG1 1 
ATOM   128  C CG2 . VAL A 1 32  ? 13.237  0.337   6.747   1.00 19.43 ?  11  VAL A CG2 1 
ATOM   129  N N   . SER A 1 33  ? 13.430  -0.121  3.305   1.00 16.79 ?  12  SER A N   1 
ATOM   130  C CA  . SER A 1 33  ? 13.993  -1.131  2.418   1.00 17.01 ?  12  SER A CA  1 
ATOM   131  C C   . SER A 1 33  ? 12.962  -1.532  1.395   1.00 17.02 ?  12  SER A C   1 
ATOM   132  O O   . SER A 1 33  ? 11.756  -1.417  1.622   1.00 16.41 ?  12  SER A O   1 
ATOM   133  C CB  . SER A 1 33  ? 14.482  -2.372  3.166   1.00 20.49 ?  12  SER A CB  1 
ATOM   134  O OG  . SER A 1 33  ? 13.434  -3.041  3.783   1.00 24.42 ?  12  SER A OG  1 
ATOM   135  N N   . SER A 1 34  ? 13.448  -1.967  0.242   1.00 17.94 ?  13  SER A N   1 
ATOM   136  C CA  . SER A 1 34  ? 12.558  -2.368  -0.832  1.00 15.65 ?  13  SER A CA  1 
ATOM   137  C C   . SER A 1 34  ? 13.268  -3.480  -1.573  1.00 18.48 ?  13  SER A C   1 
ATOM   138  O O   . SER A 1 34  ? 14.427  -3.294  -1.985  1.00 21.02 ?  13  SER A O   1 
ATOM   139  C CB  . SER A 1 34  ? 12.251  -1.212  -1.795  1.00 16.80 ?  13  SER A CB  1 
ATOM   140  O OG  . SER A 1 34  ? 11.418  -1.587  -2.886  1.00 17.37 ?  13  SER A OG  1 
ATOM   141  N N   . GLU A 1 35  ? 12.590  -4.602  -1.755  1.00 15.39 ?  14  GLU A N   1 
ATOM   142  C CA  . GLU A 1 35  ? 13.180  -5.773  -2.386  1.00 16.91 ?  14  GLU A CA  1 
ATOM   143  C C   . GLU A 1 35  ? 12.285  -6.250  -3.511  1.00 17.01 ?  14  GLU A C   1 
ATOM   144  O O   . GLU A 1 35  ? 11.075  -6.478  -3.317  1.00 17.08 ?  14  GLU A O   1 
ATOM   145  C CB  . GLU A 1 35  ? 13.379  -6.901  -1.394  1.00 19.77 ?  14  GLU A CB  1 
ATOM   146  C CG  . GLU A 1 35  ? 14.479  -6.609  -0.377  1.00 26.79 ?  14  GLU A CG  1 
ATOM   147  C CD  . GLU A 1 35  ? 15.858  -6.613  -1.040  1.00 32.41 ?  14  GLU A CD  1 
ATOM   148  O OE1 . GLU A 1 35  ? 16.650  -5.655  -0.794  1.00 39.12 ?  14  GLU A OE1 1 
ATOM   149  O OE2 . GLU A 1 35  ? 16.125  -7.539  -1.853  1.00 34.46 ?  14  GLU A OE2 1 
ATOM   150  N N   . ASN A 1 36  ? 12.879  -6.393  -4.688  1.00 14.98 ?  15  ASN A N   1 
ATOM   151  C CA  . ASN A 1 36  ? 12.236  -6.963  -5.873  1.00 16.88 ?  15  ASN A CA  1 
ATOM   152  C C   . ASN A 1 36  ? 11.112  -6.094  -6.414  1.00 15.02 ?  15  ASN A C   1 
ATOM   153  O O   . ASN A 1 36  ? 10.316  -6.568  -7.206  1.00 15.21 ?  15  ASN A O   1 
ATOM   154  C CB  . ASN A 1 36  ? 11.724  -8.389  -5.602  1.00 16.64 ?  15  ASN A CB  1 
ATOM   155  C CG  . ASN A 1 36  ? 11.751  -9.274  -6.862  1.00 17.76 ?  15  ASN A CG  1 
ATOM   156  O OD1 . ASN A 1 36  ? 12.690  -9.198  -7.668  1.00 20.24 ?  15  ASN A OD1 1 
ATOM   157  N ND2 . ASN A 1 36  ? 10.719  -10.084 -7.061  1.00 16.60 ?  15  ASN A ND2 1 
ATOM   158  N N   . PHE A 1 37  ? 11.073  -4.802  -6.064  1.00 14.87 ?  16  PHE A N   1 
ATOM   159  C CA  . PHE A 1 37  ? 9.955   -3.978  -6.504  1.00 13.46 ?  16  PHE A CA  1 
ATOM   160  C C   . PHE A 1 37  ? 10.016  -3.716  -7.993  1.00 16.01 ?  16  PHE A C   1 
ATOM   161  O O   . PHE A 1 37  ? 8.973   -3.573  -8.635  1.00 14.60 ?  16  PHE A O   1 
ATOM   162  C CB  . PHE A 1 37  ? 9.929   -2.659  -5.729  1.00 14.73 ?  16  PHE A CB  1 
ATOM   163  C CG  . PHE A 1 37  ? 8.598   -1.898  -5.805  1.00 15.56 ?  16  PHE A CG  1 
ATOM   164  C CD1 . PHE A 1 37  ? 7.387   -2.531  -5.519  1.00 15.87 ?  16  PHE A CD1 1 
ATOM   165  C CD2 . PHE A 1 37  ? 8.592   -0.546  -6.173  1.00 16.55 ?  16  PHE A CD2 1 
ATOM   166  C CE1 . PHE A 1 37  ? 6.178   -1.810  -5.535  1.00 16.74 ?  16  PHE A CE1 1 
ATOM   167  C CE2 . PHE A 1 37  ? 7.387   0.173   -6.202  1.00 16.18 ?  16  PHE A CE2 1 
ATOM   168  C CZ  . PHE A 1 37  ? 6.195   -0.469  -5.894  1.00 16.85 ?  16  PHE A CZ  1 
ATOM   169  N N   . ASP A 1 38  ? 11.209  -3.684  -8.581  1.00 17.04 ?  17  ASP A N   1 
ATOM   170  C CA  . ASP A 1 38  ? 11.245  -3.454  -10.015 1.00 16.63 ?  17  ASP A CA  1 
ATOM   171  C C   . ASP A 1 38  ? 10.590  -4.598  -10.785 1.00 17.17 ?  17  ASP A C   1 
ATOM   172  O O   . ASP A 1 38  ? 9.824   -4.352  -11.720 1.00 15.68 ?  17  ASP A O   1 
ATOM   173  C CB  . ASP A 1 38  ? 12.682  -3.255  -10.465 1.00 19.22 ?  17  ASP A CB  1 
ATOM   174  C CG  . ASP A 1 38  ? 12.771  -2.836  -11.916 1.00 24.37 ?  17  ASP A CG  1 
ATOM   175  O OD1 . ASP A 1 38  ? 12.176  -1.807  -12.293 1.00 26.21 ?  17  ASP A OD1 1 
ATOM   176  O OD2 . ASP A 1 38  ? 13.449  -3.553  -12.693 1.00 31.31 ?  17  ASP A OD2 1 
ATOM   177  N N   . ASP A 1 39  ? 10.892  -5.844  -10.422 1.00 18.30 ?  18  ASP A N   1 
ATOM   178  C CA  . ASP A 1 39  ? 10.285  -6.998  -11.079 1.00 17.97 ?  18  ASP A CA  1 
ATOM   179  C C   . ASP A 1 39  ? 8.778   -7.050  -10.815 1.00 16.28 ?  18  ASP A C   1 
ATOM   180  O O   . ASP A 1 39  ? 7.995   -7.397  -11.712 1.00 17.27 ?  18  ASP A O   1 
ATOM   181  C CB  . ASP A 1 39  ? 10.955  -8.290  -10.609 1.00 20.75 ?  18  ASP A CB  1 
ATOM   182  C CG  . ASP A 1 39  ? 12.268  -8.606  -11.354 1.00 28.61 ?  18  ASP A CG  1 
ATOM   183  O OD1 . ASP A 1 39  ? 13.302  -7.971  -11.091 1.00 36.07 ?  18  ASP A OD1 1 
ATOM   184  O OD2 . ASP A 1 39  ? 12.249  -9.559  -12.162 1.00 35.29 ?  18  ASP A OD2 1 
ATOM   185  N N   . TYR A 1 40  ? 8.345   -6.705  -9.591  1.00 14.42 ?  19  TYR A N   1 
ATOM   186  C CA  . TYR A 1 40  ? 6.906   -6.572  -9.350  1.00 13.12 ?  19  TYR A CA  1 
ATOM   187  C C   . TYR A 1 40  ? 6.286   -5.563  -10.296 1.00 14.03 ?  19  TYR A C   1 
ATOM   188  O O   . TYR A 1 40  ? 5.242   -5.839  -10.901 1.00 13.81 ?  19  TYR A O   1 
ATOM   189  C CB  . TYR A 1 40  ? 6.662   -6.153  -7.883  1.00 12.96 ?  19  TYR A CB  1 
ATOM   190  C CG  . TYR A 1 40  ? 5.213   -5.817  -7.603  1.00 13.27 ?  19  TYR A CG  1 
ATOM   191  C CD1 . TYR A 1 40  ? 4.281   -6.818  -7.401  1.00 14.06 ?  19  TYR A CD1 1 
ATOM   192  C CD2 . TYR A 1 40  ? 4.789   -4.484  -7.566  1.00 12.70 ?  19  TYR A CD2 1 
ATOM   193  C CE1 . TYR A 1 40  ? 2.950   -6.504  -7.141  1.00 14.15 ?  19  TYR A CE1 1 
ATOM   194  C CE2 . TYR A 1 40  ? 3.474   -4.157  -7.348  1.00 13.17 ?  19  TYR A CE2 1 
ATOM   195  C CZ  . TYR A 1 40  ? 2.550   -5.161  -7.131  1.00 14.32 ?  19  TYR A CZ  1 
ATOM   196  O OH  . TYR A 1 40  ? 1.256   -4.801  -6.845  1.00 15.24 ?  19  TYR A OH  1 
ATOM   197  N N   . MET A 1 41  ? 6.883   -4.365  -10.403 1.00 14.69 ?  20  MET A N   1 
ATOM   198  C CA  . MET A 1 41  ? 6.329   -3.335  -11.284 1.00 15.48 ?  20  MET A CA  1 
ATOM   199  C C   . MET A 1 41  ? 6.294   -3.793  -12.734 1.00 15.24 ?  20  MET A C   1 
ATOM   200  O O   . MET A 1 41  ? 5.349   -3.462  -13.458 1.00 15.30 ?  20  MET A O   1 
ATOM   201  C CB  . MET A 1 41  ? 7.127   -2.033  -11.173 1.00 13.60 ?  20  MET A CB  1 
ATOM   202  C CG  . MET A 1 41  ? 6.887   -1.329  -9.793  1.00 16.11 ?  20  MET A CG  1 
ATOM   203  S SD  . MET A 1 41  ? 7.596   0.311   -9.850  1.00 14.74 ?  20  MET A SD  1 
ATOM   204  C CE  . MET A 1 41  ? 9.314   -0.028  -9.787  1.00 17.12 ?  20  MET A CE  1 
ATOM   205  N N   . LYS A 1 42  ? 7.293   -4.564  -13.173 1.00 15.14 ?  21  LYS A N   1 
ATOM   206  C CA  . LYS A 1 42  ? 7.257   -5.083  -14.545 1.00 16.29 ?  21  LYS A CA  1 
ATOM   207  C C   . LYS A 1 42  ? 6.061   -5.999  -14.730 1.00 17.13 ?  21  LYS A C   1 
ATOM   208  O O   . LYS A 1 42  ? 5.363   -5.928  -15.743 1.00 19.47 ?  21  LYS A O   1 
ATOM   209  C CB  . LYS A 1 42  ? 8.534   -5.842  -14.867 1.00 19.78 ?  21  LYS A CB  1 
ATOM   210  C CG  . LYS A 1 42  ? 9.740   -4.969  -15.072 1.00 19.94 ?  21  LYS A CG  1 
ATOM   211  C CD  . LYS A 1 42  ? 10.916  -5.863  -15.348 1.00 21.87 ?  21  LYS A CD  1 
ATOM   212  C CE  . LYS A 1 42  ? 12.165  -5.107  -15.130 1.00 26.18 ?  21  LYS A CE  1 
ATOM   213  N NZ  . LYS A 1 42  ? 13.280  -6.105  -15.064 1.00 33.78 ?  21  LYS A NZ  1 
ATOM   214  N N   . GLU A 1 43  ? 5.782   -6.838  -13.731 1.00 17.05 ?  22  GLU A N   1 
ATOM   215  C CA  . GLU A 1 43  ? 4.659   -7.753  -13.843 1.00 18.58 ?  22  GLU A CA  1 
ATOM   216  C C   . GLU A 1 43  ? 3.347   -6.987  -13.860 1.00 16.78 ?  22  GLU A C   1 
ATOM   217  O O   . GLU A 1 43  ? 2.389   -7.382  -14.560 1.00 20.02 ?  22  GLU A O   1 
ATOM   218  C CB  . GLU A 1 43  ? 4.724   -8.758  -12.689 1.00 21.35 ?  22  GLU A CB  1 
ATOM   219  C CG  . GLU A 1 43  ? 4.140   -10.114 -12.981 1.00 26.62 ?  22  GLU A CG  1 
ATOM   220  C CD  . GLU A 1 43  ? 4.825   -10.785 -14.164 1.00 28.41 ?  22  GLU A CD  1 
ATOM   221  O OE1 . GLU A 1 43  ? 6.039   -10.598 -14.334 1.00 31.75 ?  22  GLU A OE1 1 
ATOM   222  O OE2 . GLU A 1 43  ? 4.123   -11.445 -14.944 1.00 35.44 ?  22  GLU A OE2 1 
ATOM   223  N N   . VAL A 1 44  ? 3.277   -5.890  -13.093 1.00 16.93 ?  23  VAL A N   1 
ATOM   224  C CA  . VAL A 1 44  ? 2.073   -5.069  -13.069 1.00 15.89 ?  23  VAL A CA  1 
ATOM   225  C C   . VAL A 1 44  ? 1.862   -4.377  -14.397 1.00 18.04 ?  23  VAL A C   1 
ATOM   226  O O   . VAL A 1 44  ? 0.724   -4.075  -14.758 1.00 19.51 ?  23  VAL A O   1 
ATOM   227  C CB  . VAL A 1 44  ? 2.146   -4.058  -11.894 1.00 16.72 ?  23  VAL A CB  1 
ATOM   228  C CG1 . VAL A 1 44  ? 1.136   -2.918  -12.023 1.00 15.69 ?  23  VAL A CG1 1 
ATOM   229  C CG2 . VAL A 1 44  ? 1.946   -4.788  -10.593 1.00 17.13 ?  23  VAL A CG2 1 
ATOM   230  N N   . GLY A 1 45  ? 2.931   -4.168  -15.161 1.00 16.59 ?  24  GLY A N   1 
ATOM   231  C CA  . GLY A 1 45  ? 2.867   -3.505  -16.447 1.00 17.79 ?  24  GLY A CA  1 
ATOM   232  C C   . GLY A 1 45  ? 3.359   -2.081  -16.468 1.00 17.27 ?  24  GLY A C   1 
ATOM   233  O O   . GLY A 1 45  ? 3.057   -1.346  -17.418 1.00 18.33 ?  24  GLY A O   1 
ATOM   234  N N   . VAL A 1 46  ? 4.073   -1.647  -15.428 1.00 16.34 ?  25  VAL A N   1 
ATOM   235  C CA  . VAL A 1 46  ? 4.556   -0.277  -15.340 1.00 16.10 ?  25  VAL A CA  1 
ATOM   236  C C   . VAL A 1 46  ? 5.631   -0.038  -16.387 1.00 16.11 ?  25  VAL A C   1 
ATOM   237  O O   . VAL A 1 46  ? 6.558   -0.841  -16.528 1.00 17.39 ?  25  VAL A O   1 
ATOM   238  C CB  . VAL A 1 46  ? 5.107   -0.033  -13.933 1.00 15.98 ?  25  VAL A CB  1 
ATOM   239  C CG1 . VAL A 1 46  ? 5.490   1.403   -13.753 1.00 18.04 ?  25  VAL A CG1 1 
ATOM   240  C CG2 . VAL A 1 46  ? 4.034   -0.418  -12.891 1.00 16.81 ?  25  VAL A CG2 1 
ATOM   241  N N   . GLY A 1 47  ? 5.516   1.081   -17.089 1.00 18.16 ?  26  GLY A N   1 
ATOM   242  C CA  . GLY A 1 47  ? 6.485   1.399   -18.126 1.00 19.87 ?  26  GLY A CA  1 
ATOM   243  C C   . GLY A 1 47  ? 7.857   1.739   -17.581 1.00 19.93 ?  26  GLY A C   1 
ATOM   244  O O   . GLY A 1 47  ? 8.049   2.009   -16.402 1.00 18.22 ?  26  GLY A O   1 
ATOM   245  N N   . PHE A 1 48  ? 8.835   1.737   -18.483 1.00 19.32 ?  27  PHE A N   1 
ATOM   246  C CA  . PHE A 1 48  ? 10.228  1.928   -18.101 1.00 18.35 ?  27  PHE A CA  1 
ATOM   247  C C   . PHE A 1 48  ? 10.431  3.183   -17.253 1.00 18.93 ?  27  PHE A C   1 
ATOM   248  O O   . PHE A 1 48  ? 11.020  3.118   -16.157 1.00 17.93 ?  27  PHE A O   1 
ATOM   249  C CB  . PHE A 1 48  ? 11.085  2.000   -19.373 1.00 19.62 ?  27  PHE A CB  1 
ATOM   250  C CG  . PHE A 1 48  ? 12.511  2.277   -19.093 1.00 18.65 ?  27  PHE A CG  1 
ATOM   251  C CD1 . PHE A 1 48  ? 13.372  1.239   -18.835 1.00 20.38 ?  27  PHE A CD1 1 
ATOM   252  C CD2 . PHE A 1 48  ? 12.984  3.580   -19.039 1.00 21.24 ?  27  PHE A CD2 1 
ATOM   253  C CE1 . PHE A 1 48  ? 14.725  1.494   -18.508 1.00 21.83 ?  27  PHE A CE1 1 
ATOM   254  C CE2 . PHE A 1 48  ? 14.311  3.844   -18.717 1.00 19.99 ?  27  PHE A CE2 1 
ATOM   255  C CZ  . PHE A 1 48  ? 15.170  2.802   -18.460 1.00 19.31 ?  27  PHE A CZ  1 
ATOM   256  N N   . ALA A 1 49  ? 10.001  4.342   -17.756 1.00 18.62 ?  28  ALA A N   1 
ATOM   257  C CA  . ALA A 1 49  ? 10.362  5.586   -17.079 1.00 18.47 ?  28  ALA A CA  1 
ATOM   258  C C   . ALA A 1 49  ? 9.693   5.673   -15.712 1.00 18.87 ?  28  ALA A C   1 
ATOM   259  O O   . ALA A 1 49  ? 10.313  6.092   -14.721 1.00 17.42 ?  28  ALA A O   1 
ATOM   260  C CB  . ALA A 1 49  ? 9.982   6.797   -17.932 1.00 20.65 ?  28  ALA A CB  1 
ATOM   261  N N   . THR A 1 50  ? 8.419   5.301   -15.647 1.00 17.97 ?  29  THR A N   1 
ATOM   262  C CA  . THR A 1 50  ? 7.769   5.284   -14.344 1.00 17.10 ?  29  THR A CA  1 
ATOM   263  C C   . THR A 1 50  ? 8.430   4.292   -13.392 1.00 18.51 ?  29  THR A C   1 
ATOM   264  O O   . THR A 1 50  ? 8.582   4.581   -12.196 1.00 16.84 ?  29  THR A O   1 
ATOM   265  C CB  . THR A 1 50  ? 6.292   4.962   -14.533 1.00 17.85 ?  29  THR A CB  1 
ATOM   266  O OG1 . THR A 1 50  ? 5.717   5.982   -15.347 1.00 20.94 ?  29  THR A OG1 1 
ATOM   267  C CG2 . THR A 1 50  ? 5.577   4.930   -13.180 1.00 18.82 ?  29  THR A CG2 1 
ATOM   268  N N   . ARG A 1 51  ? 8.810   3.103   -13.866 1.00 16.86 ?  30  ARG A N   1 
ATOM   269  C CA  . ARG A 1 51  ? 9.495   2.170   -12.972 1.00 15.04 ?  30  ARG A CA  1 
ATOM   270  C C   . ARG A 1 51  ? 10.761  2.783   -12.416 1.00 16.86 ?  30  ARG A C   1 
ATOM   271  O O   . ARG A 1 51  ? 11.062  2.640   -11.226 1.00 17.46 ?  30  ARG A O   1 
ATOM   272  C CB  . ARG A 1 51  ? 9.900   0.854   -13.653 1.00 18.15 ?  30  ARG A CB  1 
ATOM   273  C CG  . ARG A 1 51  ? 8.800   -0.150  -13.819 1.00 18.94 ?  30  ARG A CG  1 
ATOM   274  C CD  . ARG A 1 51  ? 9.367   -1.558  -13.999 1.00 18.02 ?  30  ARG A CD  1 
ATOM   275  N NE  . ARG A 1 51  ? 10.532  -1.641  -14.884 1.00 18.69 ?  30  ARG A NE  1 
ATOM   276  C CZ  . ARG A 1 51  ? 10.479  -1.613  -16.212 1.00 20.08 ?  30  ARG A CZ  1 
ATOM   277  N NH1 . ARG A 1 51  ? 9.327   -1.439  -16.878 1.00 20.11 ?  30  ARG A NH1 1 
ATOM   278  N NH2 . ARG A 1 51  ? 11.620  -1.743  -16.880 1.00 20.29 ?  30  ARG A NH2 1 
ATOM   279  N N   . LYS A 1 52  ? 11.512  3.485   -13.254 1.00 16.55 ?  31  LYS A N   1 
ATOM   280  C CA  . LYS A 1 52  ? 12.794  4.000   -12.783 1.00 17.70 ?  31  LYS A CA  1 
ATOM   281  C C   . LYS A 1 52  ? 12.589  5.104   -11.749 1.00 17.53 ?  31  LYS A C   1 
ATOM   282  O O   . LYS A 1 52  ? 13.252  5.117   -10.702 1.00 18.45 ?  31  LYS A O   1 
ATOM   283  C CB  . LYS A 1 52  ? 13.627  4.519   -13.959 1.00 17.62 ?  31  LYS A CB  1 
ATOM   284  C CG  . LYS A 1 52  ? 14.083  3.398   -14.928 1.00 20.63 ?  31  LYS A CG  1 
ATOM   285  C CD  . LYS A 1 52  ? 14.931  2.447   -14.144 1.00 23.48 ?  31  LYS A CD  1 
ATOM   286  C CE  . LYS A 1 52  ? 14.999  1.060   -14.728 1.00 30.60 ?  31  LYS A CE  1 
ATOM   287  N NZ  . LYS A 1 52  ? 16.232  0.426   -14.151 1.00 38.37 ?  31  LYS A NZ  1 
ATOM   288  N N   . VAL A 1 53  ? 11.674  6.029   -12.015 1.00 15.61 ?  32  VAL A N   1 
ATOM   289  C CA  . VAL A 1 53  ? 11.446  7.130   -11.087 1.00 17.51 ?  32  VAL A CA  1 
ATOM   290  C C   . VAL A 1 53  ? 10.719  6.636   -9.837  1.00 17.26 ?  32  VAL A C   1 
ATOM   291  O O   . VAL A 1 53  ? 11.051  7.037   -8.710  1.00 18.63 ?  32  VAL A O   1 
ATOM   292  C CB  . VAL A 1 53  ? 10.692  8.265   -11.812 1.00 19.38 ?  32  VAL A CB  1 
ATOM   293  C CG1 . VAL A 1 53  ? 10.258  9.323   -10.842 1.00 23.74 ?  32  VAL A CG1 1 
ATOM   294  C CG2 . VAL A 1 53  ? 11.644  8.909   -12.844 1.00 21.09 ?  32  VAL A CG2 1 
ATOM   295  N N   . ALA A 1 54  ? 9.752   5.733   -9.999  1.00 17.40 ?  33  ALA A N   1 
ATOM   296  C CA  . ALA A 1 54  ? 9.016   5.258   -8.820  1.00 15.72 ?  33  ALA A CA  1 
ATOM   297  C C   . ALA A 1 54  ? 9.881   4.383   -7.949  1.00 16.58 ?  33  ALA A C   1 
ATOM   298  O O   . ALA A 1 54  ? 9.764   4.428   -6.709  1.00 17.11 ?  33  ALA A O   1 
ATOM   299  C CB  . ALA A 1 54  ? 7.757   4.498   -9.261  1.00 17.93 ?  33  ALA A CB  1 
ATOM   300  N N   . GLY A 1 55  ? 10.795  3.615   -8.547  1.00 17.22 ?  34  GLY A N   1 
ATOM   301  C CA  . GLY A 1 55  ? 11.679  2.783   -7.753  1.00 17.93 ?  34  GLY A CA  1 
ATOM   302  C C   . GLY A 1 55  ? 12.667  3.568   -6.914  1.00 18.03 ?  34  GLY A C   1 
ATOM   303  O O   . GLY A 1 55  ? 13.125  3.071   -5.884  1.00 21.98 ?  34  GLY A O   1 
ATOM   304  N N   . MET A 1 56  ? 13.014  4.796   -7.335  1.00 17.09 ?  35  MET A N   1 
ATOM   305  C CA  . MET A 1 56  ? 13.912  5.640   -6.565  1.00 16.53 ?  35  MET A CA  1 
ATOM   306  C C   . MET A 1 56  ? 13.268  6.201   -5.306  1.00 16.89 ?  35  MET A C   1 
ATOM   307  O O   . MET A 1 56  ? 13.979  6.521   -4.362  1.00 18.43 ?  35  MET A O   1 
ATOM   308  C CB  . MET A 1 56  ? 14.391  6.838   -7.389  1.00 19.45 ?  35  MET A CB  1 
ATOM   309  C CG  . MET A 1 56  ? 15.334  6.461   -8.540  1.00 16.57 ?  35  MET A CG  1 
ATOM   310  S SD  . MET A 1 56  ? 16.923  5.897   -7.940  1.00 18.19 ?  35  MET A SD  1 
ATOM   311  C CE  . MET A 1 56  ? 17.521  7.293   -7.045  1.00 21.81 ?  35  MET A CE  1 
ATOM   312  N N   . ALA A 1 57  ? 11.943  6.276   -5.279  1.00 16.48 ?  36  ALA A N   1 
ATOM   313  C CA  . ALA A 1 57  ? 11.267  7.027   -4.234  1.00 15.56 ?  36  ALA A CA  1 
ATOM   314  C C   . ALA A 1 57  ? 11.400  6.355   -2.890  1.00 16.56 ?  36  ALA A C   1 
ATOM   315  O O   . ALA A 1 57  ? 11.339  5.132   -2.780  1.00 17.38 ?  36  ALA A O   1 
ATOM   316  C CB  . ALA A 1 57  ? 9.784   7.175   -4.561  1.00 16.73 ?  36  ALA A CB  1 
ATOM   317  N N   . LYS A 1 58  ? 11.502  7.173   -1.858  1.00 17.45 ?  37  LYS A N   1 
ATOM   318  C CA  . LYS A 1 58  ? 11.551  6.714   -0.471  1.00 16.00 ?  37  LYS A CA  1 
ATOM   319  C C   . LYS A 1 58  ? 10.385  7.400   0.228   1.00 16.59 ?  37  LYS A C   1 
ATOM   320  O O   . LYS A 1 58  ? 10.557  8.420   0.902   1.00 18.31 ?  37  LYS A O   1 
ATOM   321  C CB  . LYS A 1 58  ? 12.898  7.039   0.178   1.00 18.72 ?  37  LYS A CB  1 
ATOM   322  C CG  . LYS A 1 58  ? 14.038  6.317   -0.462  1.00 24.68 ?  37  LYS A CG  1 
ATOM   323  C CD  . LYS A 1 58  ? 13.970  4.807   -0.323  1.00 27.64 ?  37  LYS A CD  1 
ATOM   324  C CE  . LYS A 1 58  ? 15.331  4.158   -0.764  1.00 28.00 ?  37  LYS A CE  1 
ATOM   325  N NZ  . LYS A 1 58  ? 15.201  2.787   -1.409  1.00 35.81 ?  37  LYS A NZ  1 
ATOM   326  N N   . PRO A 1 59  ? 9.172   6.887   0.059   1.00 15.06 ?  38  PRO A N   1 
ATOM   327  C CA  . PRO A 1 59  ? 8.000   7.605   0.554   1.00 16.66 ?  38  PRO A CA  1 
ATOM   328  C C   . PRO A 1 59  ? 7.859   7.550   2.060   1.00 15.39 ?  38  PRO A C   1 
ATOM   329  O O   . PRO A 1 59  ? 8.337   6.652   2.743   1.00 15.69 ?  38  PRO A O   1 
ATOM   330  C CB  . PRO A 1 59  ? 6.836   6.868   -0.096  1.00 15.87 ?  38  PRO A CB  1 
ATOM   331  C CG  . PRO A 1 59  ? 7.412   6.041   -1.157  1.00 17.83 ?  38  PRO A CG  1 
ATOM   332  C CD  . PRO A 1 59  ? 8.791   5.698   -0.715  1.00 15.42 ?  38  PRO A CD  1 
ATOM   333  N N   . ASN A 1 60  ? 7.128   8.524   2.555   1.00 15.85 ?  39  ASN A N   1 
ATOM   334  C CA  . ASN A 1 60  ? 6.560   8.461   3.889   1.00 15.27 ?  39  ASN A CA  1 
ATOM   335  C C   . ASN A 1 60  ? 5.110   8.024   3.745   1.00 16.31 ?  39  ASN A C   1 
ATOM   336  O O   . ASN A 1 60  ? 4.446   8.376   2.775   1.00 19.06 ?  39  ASN A O   1 
ATOM   337  C CB  . ASN A 1 60  ? 6.624   9.820   4.553   1.00 17.39 ?  39  ASN A CB  1 
ATOM   338  C CG  . ASN A 1 60  ? 7.950   10.081  5.217   1.00 23.23 ?  39  ASN A CG  1 
ATOM   339  O OD1 . ASN A 1 60  ? 8.915   9.357   5.013   1.00 22.45 ?  39  ASN A OD1 1 
ATOM   340  N ND2 . ASN A 1 60  ? 7.970   11.076  6.103   1.00 35.54 ?  39  ASN A ND2 1 
ATOM   341  N N   . MET A 1 61  ? 4.654   7.198   4.660   1.00 14.55 ?  40  MET A N   1 
ATOM   342  C CA  . MET A 1 61  ? 3.268   6.757   4.654   1.00 15.36 ?  40  MET A CA  1 
ATOM   343  C C   . MET A 1 61  ? 2.622   7.229   5.943   1.00 13.99 ?  40  MET A C   1 
ATOM   344  O O   . MET A 1 61  ? 3.199   7.055   7.011   1.00 16.66 ?  40  MET A O   1 
ATOM   345  C CB  . MET A 1 61  ? 3.195   5.247   4.543   1.00 17.68 ?  40  MET A CB  1 
ATOM   346  C CG  . MET A 1 61  ? 1.804   4.730   4.470   1.00 19.10 ?  40  MET A CG  1 
ATOM   347  S SD  . MET A 1 61  ? 1.722   2.976   4.228   1.00 20.41 ?  40  MET A SD  1 
ATOM   348  C CE  . MET A 1 61  ? 3.237   2.375   4.999   1.00 24.82 ?  40  MET A CE  1 
ATOM   349  N N   . ILE A 1 62  ? 1.473   7.880   5.835   1.00 15.11 ?  41  ILE A N   1 
ATOM   350  C CA  . ILE A 1 62  ? 0.760   8.412   6.993   1.00 15.71 ?  41  ILE A CA  1 
ATOM   351  C C   . ILE A 1 62  ? -0.579  7.696   7.057   1.00 15.14 ?  41  ILE A C   1 
ATOM   352  O O   . ILE A 1 62  ? -1.401  7.825   6.131   1.00 16.33 ?  41  ILE A O   1 
ATOM   353  C CB  . ILE A 1 62  ? 0.592   9.937   6.887   1.00 16.35 ?  41  ILE A CB  1 
ATOM   354  C CG1 . ILE A 1 62  ? 1.968   10.614  6.708   1.00 21.28 ?  41  ILE A CG1 1 
ATOM   355  C CG2 . ILE A 1 62  ? -0.033  10.488  8.148   1.00 20.91 ?  41  ILE A CG2 1 
ATOM   356  C CD1 . ILE A 1 62  ? 2.333   10.965  5.236   1.00 24.74 ?  41  ILE A CD1 1 
ATOM   357  N N   . ILE A 1 63  ? -0.809  6.960   8.135   1.00 14.98 ?  42  ILE A N   1 
ATOM   358  C CA  . ILE A 1 63  ? -2.022  6.173   8.322   1.00 14.18 ?  42  ILE A CA  1 
ATOM   359  C C   . ILE A 1 63  ? -2.801  6.730   9.490   1.00 14.97 ?  42  ILE A C   1 
ATOM   360  O O   . ILE A 1 63  ? -2.241  6.952   10.583  1.00 15.20 ?  42  ILE A O   1 
ATOM   361  C CB  . ILE A 1 63  ? -1.714  4.686   8.543   1.00 13.96 ?  42  ILE A CB  1 
ATOM   362  C CG1 . ILE A 1 63  ? -0.913  4.161   7.350   1.00 15.29 ?  42  ILE A CG1 1 
ATOM   363  C CG2 . ILE A 1 63  ? -2.974  3.900   8.763   1.00 14.58 ?  42  ILE A CG2 1 
ATOM   364  C CD1 . ILE A 1 63  ? -0.577  2.692   7.460   1.00 17.24 ?  42  ILE A CD1 1 
ATOM   365  N N   . SER A 1 64  ? -4.088  6.931   9.272   1.00 13.37 ?  43  SER A N   1 
ATOM   366  C CA  . SER A 1 64  ? -4.950  7.424   10.334  1.00 14.12 ?  43  SER A CA  1 
ATOM   367  C C   . SER A 1 64  ? -6.275  6.679   10.294  1.00 15.28 ?  43  SER A C   1 
ATOM   368  O O   . SER A 1 64  ? -6.703  6.197   9.237   1.00 15.45 ?  43  SER A O   1 
ATOM   369  C CB  . SER A 1 64  ? -5.138  8.929   10.204  1.00 17.04 ?  43  SER A CB  1 
ATOM   370  O OG  . SER A 1 64  ? -5.763  9.265   8.979   1.00 21.60 ?  43  SER A OG  1 
ATOM   371  N N   . VAL A 1 65  ? -6.939  6.610   11.445  1.00 14.79 ?  44  VAL A N   1 
ATOM   372  C CA  . VAL A 1 65  ? -8.239  5.963   11.572  1.00 15.96 ?  44  VAL A CA  1 
ATOM   373  C C   . VAL A 1 65  ? -9.185  6.953   12.228  1.00 18.24 ?  44  VAL A C   1 
ATOM   374  O O   . VAL A 1 65  ? -8.858  7.540   13.269  1.00 19.36 ?  44  VAL A O   1 
ATOM   375  C CB  . VAL A 1 65  ? -8.160  4.666   12.401  1.00 18.29 ?  44  VAL A CB  1 
ATOM   376  C CG1 . VAL A 1 65  ? -9.542  4.009   12.463  1.00 20.64 ?  44  VAL A CG1 1 
ATOM   377  C CG2 . VAL A 1 65  ? -7.180  3.733   11.745  1.00 19.72 ?  44  VAL A CG2 1 
ATOM   378  N N   . ASN A 1 66  ? -10.346 7.146   11.629  1.00 16.05 ?  45  ASN A N   1 
ATOM   379  C CA  . ASN A 1 66  ? -11.346 8.063   12.182  1.00 17.30 ?  45  ASN A CA  1 
ATOM   380  C C   . ASN A 1 66  ? -12.677 7.334   12.029  1.00 18.26 ?  45  ASN A C   1 
ATOM   381  O O   . ASN A 1 66  ? -13.240 7.258   10.931  1.00 19.22 ?  45  ASN A O   1 
ATOM   382  C CB  . ASN A 1 66  ? -11.317 9.401   11.463  1.00 17.88 ?  45  ASN A CB  1 
ATOM   383  C CG  . ASN A 1 66  ? -12.245 10.418  12.078  1.00 21.13 ?  45  ASN A CG  1 
ATOM   384  O OD1 . ASN A 1 66  ? -13.298 10.061  12.580  1.00 20.94 ?  45  ASN A OD1 1 
ATOM   385  N ND2 . ASN A 1 66  ? -11.885 11.682  11.990  1.00 18.41 ?  45  ASN A ND2 1 
ATOM   386  N N   . GLY A 1 67  ? -13.173 6.781   13.136  1.00 22.04 ?  46  GLY A N   1 
ATOM   387  C CA  . GLY A 1 67  ? -14.377 5.966   13.031  1.00 22.57 ?  46  GLY A CA  1 
ATOM   388  C C   . GLY A 1 67  ? -14.110 4.722   12.200  1.00 21.35 ?  46  GLY A C   1 
ATOM   389  O O   . GLY A 1 67  ? -13.151 3.975   12.440  1.00 24.04 ?  46  GLY A O   1 
ATOM   390  N N   . ASP A 1 68  ? -14.962 4.498   11.203  1.00 18.82 ?  47  ASP A N   1 
ATOM   391  C CA  . ASP A 1 68  ? -14.834 3.362   10.319  1.00 20.51 ?  47  ASP A CA  1 
ATOM   392  C C   . ASP A 1 68  ? -13.925 3.658   9.139   1.00 17.20 ?  47  ASP A C   1 
ATOM   393  O O   . ASP A 1 68  ? -13.704 2.763   8.342   1.00 18.19 ?  47  ASP A O   1 
ATOM   394  C CB  . ASP A 1 68  ? -16.203 2.957   9.772   1.00 23.37 ?  47  ASP A CB  1 
ATOM   395  C CG  . ASP A 1 68  ? -17.112 2.352   10.824  1.00 31.21 ?  47  ASP A CG  1 
ATOM   396  O OD1 . ASP A 1 68  ? -16.619 1.598   11.691  1.00 32.95 ?  47  ASP A OD1 1 
ATOM   397  O OD2 . ASP A 1 68  ? -18.330 2.619   10.754  1.00 36.10 ?  47  ASP A OD2 1 
ATOM   398  N N   . VAL A 1 69  ? -13.458 4.895   8.988   1.00 17.39 ?  48  VAL A N   1 
ATOM   399  C CA  . VAL A 1 69  ? -12.700 5.314   7.801   1.00 13.01 ?  48  VAL A CA  1 
ATOM   400  C C   . VAL A 1 69  ? -11.213 5.242   8.093   1.00 13.80 ?  48  VAL A C   1 
ATOM   401  O O   . VAL A 1 69  ? -10.714 5.873   9.031   1.00 14.57 ?  48  VAL A O   1 
ATOM   402  C CB  . VAL A 1 69  ? -13.061 6.735   7.356   1.00 16.31 ?  48  VAL A CB  1 
ATOM   403  C CG1 . VAL A 1 69  ? -12.345 7.094   6.045   1.00 15.84 ?  48  VAL A CG1 1 
ATOM   404  C CG2 . VAL A 1 69  ? -14.574 6.897   7.206   1.00 18.00 ?  48  VAL A CG2 1 
ATOM   405  N N   . ILE A 1 70  ? -10.501 4.466   7.301   1.00 12.37 ?  49  ILE A N   1 
ATOM   406  C CA  . ILE A 1 70  ? -9.049  4.412   7.358   1.00 12.15 ?  49  ILE A CA  1 
ATOM   407  C C   . ILE A 1 70  ? -8.499  5.256   6.220   1.00 13.18 ?  49  ILE A C   1 
ATOM   408  O O   . ILE A 1 70  ? -8.972  5.159   5.078   1.00 14.72 ?  49  ILE A O   1 
ATOM   409  C CB  . ILE A 1 70  ? -8.562  2.969   7.227   1.00 13.61 ?  49  ILE A CB  1 
ATOM   410  C CG1 . ILE A 1 70  ? -9.166  2.114   8.338   1.00 16.59 ?  49  ILE A CG1 1 
ATOM   411  C CG2 . ILE A 1 70  ? -7.052  2.923   7.261   1.00 14.40 ?  49  ILE A CG2 1 
ATOM   412  C CD1 . ILE A 1 70  ? -8.850  0.618   8.198   1.00 20.92 ?  49  ILE A CD1 1 
ATOM   413  N N   . THR A 1 71  ? -7.518  6.089   6.528   1.00 12.64 ?  50  THR A N   1 
ATOM   414  C CA  . THR A 1 71  ? -6.886  6.919   5.499   1.00 14.00 ?  50  THR A CA  1 
ATOM   415  C C   . THR A 1 71  ? -5.413  6.545   5.423   1.00 13.08 ?  50  THR A C   1 
ATOM   416  O O   . THR A 1 71  ? -4.733  6.477   6.459   1.00 14.21 ?  50  THR A O   1 
ATOM   417  C CB  . THR A 1 71  ? -7.027  8.409   5.821   1.00 14.43 ?  50  THR A CB  1 
ATOM   418  O OG1 . THR A 1 71  ? -8.417  8.789   5.772   1.00 18.25 ?  50  THR A OG1 1 
ATOM   419  C CG2 . THR A 1 71  ? -6.269  9.255   4.801   1.00 17.54 ?  50  THR A CG2 1 
ATOM   420  N N   . ILE A 1 72  ? -4.936  6.223   4.219   1.00 12.88 ?  51  ILE A N   1 
ATOM   421  C CA  . ILE A 1 72  ? -3.513  5.974   3.975   1.00 13.16 ?  51  ILE A CA  1 
ATOM   422  C C   . ILE A 1 72  ? -3.013  7.028   2.986   1.00 13.33 ?  51  ILE A C   1 
ATOM   423  O O   . ILE A 1 72  ? -3.472  7.077   1.844   1.00 15.10 ?  51  ILE A O   1 
ATOM   424  C CB  . ILE A 1 72  ? -3.233  4.556   3.450   1.00 13.04 ?  51  ILE A CB  1 
ATOM   425  C CG1 . ILE A 1 72  ? -3.766  3.513   4.424   1.00 13.85 ?  51  ILE A CG1 1 
ATOM   426  C CG2 . ILE A 1 72  ? -1.686  4.361   3.265   1.00 14.08 ?  51  ILE A CG2 1 
ATOM   427  C CD1 . ILE A 1 72  ? -3.556  2.076   3.921   1.00 16.69 ?  51  ILE A CD1 1 
ATOM   428  N N   . LYS A 1 73  ? -2.093  7.878   3.434   1.00 12.81 ?  52  LYS A N   1 
ATOM   429  C CA  . LYS A 1 73  ? -1.449  8.865   2.572   1.00 15.09 ?  52  LYS A CA  1 
ATOM   430  C C   . LYS A 1 73  ? -0.016  8.445   2.312   1.00 15.11 ?  52  LYS A C   1 
ATOM   431  O O   . LYS A 1 73  ? 0.658   7.904   3.193   1.00 15.95 ?  52  LYS A O   1 
ATOM   432  C CB  . LYS A 1 73  ? -1.450  10.259  3.197   1.00 17.16 ?  52  LYS A CB  1 
ATOM   433  C CG  . LYS A 1 73  ? -2.813  10.804  3.550   1.00 23.13 ?  52  LYS A CG  1 
ATOM   434  C CD  . LYS A 1 73  ? -2.668  12.235  4.070   1.00 27.62 ?  52  LYS A CD  1 
ATOM   435  C CE  . LYS A 1 73  ? -4.050  12.758  4.488   1.00 29.77 ?  52  LYS A CE  1 
ATOM   436  N NZ  . LYS A 1 73  ? -4.025  14.154  5.024   1.00 37.35 ?  52  LYS A NZ  1 
ATOM   437  N N   . SER A 1 74  ? 0.460   8.671   1.101   1.00 14.50 ?  53  SER A N   1 
ATOM   438  C CA  . SER A 1 74  ? 1.869   8.471   0.817   1.00 15.27 ?  53  SER A CA  1 
ATOM   439  C C   . SER A 1 74  ? 2.419   9.773   0.270   1.00 17.69 ?  53  SER A C   1 
ATOM   440  O O   . SER A 1 74  ? 1.782   10.415  -0.562  1.00 18.50 ?  53  SER A O   1 
ATOM   441  C CB  . SER A 1 74  ? 2.050   7.344   -0.179  1.00 17.34 ?  53  SER A CB  1 
ATOM   442  O OG  . SER A 1 74  ? 3.451   7.082   -0.422  1.00 20.50 ?  53  SER A OG  1 
ATOM   443  N N   . GLU A 1 75  ? 3.573   10.184  0.754   1.00 17.27 ?  54  GLU A N   1 
ATOM   444  C CA  . GLU A 1 75  ? 4.206   11.387  0.246   1.00 16.45 ?  54  GLU A CA  1 
ATOM   445  C C   . GLU A 1 75  ? 5.590   11.025  -0.223  1.00 17.85 ?  54  GLU A C   1 
ATOM   446  O O   . GLU A 1 75  ? 6.336   10.373  0.506   1.00 16.71 ?  54  GLU A O   1 
ATOM   447  C CB  . GLU A 1 75  ? 4.241   12.473  1.315   1.00 21.31 ?  54  GLU A CB  1 
ATOM   448  C CG  . GLU A 1 75  ? 2.865   13.006  1.669   1.00 25.15 ?  54  GLU A CG  1 
ATOM   449  C CD  . GLU A 1 75  ? 3.003   14.103  2.672   1.00 31.70 ?  54  GLU A CD  1 
ATOM   450  O OE1 . GLU A 1 75  ? 4.010   14.051  3.411   1.00 30.91 ?  54  GLU A OE1 1 
ATOM   451  O OE2 . GLU A 1 75  ? 2.132   15.009  2.706   1.00 37.19 ?  54  GLU A OE2 1 
ATOM   452  N N   . SER A 1 76  ? 5.927   11.414  -1.446  1.00 18.29 ?  55  SER A N   1 
ATOM   453  C CA  . SER A 1 76  ? 7.286   11.145  -1.891  1.00 20.40 ?  55  SER A CA  1 
ATOM   454  C C   . SER A 1 76  ? 7.638   12.130  -2.980  1.00 19.79 ?  55  SER A C   1 
ATOM   455  O O   . SER A 1 76  ? 6.823   12.948  -3.407  1.00 19.82 ?  55  SER A O   1 
ATOM   456  C CB  . SER A 1 76  ? 7.480   9.699   -2.378  1.00 22.35 ?  55  SER A CB  1 
ATOM   457  O OG  . SER A 1 76  ? 7.076   9.531   -3.722  1.00 20.06 ?  55  SER A OG  1 
ATOM   458  N N   . THR A 1 77  ? 8.886   12.049  -3.416  1.00 19.30 ?  56  THR A N   1 
ATOM   459  C CA  . THR A 1 77  ? 9.288   12.891  -4.522  1.00 20.82 ?  56  THR A CA  1 
ATOM   460  C C   . THR A 1 77  ? 8.652   12.462  -5.821  1.00 22.78 ?  56  THR A C   1 
ATOM   461  O O   . THR A 1 77  ? 8.670   13.244  -6.772  1.00 25.59 ?  56  THR A O   1 
ATOM   462  C CB  . THR A 1 77  ? 10.810  12.867  -4.684  1.00 21.64 ?  56  THR A CB  1 
ATOM   463  O OG1 . THR A 1 77  ? 11.238  11.505  -4.763  1.00 24.58 ?  56  THR A OG1 1 
ATOM   464  C CG2 . THR A 1 77  ? 11.467  13.507  -3.512  1.00 20.84 ?  56  THR A CG2 1 
ATOM   465  N N   . PHE A 1 78  ? 8.135   11.231  -5.899  1.00 19.14 ?  57  PHE A N   1 
ATOM   466  C CA  . PHE A 1 78  ? 7.517   10.727  -7.124  1.00 21.55 ?  57  PHE A CA  1 
ATOM   467  C C   . PHE A 1 78  ? 6.073   11.199  -7.227  1.00 23.69 ?  57  PHE A C   1 
ATOM   468  O O   . PHE A 1 78  ? 5.699   11.890  -8.180  1.00 25.51 ?  57  PHE A O   1 
ATOM   469  C CB  . PHE A 1 78  ? 7.608   9.202   -7.146  1.00 20.92 ?  57  PHE A CB  1 
ATOM   470  C CG  . PHE A 1 78  ? 6.803   8.553   -8.227  1.00 21.42 ?  57  PHE A CG  1 
ATOM   471  C CD1 . PHE A 1 78  ? 6.971   8.934   -9.548  1.00 22.20 ?  57  PHE A CD1 1 
ATOM   472  C CD2 . PHE A 1 78  ? 5.922   7.533   -7.929  1.00 21.64 ?  57  PHE A CD2 1 
ATOM   473  C CE1 . PHE A 1 78  ? 6.215   8.312   -10.588 1.00 23.26 ?  57  PHE A CE1 1 
ATOM   474  C CE2 . PHE A 1 78  ? 5.168   6.915   -8.929  1.00 24.11 ?  57  PHE A CE2 1 
ATOM   475  C CZ  . PHE A 1 78  ? 5.321   7.308   -10.271 1.00 23.08 ?  57  PHE A CZ  1 
ATOM   476  N N   . LYS A 1 79  ? 5.256   10.873  -6.227  1.00 24.16 ?  58  LYS A N   1 
ATOM   477  C CA  . LYS A 1 79  ? 3.846   11.236  -6.243  1.00 23.76 ?  58  LYS A CA  1 
ATOM   478  C C   . LYS A 1 79  ? 3.354   11.329  -4.807  1.00 22.80 ?  58  LYS A C   1 
ATOM   479  O O   . LYS A 1 79  ? 3.908   10.706  -3.883  1.00 24.76 ?  58  LYS A O   1 
ATOM   480  C CB  . LYS A 1 79  ? 2.982   10.217  -7.008  1.00 25.02 ?  58  LYS A CB  1 
ATOM   481  C CG  . LYS A 1 79  ? 3.193   10.142  -8.473  1.00 29.05 ?  58  LYS A CG  1 
ATOM   482  C CD  . LYS A 1 79  ? 1.896   10.217  -9.236  1.00 32.40 ?  58  LYS A CD  1 
ATOM   483  C CE  . LYS A 1 79  ? 2.126   10.285  -10.757 1.00 35.40 ?  58  LYS A CE  1 
ATOM   484  N NZ  . LYS A 1 79  ? 2.734   9.039   -11.390 1.00 33.57 ?  58  LYS A NZ  1 
ATOM   485  N N   . ASN A 1 80  ? 2.357   12.154  -4.613  1.00 18.79 ?  59  ASN A N   1 
ATOM   486  C CA  . ASN A 1 80  ? 1.606   12.144  -3.368  1.00 19.35 ?  59  ASN A CA  1 
ATOM   487  C C   . ASN A 1 80  ? 0.261   11.489  -3.655  1.00 20.87 ?  59  ASN A C   1 
ATOM   488  O O   . ASN A 1 80  ? -0.352  11.731  -4.710  1.00 24.19 ?  59  ASN A O   1 
ATOM   489  C CB  . ASN A 1 80  ? 1.426   13.559  -2.822  1.00 21.12 ?  59  ASN A CB  1 
ATOM   490  C CG  . ASN A 1 80  ? 2.728   14.226  -2.431  1.00 24.12 ?  59  ASN A CG  1 
ATOM   491  O OD1 . ASN A 1 80  ? 3.718   13.589  -2.103  1.00 21.22 ?  59  ASN A OD1 1 
ATOM   492  N ND2 . ASN A 1 80  ? 2.730   15.543  -2.495  1.00 30.84 ?  59  ASN A ND2 1 
ATOM   493  N N   . THR A 1 81  ? -0.155  10.605  -2.765  1.00 17.03 ?  60  THR A N   1 
ATOM   494  C CA  . THR A 1 81  ? -1.413  9.892   -2.936  1.00 16.04 ?  60  THR A CA  1 
ATOM   495  C C   . THR A 1 81  ? -2.146  9.847   -1.599  1.00 14.85 ?  60  THR A C   1 
ATOM   496  O O   . THR A 1 81  ? -1.557  9.992   -0.523  1.00 16.30 ?  60  THR A O   1 
ATOM   497  C CB  . THR A 1 81  ? -1.206  8.451   -3.446  1.00 15.61 ?  60  THR A CB  1 
ATOM   498  O OG1 . THR A 1 81  ? -0.546  7.684   -2.420  1.00 17.41 ?  60  THR A OG1 1 
ATOM   499  C CG2 . THR A 1 81  ? -0.366  8.374   -4.727  1.00 19.55 ?  60  THR A CG2 1 
ATOM   500  N N   . GLU A 1 82  ? -3.462  9.670   -1.685  1.00 16.30 ?  61  GLU A N   1 
ATOM   501  C CA  . GLU A 1 82  ? -4.282  9.501   -0.489  1.00 16.38 ?  61  GLU A CA  1 
ATOM   502  C C   . GLU A 1 82  ? -5.464  8.619   -0.855  1.00 16.43 ?  61  GLU A C   1 
ATOM   503  O O   . GLU A 1 82  ? -6.110  8.841   -1.891  1.00 18.41 ?  61  GLU A O   1 
ATOM   504  C CB  . GLU A 1 82  ? -4.745  10.850  0.054   1.00 20.90 ?  61  GLU A CB  1 
ATOM   505  C CG  . GLU A 1 82  ? -5.675  10.734  1.234   1.00 25.32 ?  61  GLU A CG  1 
ATOM   506  C CD  . GLU A 1 82  ? -6.293  12.092  1.618   1.00 30.96 ?  61  GLU A CD  1 
ATOM   507  O OE1 . GLU A 1 82  ? -5.685  13.145  1.284   1.00 34.71 ?  61  GLU A OE1 1 
ATOM   508  O OE2 . GLU A 1 82  ? -7.388  12.111  2.225   1.00 34.55 ?  61  GLU A OE2 1 
ATOM   509  N N   . ILE A 1 83  ? -5.692  7.573   -0.058  1.00 14.87 ?  62  ILE A N   1 
ATOM   510  C CA  . ILE A 1 83  ? -6.907  6.766   -0.162  1.00 15.03 ?  62  ILE A CA  1 
ATOM   511  C C   . ILE A 1 83  ? -7.597  6.783   1.190   1.00 14.14 ?  62  ILE A C   1 
ATOM   512  O O   . ILE A 1 83  ? -6.944  6.711   2.232   1.00 14.85 ?  62  ILE A O   1 
ATOM   513  C CB  . ILE A 1 83  ? -6.655  5.312   -0.632  1.00 14.09 ?  62  ILE A CB  1 
ATOM   514  C CG1 . ILE A 1 83  ? -5.636  4.580   0.240   1.00 16.27 ?  62  ILE A CG1 1 
ATOM   515  C CG2 . ILE A 1 83  ? -6.173  5.291   -2.117  1.00 16.91 ?  62  ILE A CG2 1 
ATOM   516  C CD1 . ILE A 1 83  ? -5.545  3.096   -0.083  1.00 16.84 ?  62  ILE A CD1 1 
ATOM   517  N N   . SER A 1 84  ? -8.922  6.865   1.173   1.00 12.34 ?  63  SER A N   1 
ATOM   518  C CA  . SER A 1 84  ? -9.715  6.672   2.372   1.00 14.19 ?  63  SER A CA  1 
ATOM   519  C C   . SER A 1 84  ? -10.749 5.600   2.068   1.00 14.50 ?  63  SER A C   1 
ATOM   520  O O   . SER A 1 84  ? -11.281 5.556   0.956   1.00 14.59 ?  63  SER A O   1 
ATOM   521  C CB  . SER A 1 84  ? -10.420 7.960   2.825   1.00 16.28 ?  63  SER A CB  1 
ATOM   522  O OG  . SER A 1 84  ? -9.488  8.933   3.216   1.00 17.18 ?  63  SER A OG  1 
ATOM   523  N N   . PHE A 1 85  ? -11.006 4.716   3.028   1.00 12.77 ?  64  PHE A N   1 
ATOM   524  C CA  . PHE A 1 85  ? -11.827 3.559   2.721   1.00 11.88 ?  64  PHE A CA  1 
ATOM   525  C C   . PHE A 1 85  ? -12.408 3.002   4.007   1.00 11.73 ?  64  PHE A C   1 
ATOM   526  O O   . PHE A 1 85  ? -11.940 3.302   5.119   1.00 12.58 ?  64  PHE A O   1 
ATOM   527  C CB  . PHE A 1 85  ? -11.021 2.467   1.984   1.00 13.23 ?  64  PHE A CB  1 
ATOM   528  C CG  . PHE A 1 85  ? -9.795  2.016   2.745   1.00 13.28 ?  64  PHE A CG  1 
ATOM   529  C CD1 . PHE A 1 85  ? -8.567  2.693   2.604   1.00 12.97 ?  64  PHE A CD1 1 
ATOM   530  C CD2 . PHE A 1 85  ? -9.869  0.921   3.613   1.00 14.01 ?  64  PHE A CD2 1 
ATOM   531  C CE1 . PHE A 1 85  ? -7.465  2.291   3.323   1.00 12.15 ?  64  PHE A CE1 1 
ATOM   532  C CE2 . PHE A 1 85  ? -8.722  0.505   4.333   1.00 13.25 ?  64  PHE A CE2 1 
ATOM   533  C CZ  . PHE A 1 85  ? -7.542  1.178   4.180   1.00 12.64 ?  64  PHE A CZ  1 
ATOM   534  N N   . ILE A 1 86  ? -13.443 2.183   3.825   1.00 13.07 ?  65  ILE A N   1 
ATOM   535  C CA  . ILE A 1 86  ? -14.086 1.429   4.890   1.00 13.34 ?  65  ILE A CA  1 
ATOM   536  C C   . ILE A 1 86  ? -13.800 -0.037  4.584   1.00 12.46 ?  65  ILE A C   1 
ATOM   537  O O   . ILE A 1 86  ? -13.834 -0.453  3.420   1.00 13.81 ?  65  ILE A O   1 
ATOM   538  C CB  . ILE A 1 86  ? -15.597 1.739   4.951   1.00 15.09 ?  65  ILE A CB  1 
ATOM   539  C CG1 . ILE A 1 86  ? -15.782 3.230   5.346   1.00 15.60 ?  65  ILE A CG1 1 
ATOM   540  C CG2 . ILE A 1 86  ? -16.272 0.781   5.926   1.00 14.85 ?  65  ILE A CG2 1 
ATOM   541  C CD1 . ILE A 1 86  ? -17.259 3.687   5.322   1.00 17.15 ?  65  ILE A CD1 1 
ATOM   542  N N   . LEU A 1 87  ? -13.411 -0.803  5.604   1.00 13.91 ?  66  LEU A N   1 
ATOM   543  C CA  . LEU A 1 87  ? -13.052 -2.195  5.339   1.00 14.73 ?  66  LEU A CA  1 
ATOM   544  C C   . LEU A 1 87  ? -14.195 -2.937  4.674   1.00 14.83 ?  66  LEU A C   1 
ATOM   545  O O   . LEU A 1 87  ? -15.365 -2.776  5.049   1.00 16.57 ?  66  LEU A O   1 
ATOM   546  C CB  . LEU A 1 87  ? -12.641 -2.900  6.640   1.00 15.88 ?  66  LEU A CB  1 
ATOM   547  C CG  . LEU A 1 87  ? -11.392 -2.326  7.298   1.00 16.45 ?  66  LEU A CG  1 
ATOM   548  C CD1 . LEU A 1 87  ? -11.249 -2.918  8.689   1.00 16.98 ?  66  LEU A CD1 1 
ATOM   549  C CD2 . LEU A 1 87  ? -10.134 -2.589  6.473   1.00 16.52 ?  66  LEU A CD2 1 
ATOM   550  N N   . GLY A 1 88  ? -13.860 -3.694  3.629   1.00 14.17 ?  67  GLY A N   1 
ATOM   551  C CA  . GLY A 1 88  ? -14.808 -4.527  2.927   1.00 14.42 ?  67  GLY A CA  1 
ATOM   552  C C   . GLY A 1 88  ? -15.625 -3.822  1.871   1.00 15.57 ?  67  GLY A C   1 
ATOM   553  O O   . GLY A 1 88  ? -16.422 -4.491  1.181   1.00 16.13 ?  67  GLY A O   1 
ATOM   554  N N   . GLN A 1 89  ? -15.417 -2.515  1.664   1.00 13.85 ?  68  GLN A N   1 
ATOM   555  C CA  . GLN A 1 89  ? -16.232 -1.691  0.772   1.00 13.44 ?  68  GLN A CA  1 
ATOM   556  C C   . GLN A 1 89  ? -15.361 -1.211  -0.383  1.00 16.12 ?  68  GLN A C   1 
ATOM   557  O O   . GLN A 1 89  ? -14.447 -0.404  -0.187  1.00 14.15 ?  68  GLN A O   1 
ATOM   558  C CB  . GLN A 1 89  ? -16.883 -0.518  1.514   1.00 13.95 ?  68  GLN A CB  1 
ATOM   559  C CG  . GLN A 1 89  ? -17.648 -0.959  2.743   1.00 15.74 ?  68  GLN A CG  1 
ATOM   560  C CD  . GLN A 1 89  ? -18.649 0.067   3.233   1.00 16.69 ?  68  GLN A CD  1 
ATOM   561  O OE1 . GLN A 1 89  ? -18.782 1.162   2.696   1.00 22.44 ?  68  GLN A OE1 1 
ATOM   562  N NE2 . GLN A 1 89  ? -19.403 -0.332  4.229   1.00 21.32 ?  68  GLN A NE2 1 
ATOM   563  N N   . GLU A 1 90  ? -15.712 -1.648  -1.580  1.00 14.53 ?  69  GLU A N   1 
ATOM   564  C CA  . GLU A 1 90  ? -14.938 -1.341  -2.782  1.00 14.05 ?  69  GLU A CA  1 
ATOM   565  C C   . GLU A 1 90  ? -14.883 0.162   -3.042  1.00 13.56 ?  69  GLU A C   1 
ATOM   566  O O   . GLU A 1 90  ? -15.885 0.891   -2.857  1.00 15.56 ?  69  GLU A O   1 
ATOM   567  C CB  . GLU A 1 90  ? -15.575 -2.058  -3.983  1.00 15.21 ?  69  GLU A CB  1 
ATOM   568  C CG  . GLU A 1 90  ? -14.710 -1.920  -5.240  1.00 16.42 ?  69  GLU A CG  1 
ATOM   569  C CD  . GLU A 1 90  ? -15.201 -2.744  -6.415  1.00 23.00 ?  69  GLU A CD  1 
ATOM   570  O OE1 . GLU A 1 90  ? -16.337 -2.505  -6.854  1.00 25.70 ?  69  GLU A OE1 1 
ATOM   571  O OE2 . GLU A 1 90  ? -14.434 -3.621  -6.898  1.00 25.65 ?  69  GLU A OE2 1 
ATOM   572  N N   . PHE A 1 91  ? -13.735 0.627   -3.543  1.00 12.93 ?  70  PHE A N   1 
ATOM   573  C CA  . PHE A 1 91  ? -13.579 2.028   -3.884  1.00 13.82 ?  70  PHE A CA  1 
ATOM   574  C C   . PHE A 1 91  ? -12.752 2.163   -5.155  1.00 15.44 ?  70  PHE A C   1 
ATOM   575  O O   . PHE A 1 91  ? -12.103 1.231   -5.592  1.00 15.13 ?  70  PHE A O   1 
ATOM   576  C CB  . PHE A 1 91  ? -12.972 2.848   -2.725  1.00 13.84 ?  70  PHE A CB  1 
ATOM   577  C CG  . PHE A 1 91  ? -11.606 2.383   -2.260  1.00 14.51 ?  70  PHE A CG  1 
ATOM   578  C CD1 . PHE A 1 91  ? -11.480 1.337   -1.373  1.00 14.33 ?  70  PHE A CD1 1 
ATOM   579  C CD2 . PHE A 1 91  ? -10.459 3.009   -2.717  1.00 15.10 ?  70  PHE A CD2 1 
ATOM   580  C CE1 . PHE A 1 91  ? -10.227 0.895   -0.925  1.00 14.75 ?  70  PHE A CE1 1 
ATOM   581  C CE2 . PHE A 1 91  ? -9.184  2.608   -2.242  1.00 16.20 ?  70  PHE A CE2 1 
ATOM   582  C CZ  . PHE A 1 91  ? -9.080  1.528   -1.338  1.00 15.13 ?  70  PHE A CZ  1 
ATOM   583  N N   . ASP A 1 92  ? -12.816 3.349   -5.746  1.00 15.35 ?  71  ASP A N   1 
ATOM   584  C CA  . ASP A 1 92  ? -11.977 3.722   -6.880  1.00 16.13 ?  71  ASP A CA  1 
ATOM   585  C C   . ASP A 1 92  ? -10.649 4.277   -6.402  1.00 16.77 ?  71  ASP A C   1 
ATOM   586  O O   . ASP A 1 92  ? -10.615 5.143   -5.526  1.00 20.15 ?  71  ASP A O   1 
ATOM   587  C CB  . ASP A 1 92  ? -12.678 4.812   -7.697  1.00 18.42 ?  71  ASP A CB  1 
ATOM   588  C CG  . ASP A 1 92  ? -13.950 4.356   -8.281  1.00 23.37 ?  71  ASP A CG  1 
ATOM   589  O OD1 . ASP A 1 92  ? -13.928 3.340   -9.005  1.00 24.66 ?  71  ASP A OD1 1 
ATOM   590  O OD2 . ASP A 1 92  ? -14.984 5.027   -8.017  1.00 21.84 ?  71  ASP A OD2 1 
ATOM   591  N N   . GLU A 1 93  ? -9.542  3.821   -7.002  1.00 15.97 ?  72  GLU A N   1 
ATOM   592  C CA  . GLU A 1 93  ? -8.225  4.289   -6.618  1.00 16.90 ?  72  GLU A CA  1 
ATOM   593  C C   . GLU A 1 93  ? -7.471  4.660   -7.883  1.00 15.69 ?  72  GLU A C   1 
ATOM   594  O O   . GLU A 1 93  ? -7.476  3.885   -8.829  1.00 17.28 ?  72  GLU A O   1 
ATOM   595  C CB  . GLU A 1 93  ? -7.449  3.193   -5.850  1.00 15.87 ?  72  GLU A CB  1 
ATOM   596  C CG  . GLU A 1 93  ? -6.022  3.585   -5.428  1.00 15.50 ?  72  GLU A CG  1 
ATOM   597  C CD  . GLU A 1 93  ? -5.279  2.492   -4.661  1.00 16.35 ?  72  GLU A CD  1 
ATOM   598  O OE1 . GLU A 1 93  ? -5.737  1.323   -4.617  1.00 16.78 ?  72  GLU A OE1 1 
ATOM   599  O OE2 . GLU A 1 93  ? -4.189  2.819   -4.126  1.00 18.76 ?  72  GLU A OE2 1 
ATOM   600  N N   . VAL A 1 94  ? -6.796  5.802   -7.887  1.00 16.80 ?  73  VAL A N   1 
ATOM   601  C CA  . VAL A 1 94  ? -5.816  6.065   -8.946  1.00 16.70 ?  73  VAL A CA  1 
ATOM   602  C C   . VAL A 1 94  ? -4.460  5.884   -8.299  1.00 16.63 ?  73  VAL A C   1 
ATOM   603  O O   . VAL A 1 94  ? -4.084  6.626   -7.390  1.00 18.93 ?  73  VAL A O   1 
ATOM   604  C CB  . VAL A 1 94  ? -5.961  7.449   -9.581  1.00 20.86 ?  73  VAL A CB  1 
ATOM   605  C CG1 . VAL A 1 94  ? -4.876  7.629   -10.627 1.00 21.47 ?  73  VAL A CG1 1 
ATOM   606  C CG2 . VAL A 1 94  ? -7.333  7.584   -10.234 1.00 22.72 ?  73  VAL A CG2 1 
ATOM   607  N N   . THR A 1 95  ? -3.735  4.872   -8.751  1.00 15.48 ?  74  THR A N   1 
ATOM   608  C CA  . THR A 1 95  ? -2.490  4.512   -8.082  1.00 16.42 ?  74  THR A CA  1 
ATOM   609  C C   . THR A 1 95  ? -1.370  5.491   -8.435  1.00 16.60 ?  74  THR A C   1 
ATOM   610  O O   . THR A 1 95  ? -1.494  6.337   -9.327  1.00 17.50 ?  74  THR A O   1 
ATOM   611  C CB  . THR A 1 95  ? -2.089  3.101   -8.466  1.00 15.56 ?  74  THR A CB  1 
ATOM   612  O OG1 . THR A 1 95  ? -1.777  3.066   -9.859  1.00 15.28 ?  74  THR A OG1 1 
ATOM   613  C CG2 . THR A 1 95  ? -3.200  2.141   -8.177  1.00 15.57 ?  74  THR A CG2 1 
ATOM   614  N N   . ALA A 1 96  ? -0.254  5.378   -7.700  1.00 18.00 ?  75  ALA A N   1 
ATOM   615  C CA  . ALA A 1 96  ? 0.855   6.298   -7.940  1.00 17.82 ?  75  ALA A CA  1 
ATOM   616  C C   . ALA A 1 96  ? 1.394   6.166   -9.359  1.00 20.35 ?  75  ALA A C   1 
ATOM   617  O O   . ALA A 1 96  ? 1.841   7.160   -9.950  1.00 21.00 ?  75  ALA A O   1 
ATOM   618  C CB  . ALA A 1 96  ? 1.978   6.045   -6.950  1.00 19.19 ?  75  ALA A CB  1 
ATOM   619  N N   . ASP A 1 97  ? 1.330   4.967   -9.933  1.00 18.52 ?  76  ASP A N   1 
ATOM   620  C CA  . ASP A 1 97  ? 1.753   4.753   -11.306 1.00 16.78 ?  76  ASP A CA  1 
ATOM   621  C C   . ASP A 1 97  ? 0.650   5.005   -12.339 1.00 20.12 ?  76  ASP A C   1 
ATOM   622  O O   . ASP A 1 97  ? 0.834   4.660   -13.516 1.00 22.73 ?  76  ASP A O   1 
ATOM   623  C CB  . ASP A 1 97  ? 2.324   3.342   -11.464 1.00 19.78 ?  76  ASP A CB  1 
ATOM   624  C CG  . ASP A 1 97  ? 1.325   2.272   -11.153 1.00 18.80 ?  76  ASP A CG  1 
ATOM   625  O OD1 . ASP A 1 97  ? 0.735   2.305   -10.020 1.00 17.51 ?  76  ASP A OD1 1 
ATOM   626  O OD2 . ASP A 1 97  ? 1.139   1.388   -12.028 1.00 17.70 ?  76  ASP A OD2 1 
ATOM   627  N N   . ASP A 1 98  ? -0.471  5.593   -11.919 1.00 19.36 ?  77  ASP A N   1 
ATOM   628  C CA  . ASP A 1 98  ? -1.542  6.098   -12.782 1.00 22.36 ?  77  ASP A CA  1 
ATOM   629  C C   . ASP A 1 98  ? -2.400  4.984   -13.354 1.00 21.52 ?  77  ASP A C   1 
ATOM   630  O O   . ASP A 1 98  ? -2.946  5.118   -14.453 1.00 23.50 ?  77  ASP A O   1 
ATOM   631  C CB  . ASP A 1 98  ? -1.015  6.989   -13.929 1.00 24.44 ?  77  ASP A CB  1 
ATOM   632  C CG  . ASP A 1 98  ? -2.044  8.024   -14.374 1.00 34.89 ?  77  ASP A CG  1 
ATOM   633  O OD1 . ASP A 1 98  ? -2.926  8.379   -13.568 1.00 37.96 ?  77  ASP A OD1 1 
ATOM   634  O OD2 . ASP A 1 98  ? -1.983  8.501   -15.528 1.00 40.05 ?  77  ASP A OD2 1 
ATOM   635  N N   . ARG A 1 99  ? -2.523  3.865   -12.658 1.00 17.55 ?  78  ARG A N   1 
ATOM   636  C CA  . ARG A 1 99  ? -3.604  2.949   -12.971 1.00 16.32 ?  78  ARG A CA  1 
ATOM   637  C C   . ARG A 1 99  ? -4.888  3.398   -12.292 1.00 15.40 ?  78  ARG A C   1 
ATOM   638  O O   . ARG A 1 99  ? -4.867  3.880   -11.158 1.00 17.82 ?  78  ARG A O   1 
ATOM   639  C CB  . ARG A 1 99  ? -3.302  1.535   -12.484 1.00 16.83 ?  78  ARG A CB  1 
ATOM   640  C CG  . ARG A 1 99  ? -2.224  0.812   -13.298 1.00 16.45 ?  78  ARG A CG  1 
ATOM   641  C CD  . ARG A 1 99  ? -1.820  -0.529  -12.644 1.00 15.51 ?  78  ARG A CD  1 
ATOM   642  N NE  . ARG A 1 99  ? -1.046  -0.230  -11.443 1.00 15.14 ?  78  ARG A NE  1 
ATOM   643  C CZ  . ARG A 1 99  ? -1.264  -0.736  -10.224 1.00 15.44 ?  78  ARG A CZ  1 
ATOM   644  N NH1 . ARG A 1 99  ? -2.145  -1.725  -10.015 1.00 14.52 ?  78  ARG A NH1 1 
ATOM   645  N NH2 . ARG A 1 99  ? -0.524  -0.287  -9.232  1.00 15.68 ?  78  ARG A NH2 1 
ATOM   646  N N   . LYS A 1 100 ? -6.012  3.217   -12.985 1.00 15.85 ?  79  LYS A N   1 
ATOM   647  C CA  . LYS A 1 100 ? -7.340  3.442   -12.399 1.00 17.18 ?  79  LYS A CA  1 
ATOM   648  C C   . LYS A 1 100 ? -7.868  2.068   -12.013 1.00 15.94 ?  79  LYS A C   1 
ATOM   649  O O   . LYS A 1 100 ? -8.128  1.226   -12.874 1.00 19.36 ?  79  LYS A O   1 
ATOM   650  C CB  . LYS A 1 100 ? -8.258  4.170   -13.384 1.00 17.82 ?  79  LYS A CB  1 
ATOM   651  C CG  . LYS A 1 100 ? -9.642  4.441   -12.794 1.00 25.82 ?  79  LYS A CG  1 
ATOM   652  C CD  . LYS A 1 100 ? -10.674 4.809   -13.884 1.00 32.05 ?  79  LYS A CD  1 
ATOM   653  C CE  . LYS A 1 100 ? -12.014 5.232   -13.273 1.00 34.56 ?  79  LYS A CE  1 
ATOM   654  N NZ  . LYS A 1 100 ? -12.999 5.630   -14.353 1.00 36.53 ?  79  LYS A NZ  1 
ATOM   655  N N   . VAL A 1 101 ? -7.941  1.800   -10.709 1.00 14.61 ?  80  VAL A N   1 
ATOM   656  C CA  . VAL A 1 101 ? -8.215  0.447   -10.247 1.00 14.93 ?  80  VAL A CA  1 
ATOM   657  C C   . VAL A 1 101 ? -9.446  0.457   -9.344  1.00 14.83 ?  80  VAL A C   1 
ATOM   658  O O   . VAL A 1 101 ? -9.862  1.494   -8.809  1.00 15.66 ?  80  VAL A O   1 
ATOM   659  C CB  . VAL A 1 101 ? -7.011  -0.175  -9.494  1.00 13.72 ?  80  VAL A CB  1 
ATOM   660  C CG1 . VAL A 1 101 ? -5.718  -0.015  -10.329 1.00 16.31 ?  80  VAL A CG1 1 
ATOM   661  C CG2 . VAL A 1 101 ? -6.840  0.528   -8.147  1.00 13.22 ?  80  VAL A CG2 1 
ATOM   662  N N   . LYS A 1 102 ? -10.060 -0.709  -9.222  1.00 14.71 ?  81  LYS A N   1 
ATOM   663  C CA  . LYS A 1 102 ? -11.065 -0.962  -8.203  1.00 16.22 ?  81  LYS A CA  1 
ATOM   664  C C   . LYS A 1 102 ? -10.384 -1.672  -7.042  1.00 14.57 ?  81  LYS A C   1 
ATOM   665  O O   . LYS A 1 102 ? -9.809  -2.754  -7.228  1.00 14.97 ?  81  LYS A O   1 
ATOM   666  C CB  . LYS A 1 102 ? -12.201 -1.834  -8.727  1.00 16.20 ?  81  LYS A CB  1 
ATOM   667  C CG  . LYS A 1 102 ? -12.916 -1.226  -9.929  1.00 20.12 ?  81  LYS A CG  1 
ATOM   668  C CD  . LYS A 1 102 ? -13.815 -0.106  -9.501  1.00 19.98 ?  81  LYS A CD  1 
ATOM   669  C CE  . LYS A 1 102 ? -14.746 0.275   -10.677 1.00 22.79 ?  81  LYS A CE  1 
ATOM   670  N NZ  . LYS A 1 102 ? -15.478 1.518   -10.307 1.00 29.35 ?  81  LYS A NZ  1 
ATOM   671  N N   . SER A 1 103 ? -10.486 -1.091  -5.847  1.00 12.59 ?  82  SER A N   1 
ATOM   672  C CA  . SER A 1 103 ? -9.773  -1.605  -4.686  1.00 12.24 ?  82  SER A CA  1 
ATOM   673  C C   . SER A 1 103 ? -10.740 -2.040  -3.601  1.00 12.73 ?  82  SER A C   1 
ATOM   674  O O   . SER A 1 103 ? -11.728 -1.374  -3.348  1.00 14.12 ?  82  SER A O   1 
ATOM   675  C CB  . SER A 1 103 ? -8.881  -0.537  -4.104  1.00 13.41 ?  82  SER A CB  1 
ATOM   676  O OG  . SER A 1 103 ? -7.748  -0.366  -4.987  1.00 14.39 ?  82  SER A OG  1 
ATOM   677  N N   . THR A 1 104 ? -10.414 -3.124  -2.910  1.00 12.18 ?  83  THR A N   1 
ATOM   678  C CA  . THR A 1 104 ? -11.144 -3.520  -1.713  1.00 13.23 ?  83  THR A CA  1 
ATOM   679  C C   . THR A 1 104 ? -10.129 -3.910  -0.670  1.00 12.67 ?  83  THR A C   1 
ATOM   680  O O   . THR A 1 104 ? -9.194  -4.665  -0.976  1.00 13.36 ?  83  THR A O   1 
ATOM   681  C CB  . THR A 1 104 ? -12.060 -4.707  -1.983  1.00 15.52 ?  83  THR A CB  1 
ATOM   682  O OG1 . THR A 1 104 ? -12.937 -4.382  -3.069  1.00 15.94 ?  83  THR A OG1 1 
ATOM   683  C CG2 . THR A 1 104 ? -12.902 -5.047  -0.745  1.00 15.85 ?  83  THR A CG2 1 
ATOM   684  N N   . ILE A 1 105 ? -10.273 -3.387  0.546   1.00 12.04 ?  84  ILE A N   1 
ATOM   685  C CA  . ILE A 1 105 ? -9.302  -3.668  1.600   1.00 11.77 ?  84  ILE A CA  1 
ATOM   686  C C   . ILE A 1 105 ? -10.064 -4.287  2.759   1.00 11.89 ?  84  ILE A C   1 
ATOM   687  O O   . ILE A 1 105 ? -11.105 -3.760  3.168   1.00 13.83 ?  84  ILE A O   1 
ATOM   688  C CB  . ILE A 1 105 ? -8.555  -2.402  2.045   1.00 11.66 ?  84  ILE A CB  1 
ATOM   689  C CG1 . ILE A 1 105 ? -7.850  -1.765  0.846   1.00 12.28 ?  84  ILE A CG1 1 
ATOM   690  C CG2 . ILE A 1 105 ? -7.571  -2.719  3.198   1.00 13.02 ?  84  ILE A CG2 1 
ATOM   691  C CD1 . ILE A 1 105 ? -7.035  -0.499  1.166   1.00 13.46 ?  84  ILE A CD1 1 
ATOM   692  N N   . THR A 1 106 ? -9.557  -5.420  3.254   1.00 12.35 ?  85  THR A N   1 
ATOM   693  C CA  . THR A 1 106 ? -10.156 -6.099  4.394   1.00 13.65 ?  85  THR A CA  1 
ATOM   694  C C   . THR A 1 106 ? -9.104  -6.317  5.457   1.00 16.09 ?  85  THR A C   1 
ATOM   695  O O   . THR A 1 106 ? -7.917  -6.146  5.231   1.00 14.63 ?  85  THR A O   1 
ATOM   696  C CB  . THR A 1 106 ? -10.784 -7.437  3.973   1.00 17.88 ?  85  THR A CB  1 
ATOM   697  O OG1 . THR A 1 106 ? -9.811  -8.228  3.279   1.00 18.92 ?  85  THR A OG1 1 
ATOM   698  C CG2 . THR A 1 106 ? -11.982 -7.180  3.010   1.00 18.28 ?  85  THR A CG2 1 
ATOM   699  N N   . LEU A 1 107 ? -9.535  -6.707  6.644   1.00 16.75 ?  86  LEU A N   1 
ATOM   700  C CA  . LEU A 1 107 ? -8.614  -7.036  7.715   1.00 16.97 ?  86  LEU A CA  1 
ATOM   701  C C   . LEU A 1 107 ? -8.746  -8.530  7.948   1.00 21.17 ?  86  LEU A C   1 
ATOM   702  O O   . LEU A 1 107 ? -9.849  -9.007  8.248   1.00 23.87 ?  86  LEU A O   1 
ATOM   703  C CB  . LEU A 1 107 ? -8.941  -6.227  8.981   1.00 19.09 ?  86  LEU A CB  1 
ATOM   704  C CG  . LEU A 1 107 ? -7.970  -5.870  10.079  1.00 24.70 ?  86  LEU A CG  1 
ATOM   705  C CD1 . LEU A 1 107 ? -6.648  -5.329  9.594   1.00 20.88 ?  86  LEU A CD1 1 
ATOM   706  C CD2 . LEU A 1 107 ? -8.693  -4.825  10.928  1.00 22.46 ?  86  LEU A CD2 1 
ATOM   707  N N   . ASP A 1 108 ? -7.645  -9.270  7.794   1.00 19.22 ?  87  ASP A N   1 
ATOM   708  C CA  . ASP A 1 108 ? -7.633  -10.714 8.008   1.00 21.14 ?  87  ASP A CA  1 
ATOM   709  C C   . ASP A 1 108 ? -6.572  -11.034 9.050   1.00 20.08 ?  87  ASP A C   1 
ATOM   710  O O   . ASP A 1 108 ? -5.375  -10.974 8.767   1.00 19.65 ?  87  ASP A O   1 
ATOM   711  C CB  . ASP A 1 108 ? -7.380  -11.453 6.695   1.00 23.90 ?  87  ASP A CB  1 
ATOM   712  C CG  . ASP A 1 108 ? -6.946  -12.905 6.887   1.00 32.03 ?  87  ASP A CG  1 
ATOM   713  O OD1 . ASP A 1 108 ? -7.532  -13.615 7.751   1.00 31.90 ?  87  ASP A OD1 1 
ATOM   714  O OD2 . ASP A 1 108 ? -6.069  -13.363 6.108   1.00 35.89 ?  87  ASP A OD2 1 
ATOM   715  N N   . GLY A 1 109 ? -7.008  -11.378 10.254  1.00 20.42 ?  88  GLY A N   1 
ATOM   716  C CA  . GLY A 1 109 ? -6.043  -11.703 11.307  1.00 21.77 ?  88  GLY A CA  1 
ATOM   717  C C   . GLY A 1 109 ? -4.945  -10.680 11.519  1.00 22.73 ?  88  GLY A C   1 
ATOM   718  O O   . GLY A 1 109 ? -3.752  -11.011 11.589  1.00 24.92 ?  88  GLY A O   1 
ATOM   719  N N   . GLY A 1 110 ? -5.335  -9.423  11.614  1.00 20.88 ?  89  GLY A N   1 
ATOM   720  C CA  . GLY A 1 110 ? -4.360  -8.388  11.876  1.00 18.38 ?  89  GLY A CA  1 
ATOM   721  C C   . GLY A 1 110 ? -3.703  -7.805  10.638  1.00 19.29 ?  89  GLY A C   1 
ATOM   722  O O   . GLY A 1 110 ? -2.997  -6.795  10.748  1.00 19.33 ?  89  GLY A O   1 
ATOM   723  N N   . VAL A 1 111 ? -3.940  -8.377  9.461   1.00 15.95 ?  90  VAL A N   1 
ATOM   724  C CA  . VAL A 1 111 ? -3.252  -7.968  8.245   1.00 14.00 ?  90  VAL A CA  1 
ATOM   725  C C   . VAL A 1 111 ? -4.238  -7.234  7.353   1.00 14.25 ?  90  VAL A C   1 
ATOM   726  O O   . VAL A 1 111 ? -5.352  -7.721  7.121   1.00 14.54 ?  90  VAL A O   1 
ATOM   727  C CB  . VAL A 1 111 ? -2.681  -9.185  7.504   1.00 15.05 ?  90  VAL A CB  1 
ATOM   728  C CG1 . VAL A 1 111 ? -2.052  -8.780  6.121   1.00 16.95 ?  90  VAL A CG1 1 
ATOM   729  C CG2 . VAL A 1 111 ? -1.732  -9.960  8.378   1.00 19.22 ?  90  VAL A CG2 1 
ATOM   730  N N   . LEU A 1 112 ? -3.863  -6.043  6.886   1.00 13.57 ?  91  LEU A N   1 
ATOM   731  C CA  . LEU A 1 112 ? -4.687  -5.344  5.901   1.00 13.11 ?  91  LEU A CA  1 
ATOM   732  C C   . LEU A 1 112 ? -4.420  -5.978  4.552   1.00 12.89 ?  91  LEU A C   1 
ATOM   733  O O   . LEU A 1 112 ? -3.273  -6.022  4.110   1.00 13.05 ?  91  LEU A O   1 
ATOM   734  C CB  . LEU A 1 112 ? -4.345  -3.854  5.842   1.00 15.15 ?  91  LEU A CB  1 
ATOM   735  C CG  . LEU A 1 112 ? -4.875  -3.023  7.010   1.00 14.42 ?  91  LEU A CG  1 
ATOM   736  C CD1 . LEU A 1 112 ? -4.188  -1.651  6.980   1.00 16.70 ?  91  LEU A CD1 1 
ATOM   737  C CD2 . LEU A 1 112 ? -6.396  -2.855  6.937   1.00 14.76 ?  91  LEU A CD2 1 
ATOM   738  N N   . VAL A 1 113 ? -5.460  -6.493  3.908   1.00 12.08 ?  92  VAL A N   1 
ATOM   739  C CA  . VAL A 1 113 ? -5.333  -7.174  2.623   1.00 12.30 ?  92  VAL A CA  1 
ATOM   740  C C   . VAL A 1 113 ? -6.032  -6.308  1.592   1.00 11.91 ?  92  VAL A C   1 
ATOM   741  O O   . VAL A 1 113 ? -7.249  -6.111  1.660   1.00 13.62 ?  92  VAL A O   1 
ATOM   742  C CB  . VAL A 1 113 ? -5.944  -8.583  2.663   1.00 12.05 ?  92  VAL A CB  1 
ATOM   743  C CG1 . VAL A 1 113 ? -5.833  -9.258  1.327   1.00 13.94 ?  92  VAL A CG1 1 
ATOM   744  C CG2 . VAL A 1 113 ? -5.245  -9.424  3.780   1.00 15.00 ?  92  VAL A CG2 1 
ATOM   745  N N   . HIS A 1 114 ? -5.289  -5.837  0.602   1.00 12.70 ?  93  HIS A N   1 
ATOM   746  C CA  . HIS A 1 114 ? -5.751  -4.848  -0.379  1.00 12.58 ?  93  HIS A CA  1 
ATOM   747  C C   . HIS A 1 114 ? -5.660  -5.484  -1.756  1.00 13.52 ?  93  HIS A C   1 
ATOM   748  O O   . HIS A 1 114 ? -4.574  -5.807  -2.219  1.00 13.83 ?  93  HIS A O   1 
ATOM   749  C CB  . HIS A 1 114 ? -4.859  -3.603  -0.250  1.00 13.62 ?  93  HIS A CB  1 
ATOM   750  C CG  . HIS A 1 114 ? -5.108  -2.505  -1.244  1.00 13.05 ?  93  HIS A CG  1 
ATOM   751  N ND1 . HIS A 1 114 ? -4.399  -1.333  -1.168  1.00 14.44 ?  93  HIS A ND1 1 
ATOM   752  C CD2 . HIS A 1 114 ? -5.995  -2.354  -2.257  1.00 14.81 ?  93  HIS A CD2 1 
ATOM   753  C CE1 . HIS A 1 114 ? -4.823  -0.502  -2.114  1.00 14.55 ?  93  HIS A CE1 1 
ATOM   754  N NE2 . HIS A 1 114 ? -5.775  -1.106  -2.800  1.00 14.58 ?  93  HIS A NE2 1 
ATOM   755  N N   . VAL A 1 115 ? -6.795  -5.666  -2.423  1.00 12.74 ?  94  VAL A N   1 
ATOM   756  C CA  . VAL A 1 115 ? -6.800  -6.196  -3.772  1.00 12.28 ?  94  VAL A CA  1 
ATOM   757  C C   . VAL A 1 115 ? -7.108  -5.058  -4.730  1.00 13.69 ?  94  VAL A C   1 
ATOM   758  O O   . VAL A 1 115 ? -8.084  -4.327  -4.522  1.00 14.02 ?  94  VAL A O   1 
ATOM   759  C CB  . VAL A 1 115 ? -7.824  -7.331  -3.898  1.00 16.09 ?  94  VAL A CB  1 
ATOM   760  C CG1 . VAL A 1 115 ? -7.841  -7.907  -5.327  1.00 20.31 ?  94  VAL A CG1 1 
ATOM   761  C CG2 . VAL A 1 115 ? -7.529  -8.395  -2.832  1.00 19.06 ?  94  VAL A CG2 1 
ATOM   762  N N   . GLN A 1 116 ? -6.265  -4.883  -5.746  1.00 13.02 ?  95  GLN A N   1 
ATOM   763  C CA  . GLN A 1 116 ? -6.516  -3.937  -6.829  1.00 13.20 ?  95  GLN A CA  1 
ATOM   764  C C   . GLN A 1 116 ? -6.857  -4.708  -8.098  1.00 14.84 ?  95  GLN A C   1 
ATOM   765  O O   . GLN A 1 116 ? -6.124  -5.628  -8.483  1.00 15.66 ?  95  GLN A O   1 
ATOM   766  C CB  . GLN A 1 116 ? -5.304  -3.066  -7.117  1.00 13.90 ?  95  GLN A CB  1 
ATOM   767  C CG  . GLN A 1 116 ? -4.847  -2.198  -5.935  1.00 13.48 ?  95  GLN A CG  1 
ATOM   768  C CD  . GLN A 1 116 ? -3.558  -1.490  -6.239  1.00 13.54 ?  95  GLN A CD  1 
ATOM   769  O OE1 . GLN A 1 116 ? -2.748  -1.970  -7.045  1.00 14.27 ?  95  GLN A OE1 1 
ATOM   770  N NE2 . GLN A 1 116 ? -3.340  -0.353  -5.613  1.00 14.22 ?  95  GLN A NE2 1 
ATOM   771  N N   . LYS A 1 117 ? -7.930  -4.294  -8.766  1.00 14.60 ?  96  LYS A N   1 
ATOM   772  C CA  . LYS A 1 117 ? -8.398  -4.922  -10.001 1.00 15.70 ?  96  LYS A CA  1 
ATOM   773  C C   . LYS A 1 117 ? -8.450  -3.891  -11.118 1.00 16.32 ?  96  LYS A C   1 
ATOM   774  O O   . LYS A 1 117 ? -9.008  -2.810  -10.926 1.00 17.10 ?  96  LYS A O   1 
ATOM   775  C CB  . LYS A 1 117 ? -9.800  -5.483  -9.846  1.00 18.67 ?  96  LYS A CB  1 
ATOM   776  C CG  . LYS A 1 117 ? -9.978  -6.415  -8.682  1.00 24.45 ?  96  LYS A CG  1 
ATOM   777  C CD  . LYS A 1 117 ? -9.443  -7.772  -9.045  1.00 27.65 ?  96  LYS A CD  1 
ATOM   778  C CE  . LYS A 1 117 ? -9.999  -8.860  -8.120  1.00 29.36 ?  96  LYS A CE  1 
ATOM   779  N NZ  . LYS A 1 117 ? -9.405  -10.180 -8.528  1.00 34.53 ?  96  LYS A NZ  1 
ATOM   780  N N   . TRP A 1 118 ? -7.881  -4.226  -12.278 1.00 16.36 ?  97  TRP A N   1 
ATOM   781  C CA  . TRP A 1 118 ? -7.962  -3.309  -13.408 1.00 17.23 ?  97  TRP A CA  1 
ATOM   782  C C   . TRP A 1 118 ? -7.653  -4.087  -14.677 1.00 22.36 ?  97  TRP A C   1 
ATOM   783  O O   . TRP A 1 118 ? -6.844  -5.011  -14.651 1.00 21.32 ?  97  TRP A O   1 
ATOM   784  C CB  . TRP A 1 118 ? -6.991  -2.124  -13.250 1.00 19.82 ?  97  TRP A CB  1 
ATOM   785  C CG  . TRP A 1 118 ? -5.562  -2.503  -13.535 1.00 18.42 ?  97  TRP A CG  1 
ATOM   786  C CD1 . TRP A 1 118 ? -4.854  -2.172  -14.656 1.00 20.45 ?  97  TRP A CD1 1 
ATOM   787  C CD2 . TRP A 1 118 ? -4.693  -3.303  -12.727 1.00 16.40 ?  97  TRP A CD2 1 
ATOM   788  N NE1 . TRP A 1 118 ? -3.596  -2.706  -14.594 1.00 18.35 ?  97  TRP A NE1 1 
ATOM   789  C CE2 . TRP A 1 118 ? -3.465  -3.406  -13.418 1.00 17.97 ?  97  TRP A CE2 1 
ATOM   790  C CE3 . TRP A 1 118 ? -4.829  -3.938  -11.481 1.00 15.25 ?  97  TRP A CE3 1 
ATOM   791  C CZ2 . TRP A 1 118 ? -2.396  -4.132  -12.939 1.00 18.46 ?  97  TRP A CZ2 1 
ATOM   792  C CZ3 . TRP A 1 118 ? -3.766  -4.659  -11.001 1.00 15.76 ?  97  TRP A CZ3 1 
ATOM   793  C CH2 . TRP A 1 118 ? -2.551  -4.737  -11.713 1.00 15.55 ?  97  TRP A CH2 1 
ATOM   794  N N   . ASP A 1 119 ? -8.349  -3.747  -15.766 1.00 24.45 ?  98  ASP A N   1 
ATOM   795  C CA  . ASP A 1 119 ? -8.022  -4.290  -17.101 1.00 24.88 ?  98  ASP A CA  1 
ATOM   796  C C   . ASP A 1 119 ? -7.896  -5.811  -17.093 1.00 24.59 ?  98  ASP A C   1 
ATOM   797  O O   . ASP A 1 119 ? -7.025  -6.389  -17.746 1.00 28.09 ?  98  ASP A O   1 
ATOM   798  C CB  . ASP A 1 119 ? -6.743  -3.653  -17.643 1.00 27.16 ?  98  ASP A CB  1 
ATOM   799  C CG  . ASP A 1 119 ? -6.930  -2.182  -17.974 1.00 32.75 ?  98  ASP A CG  1 
ATOM   800  O OD1 . ASP A 1 119 ? -8.075  -1.791  -18.304 1.00 38.28 ?  98  ASP A OD1 1 
ATOM   801  O OD2 . ASP A 1 119 ? -5.939  -1.420  -17.918 1.00 38.73 ?  98  ASP A OD2 1 
ATOM   802  N N   . GLY A 1 120 ? -8.757  -6.466  -16.333 1.00 25.26 ?  99  GLY A N   1 
ATOM   803  C CA  . GLY A 1 120 ? -8.692  -7.915  -16.254 1.00 25.49 ?  99  GLY A CA  1 
ATOM   804  C C   . GLY A 1 120 ? -7.573  -8.480  -15.407 1.00 25.30 ?  99  GLY A C   1 
ATOM   805  O O   . GLY A 1 120 ? -7.360  -9.692  -15.405 1.00 28.56 ?  99  GLY A O   1 
ATOM   806  N N   . LYS A 1 121 ? -6.841  -7.641  -14.692 1.00 22.80 ?  100 LYS A N   1 
ATOM   807  C CA  . LYS A 1 121 ? -5.705  -8.049  -13.884 1.00 18.44 ?  100 LYS A CA  1 
ATOM   808  C C   . LYS A 1 121 ? -6.016  -7.805  -12.415 1.00 17.48 ?  100 LYS A C   1 
ATOM   809  O O   . LYS A 1 121 ? -6.955  -7.082  -12.074 1.00 16.64 ?  100 LYS A O   1 
ATOM   810  C CB  . LYS A 1 121 ? -4.464  -7.267  -14.281 1.00 17.91 ?  100 LYS A CB  1 
ATOM   811  C CG  . LYS A 1 121 ? -3.924  -7.673  -15.646 1.00 24.63 ?  100 LYS A CG  1 
ATOM   812  C CD  . LYS A 1 121 ? -2.582  -7.079  -15.859 1.00 28.53 ?  100 LYS A CD  1 
ATOM   813  C CE  . LYS A 1 121 ? -2.707  -5.653  -16.271 1.00 29.68 ?  100 LYS A CE  1 
ATOM   814  N NZ  . LYS A 1 121 ? -3.079  -5.677  -17.720 1.00 34.14 ?  100 LYS A NZ  1 
ATOM   815  N N   . SER A 1 122 ? -5.203  -8.413  -11.560 1.00 16.96 ?  101 SER A N   1 
ATOM   816  C CA  . SER A 1 122 ? -5.384  -8.247  -10.126 1.00 16.52 ?  101 SER A CA  1 
ATOM   817  C C   . SER A 1 122 ? -4.035  -8.334  -9.431  1.00 17.06 ?  101 SER A C   1 
ATOM   818  O O   . SER A 1 122 ? -3.186  -9.132  -9.818  1.00 17.66 ?  101 SER A O   1 
ATOM   819  C CB  . SER A 1 122 ? -6.328  -9.336  -9.598  1.00 19.52 ?  101 SER A CB  1 
ATOM   820  O OG  . SER A 1 122 ? -6.560  -9.210  -8.232  1.00 26.51 ?  101 SER A OG  1 
ATOM   821  N N   . THR A 1 123 ? -3.852  -7.519  -8.388  1.00 13.75 ?  102 THR A N   1 
ATOM   822  C CA  . THR A 1 123 ? -2.677  -7.627  -7.542  1.00 15.08 ?  102 THR A CA  1 
ATOM   823  C C   . THR A 1 123 ? -3.129  -7.475  -6.096  1.00 14.61 ?  102 THR A C   1 
ATOM   824  O O   . THR A 1 123 ? -4.175  -6.885  -5.828  1.00 12.98 ?  102 THR A O   1 
ATOM   825  C CB  . THR A 1 123 ? -1.605  -6.582  -7.951  1.00 14.70 ?  102 THR A CB  1 
ATOM   826  O OG1 . THR A 1 123 ? -0.382  -6.831  -7.220  1.00 16.43 ?  102 THR A OG1 1 
ATOM   827  C CG2 . THR A 1 123 ? -2.062  -5.169  -7.661  1.00 15.78 ?  102 THR A CG2 1 
ATOM   828  N N   . THR A 1 124 ? -2.391  -8.082  -5.180  1.00 13.93 ?  103 THR A N   1 
ATOM   829  C CA  . THR A 1 124 ? -2.711  -8.084  -3.753  1.00 14.28 ?  103 THR A CA  1 
ATOM   830  C C   . THR A 1 124 ? -1.562  -7.478  -2.977  1.00 15.52 ?  103 THR A C   1 
ATOM   831  O O   . THR A 1 124 ? -0.399  -7.820  -3.215  1.00 16.27 ?  103 THR A O   1 
ATOM   832  C CB  . THR A 1 124 ? -3.003  -9.497  -3.257  1.00 17.43 ?  103 THR A CB  1 
ATOM   833  O OG1 . THR A 1 124 ? -4.128  -9.999  -3.965  1.00 20.21 ?  103 THR A OG1 1 
ATOM   834  C CG2 . THR A 1 124 ? -3.305  -9.527  -1.752  1.00 17.50 ?  103 THR A CG2 1 
ATOM   835  N N   . ILE A 1 125 ? -1.883  -6.529  -2.115  1.00 13.10 ?  104 ILE A N   1 
ATOM   836  C CA  . ILE A 1 125 ? -0.912  -5.832  -1.283  1.00 12.13 ?  104 ILE A CA  1 
ATOM   837  C C   . ILE A 1 125 ? -1.309  -6.114  0.153   1.00 11.66 ?  104 ILE A C   1 
ATOM   838  O O   . ILE A 1 125 ? -2.448  -5.855  0.532   1.00 13.20 ?  104 ILE A O   1 
ATOM   839  C CB  . ILE A 1 125 ? -0.950  -4.322  -1.554  1.00 13.62 ?  104 ILE A CB  1 
ATOM   840  C CG1 . ILE A 1 125 ? -0.645  -4.033  -3.014  1.00 14.85 ?  104 ILE A CG1 1 
ATOM   841  C CG2 . ILE A 1 125 ? 0.036   -3.582  -0.654  1.00 15.41 ?  104 ILE A CG2 1 
ATOM   842  C CD1 . ILE A 1 125 ? -1.578  -2.989  -3.504  1.00 19.93 ?  104 ILE A CD1 1 
ATOM   843  N N   . LYS A 1 126 ? -0.392  -6.655  0.937   1.00 11.74 ?  105 LYS A N   1 
ATOM   844  C CA  . LYS A 1 126 ? -0.662  -6.920  2.346   1.00 12.44 ?  105 LYS A CA  1 
ATOM   845  C C   . LYS A 1 126 ? 0.189   -5.987  3.183   1.00 13.66 ?  105 LYS A C   1 
ATOM   846  O O   . LYS A 1 126 ? 1.354   -5.748  2.862   1.00 13.58 ?  105 LYS A O   1 
ATOM   847  C CB  . LYS A 1 126 ? -0.331  -8.375  2.671   1.00 14.01 ?  105 LYS A CB  1 
ATOM   848  C CG  . LYS A 1 126 ? -1.301  -9.350  2.015   1.00 17.09 ?  105 LYS A CG  1 
ATOM   849  C CD  . LYS A 1 126 ? -1.012  -10.763 2.509   1.00 20.76 ?  105 LYS A CD  1 
ATOM   850  C CE  . LYS A 1 126 ? -1.968  -11.794 1.859   1.00 29.52 ?  105 LYS A CE  1 
ATOM   851  N NZ  . LYS A 1 126 ? -1.598  -13.202 2.269   1.00 36.25 ?  105 LYS A NZ  1 
ATOM   852  N N   . ARG A 1 127 ? -0.392  -5.419  4.208   1.00 12.71 ?  106 ARG A N   1 
ATOM   853  C CA  . ARG A 1 127 ? 0.297   -4.505  5.097   1.00 12.63 ?  106 ARG A CA  1 
ATOM   854  C C   . ARG A 1 127 ? 0.158   -5.074  6.491   1.00 13.92 ?  106 ARG A C   1 
ATOM   855  O O   . ARG A 1 127 ? -0.955  -5.400  6.915   1.00 15.03 ?  106 ARG A O   1 
ATOM   856  C CB  . ARG A 1 127 ? -0.308  -3.094  5.028   1.00 13.26 ?  106 ARG A CB  1 
ATOM   857  C CG  . ARG A 1 127 ? -0.164  -2.379  3.664   1.00 15.38 ?  106 ARG A CG  1 
ATOM   858  C CD  . ARG A 1 127 ? -0.964  -1.100  3.564   1.00 17.75 ?  106 ARG A CD  1 
ATOM   859  N NE  . ARG A 1 127 ? -0.777  -0.347  2.312   1.00 17.57 ?  106 ARG A NE  1 
ATOM   860  C CZ  . ARG A 1 127 ? -1.584  -0.423  1.260   1.00 18.65 ?  106 ARG A CZ  1 
ATOM   861  N NH1 . ARG A 1 127 ? -2.610  -1.276  1.201   1.00 15.94 ?  106 ARG A NH1 1 
ATOM   862  N NH2 . ARG A 1 127 ? -1.358  0.378   0.225   1.00 17.54 ?  106 ARG A NH2 1 
ATOM   863  N N   . LYS A 1 128 ? 1.269   -5.224  7.190   1.00 15.05 ?  107 LYS A N   1 
ATOM   864  C CA  . LYS A 1 128 ? 1.173   -5.797  8.516   1.00 16.31 ?  107 LYS A CA  1 
ATOM   865  C C   . LYS A 1 128 ? 2.220   -5.210  9.443   1.00 16.25 ?  107 LYS A C   1 
ATOM   866  O O   . LYS A 1 128 ? 3.265   -4.717  9.034   1.00 16.48 ?  107 LYS A O   1 
ATOM   867  C CB  . LYS A 1 128 ? 1.293   -7.304  8.484   1.00 21.69 ?  107 LYS A CB  1 
ATOM   868  C CG  . LYS A 1 128 ? 2.630   -7.765  8.198   1.00 23.25 ?  107 LYS A CG  1 
ATOM   869  C CD  . LYS A 1 128 ? 2.638   -9.254  7.792   1.00 35.41 ?  107 LYS A CD  1 
ATOM   870  C CE  . LYS A 1 128 ? 2.354   -9.443  6.305   1.00 35.85 ?  107 LYS A CE  1 
ATOM   871  N NZ  . LYS A 1 128 ? 2.070   -10.872 5.949   1.00 38.53 ?  107 LYS A NZ  1 
ATOM   872  N N   . ARG A 1 129 ? 1.928   -5.284  10.723  1.00 16.42 ?  108 ARG A N   1 
ATOM   873  C CA  . ARG A 1 129 ? 2.881   -4.837  11.714  1.00 16.93 ?  108 ARG A CA  1 
ATOM   874  C C   . ARG A 1 129 ? 3.767   -5.993  12.145  1.00 20.38 ?  108 ARG A C   1 
ATOM   875  O O   . ARG A 1 129 ? 3.287   -7.098  12.424  1.00 22.45 ?  108 ARG A O   1 
ATOM   876  C CB  . ARG A 1 129 ? 2.122   -4.270  12.901  1.00 19.44 ?  108 ARG A CB  1 
ATOM   877  C CG  . ARG A 1 129 ? 1.602   -2.879  12.673  1.00 20.40 ?  108 ARG A CG  1 
ATOM   878  C CD  . ARG A 1 129 ? 2.754   -1.825  12.814  1.00 22.46 ?  108 ARG A CD  1 
ATOM   879  N NE  . ARG A 1 129 ? 3.727   -2.081  13.916  1.00 24.12 ?  108 ARG A NE  1 
ATOM   880  C CZ  . ARG A 1 129 ? 3.599   -1.669  15.182  1.00 26.47 ?  108 ARG A CZ  1 
ATOM   881  N NH1 . ARG A 1 129 ? 2.551   -0.965  15.579  1.00 27.39 ?  108 ARG A NH1 1 
ATOM   882  N NH2 . ARG A 1 129 ? 4.509   -1.992  16.076  1.00 28.15 ?  108 ARG A NH2 1 
ATOM   883  N N   . GLU A 1 130 ? 5.066   -5.745  12.176  1.00 17.23 ?  109 GLU A N   1 
ATOM   884  C CA  . GLU A 1 130 ? 6.024   -6.757  12.592  1.00 20.29 ?  109 GLU A CA  1 
ATOM   885  C C   . GLU A 1 130 ? 7.084   -6.048  13.392  1.00 18.03 ?  109 GLU A C   1 
ATOM   886  O O   . GLU A 1 130 ? 7.748   -5.171  12.868  1.00 17.60 ?  109 GLU A O   1 
ATOM   887  C CB  . GLU A 1 130 ? 6.676   -7.468  11.410  1.00 24.05 ?  109 GLU A CB  1 
ATOM   888  C CG  . GLU A 1 130 ? 5.699   -7.955  10.341  1.00 28.45 ?  109 GLU A CG  1 
ATOM   889  C CD  . GLU A 1 130 ? 5.991   -9.387  9.939   1.00 37.39 ?  109 GLU A CD  1 
ATOM   890  O OE1 . GLU A 1 130 ? 6.639   -10.099 10.750  1.00 41.99 ?  109 GLU A OE1 1 
ATOM   891  O OE2 . GLU A 1 130 ? 5.583   -9.788  8.816   1.00 42.77 ?  109 GLU A OE2 1 
ATOM   892  N N   . ASP A 1 131 ? 7.281   -6.470  14.635  1.00 18.38 ?  110 ASP A N   1 
ATOM   893  C CA  . ASP A 1 131 ? 8.127   -5.717  15.573  1.00 17.89 ?  110 ASP A CA  1 
ATOM   894  C C   . ASP A 1 131 ? 7.691   -4.245  15.497  1.00 16.12 ?  110 ASP A C   1 
ATOM   895  O O   . ASP A 1 131 ? 6.495   -3.966  15.550  1.00 17.41 ?  110 ASP A O   1 
ATOM   896  C CB  . ASP A 1 131 ? 9.609   -6.003  15.308  1.00 20.93 ?  110 ASP A CB  1 
ATOM   897  C CG  . ASP A 1 131 ? 9.942   -7.472  15.509  1.00 27.49 ?  110 ASP A CG  1 
ATOM   898  O OD1 . ASP A 1 131 ? 9.283   -8.108  16.367  1.00 28.17 ?  110 ASP A OD1 1 
ATOM   899  O OD2 . ASP A 1 131 ? 10.828  -8.002  14.792  1.00 33.27 ?  110 ASP A OD2 1 
ATOM   900  N N   . ASP A 1 132 ? 8.607   -3.297  15.369  1.00 17.66 ?  111 ASP A N   1 
ATOM   901  C CA  . ASP A 1 132 ? 8.281   -1.883  15.260  1.00 19.06 ?  111 ASP A CA  1 
ATOM   902  C C   . ASP A 1 132 ? 8.145   -1.423  13.826  1.00 18.54 ?  111 ASP A C   1 
ATOM   903  O O   . ASP A 1 132 ? 8.108   -0.218  13.557  1.00 21.04 ?  111 ASP A O   1 
ATOM   904  C CB  . ASP A 1 132 ? 9.352   -1.046  15.948  1.00 19.55 ?  111 ASP A CB  1 
ATOM   905  C CG  . ASP A 1 132 ? 9.314   -1.191  17.446  1.00 19.14 ?  111 ASP A CG  1 
ATOM   906  O OD1 . ASP A 1 132 ? 8.214   -1.155  18.018  1.00 20.49 ?  111 ASP A OD1 1 
ATOM   907  O OD2 . ASP A 1 132 ? 10.421  -1.332  18.017  1.00 20.32 ?  111 ASP A OD2 1 
ATOM   908  N N   . LYS A 1 133 ? 8.062   -2.356  12.897  1.00 15.89 ?  112 LYS A N   1 
ATOM   909  C CA  . LYS A 1 133 ? 8.016   -2.029  11.481  1.00 15.32 ?  112 LYS A CA  1 
ATOM   910  C C   . LYS A 1 133 ? 6.611   -2.217  10.918  1.00 16.36 ?  112 LYS A C   1 
ATOM   911  O O   . LYS A 1 133 ? 5.741   -2.889  11.487  1.00 14.97 ?  112 LYS A O   1 
ATOM   912  C CB  . LYS A 1 133 ? 8.990   -2.915  10.698  1.00 15.98 ?  112 LYS A CB  1 
ATOM   913  C CG  . LYS A 1 133 ? 10.452  -2.835  11.225  1.00 22.92 ?  112 LYS A CG  1 
ATOM   914  C CD  . LYS A 1 133 ? 11.367  -3.850  10.556  1.00 28.84 ?  112 LYS A CD  1 
ATOM   915  C CE  . LYS A 1 133 ? 12.735  -3.786  11.192  1.00 34.30 ?  112 LYS A CE  1 
ATOM   916  N NZ  . LYS A 1 133 ? 13.114  -2.340  11.387  1.00 36.53 ?  112 LYS A NZ  1 
ATOM   917  N N   . LEU A 1 134 ? 6.401   -1.585  9.781   1.00 14.48 ?  113 LEU A N   1 
ATOM   918  C CA  . LEU A 1 134 ? 5.248   -1.858  8.947   1.00 14.56 ?  113 LEU A CA  1 
ATOM   919  C C   . LEU A 1 134 ? 5.761   -2.497  7.658   1.00 14.30 ?  113 LEU A C   1 
ATOM   920  O O   . LEU A 1 134 ? 6.562   -1.891  6.921   1.00 15.79 ?  113 LEU A O   1 
ATOM   921  C CB  . LEU A 1 134 ? 4.453   -0.579  8.698   1.00 16.35 ?  113 LEU A CB  1 
ATOM   922  C CG  . LEU A 1 134 ? 3.081   -0.724  7.991   1.00 18.30 ?  113 LEU A CG  1 
ATOM   923  C CD1 . LEU A 1 134 ? 2.217   0.483   8.277   1.00 22.99 ?  113 LEU A CD1 1 
ATOM   924  C CD2 . LEU A 1 134 ? 3.351   -0.843  6.573   1.00 23.06 ?  113 LEU A CD2 1 
ATOM   925  N N   . VAL A 1 135 ? 5.344   -3.735  7.416   1.00 13.44 ?  114 VAL A N   1 
ATOM   926  C CA  . VAL A 1 135 ? 5.843   -4.532  6.293   1.00 12.97 ?  114 VAL A CA  1 
ATOM   927  C C   . VAL A 1 135 ? 4.763   -4.559  5.215   1.00 13.69 ?  114 VAL A C   1 
ATOM   928  O O   . VAL A 1 135 ? 3.595   -4.831  5.505   1.00 14.98 ?  114 VAL A O   1 
ATOM   929  C CB  . VAL A 1 135 ? 6.231   -5.953  6.758   1.00 17.74 ?  114 VAL A CB  1 
ATOM   930  C CG1 . VAL A 1 135 ? 6.674   -6.853  5.591   1.00 17.54 ?  114 VAL A CG1 1 
ATOM   931  C CG2 . VAL A 1 135 ? 7.357   -5.886  7.801   1.00 19.29 ?  114 VAL A CG2 1 
ATOM   932  N N   . VAL A 1 136 ? 5.136   -4.227  3.987   1.00 14.48 ?  115 VAL A N   1 
ATOM   933  C CA  . VAL A 1 136 ? 4.205   -4.227  2.850   1.00 12.26 ?  115 VAL A CA  1 
ATOM   934  C C   . VAL A 1 136 ? 4.682   -5.289  1.865   1.00 14.92 ?  115 VAL A C   1 
ATOM   935  O O   . VAL A 1 136 ? 5.788   -5.190  1.345   1.00 16.41 ?  115 VAL A O   1 
ATOM   936  C CB  . VAL A 1 136 ? 4.124   -2.855  2.163   1.00 13.71 ?  115 VAL A CB  1 
ATOM   937  C CG1 . VAL A 1 136 ? 3.073   -2.899  1.076   1.00 15.09 ?  115 VAL A CG1 1 
ATOM   938  C CG2 . VAL A 1 136 ? 3.818   -1.726  3.138   1.00 16.60 ?  115 VAL A CG2 1 
ATOM   939  N N   . GLU A 1 137 ? 3.862   -6.288  1.609   1.00 13.28 ?  116 GLU A N   1 
ATOM   940  C CA  . GLU A 1 137 ? 4.187   -7.390  0.718   1.00 14.12 ?  116 GLU A CA  1 
ATOM   941  C C   . GLU A 1 137 ? 3.196   -7.370  -0.423  1.00 16.16 ?  116 GLU A C   1 
ATOM   942  O O   . GLU A 1 137 ? 1.989   -7.411  -0.186  1.00 17.14 ?  116 GLU A O   1 
ATOM   943  C CB  . GLU A 1 137 ? 4.111   -8.752  1.424   1.00 17.82 ?  116 GLU A CB  1 
ATOM   944  C CG  . GLU A 1 137 ? 5.132   -9.002  2.474   1.00 25.85 ?  116 GLU A CG  1 
ATOM   945  C CD  . GLU A 1 137 ? 4.869   -10.334 3.164   1.00 35.62 ?  116 GLU A CD  1 
ATOM   946  O OE1 . GLU A 1 137 ? 5.840   -11.092 3.412   1.00 40.99 ?  116 GLU A OE1 1 
ATOM   947  O OE2 . GLU A 1 137 ? 3.671   -10.625 3.428   1.00 40.90 ?  116 GLU A OE2 1 
ATOM   948  N N   . CYS A 1 138 ? 3.675   -7.282  -1.638  1.00 14.08 ?  117 CYS A N   1 
ATOM   949  C CA  . CYS A 1 138 ? 2.726   -7.300  -2.742  1.00 15.32 ?  117 CYS A CA  1 
ATOM   950  C C   . CYS A 1 138 ? 3.036   -8.461  -3.675  1.00 15.72 ?  117 CYS A C   1 
ATOM   951  O O   . CYS A 1 138 ? 4.164   -8.950  -3.723  1.00 17.31 ?  117 CYS A O   1 
ATOM   952  C CB  . CYS A 1 138 ? 2.733   -5.964  -3.504  1.00 14.70 ?  117 CYS A CB  1 
ATOM   953  S SG  . CYS A 1 138 ? 4.397   -5.555  -4.064  1.00 17.94 ?  117 CYS A SG  1 
ATOM   954  N N   . VAL A 1 139 ? 2.024   -8.928  -4.382  1.00 15.58 ?  118 VAL A N   1 
ATOM   955  C CA  . VAL A 1 139 ? 2.226   -10.053 -5.282  1.00 15.51 ?  118 VAL A CA  1 
ATOM   956  C C   . VAL A 1 139 ? 1.457   -9.798  -6.564  1.00 17.17 ?  118 VAL A C   1 
ATOM   957  O O   . VAL A 1 139 ? 0.323   -9.311  -6.527  1.00 16.93 ?  118 VAL A O   1 
ATOM   958  C CB  . VAL A 1 139 ? 1.815   -11.399 -4.640  1.00 20.13 ?  118 VAL A CB  1 
ATOM   959  C CG1 . VAL A 1 139 ? 0.375   -11.400 -4.166  1.00 24.75 ?  118 VAL A CG1 1 
ATOM   960  C CG2 . VAL A 1 139 ? 2.157   -12.572 -5.630  1.00 23.16 ?  118 VAL A CG2 1 
ATOM   961  N N   . MET A 1 140 ? 2.091   -10.103 -7.689  1.00 18.46 ?  119 MET A N   1 
ATOM   962  C CA  . MET A 1 140 ? 1.460   -10.076 -9.015  1.00 17.87 ?  119 MET A CA  1 
ATOM   963  C C   . MET A 1 140 ? 1.957   -11.299 -9.781  1.00 22.44 ?  119 MET A C   1 
ATOM   964  O O   . MET A 1 140 ? 3.162   -11.412 -10.038 1.00 22.22 ?  119 MET A O   1 
ATOM   965  C CB  . MET A 1 140 ? 1.843   -8.784  -9.750  1.00 19.42 ?  119 MET A CB  1 
ATOM   966  C CG  . MET A 1 140 ? 1.415   -8.674  -11.220 1.00 22.52 ?  119 MET A CG  1 
ATOM   967  S SD  . MET A 1 140 ? -0.298  -8.223  -11.208 1.00 22.72 ?  119 MET A SD  1 
ATOM   968  C CE  . MET A 1 140 ? -0.737  -8.227  -12.953 1.00 23.33 ?  119 MET A CE  1 
ATOM   969  N N   . LYS A 1 141 ? 1.042   -12.210 -10.154 1.00 24.38 ?  120 LYS A N   1 
ATOM   970  C CA  . LYS A 1 141 ? 1.375   -13.375 -11.012 1.00 25.57 ?  120 LYS A CA  1 
ATOM   971  C C   . LYS A 1 141 ? 2.660   -14.075 -10.546 1.00 24.41 ?  120 LYS A C   1 
ATOM   972  O O   . LYS A 1 141 ? 3.560   -14.370 -11.337 1.00 26.79 ?  120 LYS A O   1 
ATOM   973  C CB  . LYS A 1 141 ? 1.519   -12.978 -12.475 1.00 27.20 ?  120 LYS A CB  1 
ATOM   974  C CG  . LYS A 1 141 ? 0.298   -12.368 -13.137 1.00 29.25 ?  120 LYS A CG  1 
ATOM   975  C CD  . LYS A 1 141 ? 0.788   -11.166 -13.955 1.00 31.28 ?  120 LYS A CD  1 
ATOM   976  C CE  . LYS A 1 141 ? 0.222   -11.153 -15.360 1.00 36.13 ?  120 LYS A CE  1 
ATOM   977  N NZ  . LYS A 1 141 ? 0.319   -9.786  -15.962 1.00 38.00 ?  120 LYS A NZ  1 
ATOM   978  N N   . GLY A 1 142 ? 2.738   -14.342 -9.256  1.00 25.83 ?  121 GLY A N   1 
ATOM   979  C CA  . GLY A 1 142 ? 3.859   -15.090 -8.722  1.00 22.71 ?  121 GLY A CA  1 
ATOM   980  C C   . GLY A 1 142 ? 5.103   -14.282 -8.388  1.00 21.28 ?  121 GLY A C   1 
ATOM   981  O O   . GLY A 1 142 ? 6.044   -14.847 -7.822  1.00 19.91 ?  121 GLY A O   1 
ATOM   982  N N   . VAL A 1 143 ? 5.140   -13.000 -8.725  1.00 18.47 ?  122 VAL A N   1 
ATOM   983  C CA  . VAL A 1 143 ? 6.256   -12.122 -8.386  1.00 18.35 ?  122 VAL A CA  1 
ATOM   984  C C   . VAL A 1 143 ? 5.892   -11.331 -7.131  1.00 19.52 ?  122 VAL A C   1 
ATOM   985  O O   . VAL A 1 143 ? 4.888   -10.614 -7.132  1.00 17.81 ?  122 VAL A O   1 
ATOM   986  C CB  . VAL A 1 143 ? 6.563   -11.176 -9.550  1.00 18.43 ?  122 VAL A CB  1 
ATOM   987  C CG1 . VAL A 1 143 ? 7.625   -10.189 -9.148  1.00 18.32 ?  122 VAL A CG1 1 
ATOM   988  C CG2 . VAL A 1 143 ? 6.991   -11.980 -10.809 1.00 20.30 ?  122 VAL A CG2 1 
ATOM   989  N N   . THR A 1 144 ? 6.711   -11.411 -6.077  1.00 17.43 ?  123 THR A N   1 
ATOM   990  C CA  . THR A 1 144 ? 6.448   -10.713 -4.826  1.00 18.96 ?  123 THR A CA  1 
ATOM   991  C C   . THR A 1 144 ? 7.490   -9.631  -4.616  1.00 17.59 ?  123 THR A C   1 
ATOM   992  O O   . THR A 1 144 ? 8.624   -9.750  -5.075  1.00 20.23 ?  123 THR A O   1 
ATOM   993  C CB  . THR A 1 144 ? 6.453   -11.702 -3.641  1.00 19.56 ?  123 THR A CB  1 
ATOM   994  O OG1 . THR A 1 144 ? 5.378   -12.637 -3.855  1.00 25.01 ?  123 THR A OG1 1 
ATOM   995  C CG2 . THR A 1 144 ? 6.226   -11.018 -2.279  1.00 23.97 ?  123 THR A CG2 1 
ATOM   996  N N   . SER A 1 145 ? 7.101   -8.581  -3.917  1.00 16.70 ?  124 SER A N   1 
ATOM   997  C CA  . SER A 1 145 ? 8.051   -7.589  -3.446  1.00 14.93 ?  124 SER A CA  1 
ATOM   998  C C   . SER A 1 145 ? 7.740   -7.294  -1.995  1.00 15.27 ?  124 SER A C   1 
ATOM   999  O O   . SER A 1 145 ? 6.594   -7.414  -1.553  1.00 15.08 ?  124 SER A O   1 
ATOM   1000 C CB  . SER A 1 145 ? 7.951   -6.339  -4.303  1.00 15.82 ?  124 SER A CB  1 
ATOM   1001 O OG  . SER A 1 145 ? 8.601   -5.252  -3.714  1.00 16.27 ?  124 SER A OG  1 
ATOM   1002 N N   . THR A 1 146 ? 8.771   -6.980  -1.234  1.00 14.36 ?  125 THR A N   1 
ATOM   1003 C CA  . THR A 1 146 ? 8.630   -6.623  0.178   1.00 14.17 ?  125 THR A CA  1 
ATOM   1004 C C   . THR A 1 146 ? 9.207   -5.237  0.386   1.00 15.35 ?  125 THR A C   1 
ATOM   1005 O O   . THR A 1 146 ? 10.368  -4.986  0.034   1.00 14.94 ?  125 THR A O   1 
ATOM   1006 C CB  . THR A 1 146 ? 9.348   -7.647  1.075   1.00 16.66 ?  125 THR A CB  1 
ATOM   1007 O OG1 . THR A 1 146 ? 8.825   -8.948  0.812   1.00 19.23 ?  125 THR A OG1 1 
ATOM   1008 C CG2 . THR A 1 146 ? 9.129   -7.368  2.557   1.00 18.12 ?  125 THR A CG2 1 
ATOM   1009 N N   . ARG A 1 147 ? 8.435   -4.360  1.003   1.00 13.23 ?  126 ARG A N   1 
ATOM   1010 C CA  . ARG A 1 147 ? 8.856   -3.000  1.312   1.00 11.71 ?  126 ARG A CA  1 
ATOM   1011 C C   . ARG A 1 147 ? 8.651   -2.790  2.804   1.00 13.67 ?  126 ARG A C   1 
ATOM   1012 O O   . ARG A 1 147 ? 7.588   -3.116  3.343   1.00 16.00 ?  126 ARG A O   1 
ATOM   1013 C CB  . ARG A 1 147 ? 8.094   -1.982  0.460   1.00 13.42 ?  126 ARG A CB  1 
ATOM   1014 C CG  . ARG A 1 147 ? 8.724   -1.916  -0.951  1.00 13.44 ?  126 ARG A CG  1 
ATOM   1015 C CD  . ARG A 1 147 ? 7.746   -1.421  -1.976  1.00 14.96 ?  126 ARG A CD  1 
ATOM   1016 N NE  . ARG A 1 147 ? 7.414   0.014   -1.879  1.00 16.51 ?  126 ARG A NE  1 
ATOM   1017 C CZ  . ARG A 1 147 ? 8.156   0.992   -2.395  1.00 17.48 ?  126 ARG A CZ  1 
ATOM   1018 N NH1 . ARG A 1 147 ? 9.322   0.703   -2.943  1.00 16.37 ?  126 ARG A NH1 1 
ATOM   1019 N NH2 . ARG A 1 147 ? 7.727   2.266   -2.355  1.00 17.93 ?  126 ARG A NH2 1 
ATOM   1020 N N   . VAL A 1 148 ? 9.678   -2.325  3.494   1.00 12.70 ?  127 VAL A N   1 
ATOM   1021 C CA  . VAL A 1 148 ? 9.624   -2.211  4.941   1.00 13.46 ?  127 VAL A CA  1 
ATOM   1022 C C   . VAL A 1 148 ? 9.678   -0.746  5.331   1.00 13.13 ?  127 VAL A C   1 
ATOM   1023 O O   . VAL A 1 148 ? 10.526  0.008   4.808   1.00 13.63 ?  127 VAL A O   1 
ATOM   1024 C CB  . VAL A 1 148 ? 10.769  -2.993  5.604   1.00 12.68 ?  127 VAL A CB  1 
ATOM   1025 C CG1 . VAL A 1 148 ? 10.712  -2.832  7.159   1.00 15.75 ?  127 VAL A CG1 1 
ATOM   1026 C CG2 . VAL A 1 148 ? 10.713  -4.455  5.202   1.00 16.87 ?  127 VAL A CG2 1 
ATOM   1027 N N   . TYR A 1 149 ? 8.788   -0.349  6.231   1.00 12.61 ?  128 TYR A N   1 
ATOM   1028 C CA  . TYR A 1 149 ? 8.734   1.005   6.764   1.00 13.04 ?  128 TYR A CA  1 
ATOM   1029 C C   . TYR A 1 149 ? 9.016   1.000   8.251   1.00 14.01 ?  128 TYR A C   1 
ATOM   1030 O O   . TYR A 1 149 ? 8.646   0.074   8.954   1.00 14.40 ?  128 TYR A O   1 
ATOM   1031 C CB  . TYR A 1 149 ? 7.356   1.636   6.552   1.00 12.94 ?  128 TYR A CB  1 
ATOM   1032 C CG  . TYR A 1 149 ? 7.014   1.900   5.097   1.00 13.04 ?  128 TYR A CG  1 
ATOM   1033 C CD1 . TYR A 1 149 ? 6.653   0.864   4.245   1.00 14.31 ?  128 TYR A CD1 1 
ATOM   1034 C CD2 . TYR A 1 149 ? 7.010   3.205   4.617   1.00 13.05 ?  128 TYR A CD2 1 
ATOM   1035 C CE1 . TYR A 1 149 ? 6.324   1.126   2.878   1.00 14.19 ?  128 TYR A CE1 1 
ATOM   1036 C CE2 . TYR A 1 149 ? 6.650   3.491   3.278   1.00 13.50 ?  128 TYR A CE2 1 
ATOM   1037 C CZ  . TYR A 1 149 ? 6.346   2.452   2.434   1.00 15.91 ?  128 TYR A CZ  1 
ATOM   1038 O OH  . TYR A 1 149 ? 6.026   2.776   1.133   1.00 15.41 ?  128 TYR A OH  1 
ATOM   1039 N N   . GLU A 1 150 ? 9.653   2.058   8.715   1.00 15.08 ?  129 GLU A N   1 
ATOM   1040 C CA  . GLU A 1 150 ? 9.876   2.281   10.138  1.00 14.85 ?  129 GLU A CA  1 
ATOM   1041 C C   . GLU A 1 150 ? 9.203   3.566   10.584  1.00 16.23 ?  129 GLU A C   1 
ATOM   1042 O O   . GLU A 1 150 ? 8.851   4.407   9.772   1.00 16.26 ?  129 GLU A O   1 
ATOM   1043 C CB  . GLU A 1 150 ? 11.381  2.376   10.432  1.00 19.72 ?  129 GLU A CB  1 
ATOM   1044 C CG  . GLU A 1 150 ? 11.995  1.044   10.373  1.00 26.05 ?  129 GLU A CG  1 
ATOM   1045 C CD  . GLU A 1 150 ? 13.496  1.076   10.531  1.00 33.44 ?  129 GLU A CD  1 
ATOM   1046 O OE1 . GLU A 1 150 ? 14.102  2.188   10.577  1.00 35.87 ?  129 GLU A OE1 1 
ATOM   1047 O OE2 . GLU A 1 150 ? 14.061  -0.037  10.592  1.00 34.78 ?  129 GLU A OE2 1 
ATOM   1048 N N   . ARG A 1 151 ? 9.048   3.744   11.905  1.00 16.36 ?  130 ARG A N   1 
ATOM   1049 C CA  . ARG A 1 151 ? 8.411   4.962   12.382  1.00 17.47 ?  130 ARG A CA  1 
ATOM   1050 C C   . ARG A 1 151 ? 9.264   6.151   12.013  1.00 20.59 ?  130 ARG A C   1 
ATOM   1051 O O   . ARG A 1 151 ? 10.494  6.108   12.122  1.00 22.21 ?  130 ARG A O   1 
ATOM   1052 C CB  . ARG A 1 151 ? 8.253   4.928   13.896  1.00 19.74 ?  130 ARG A CB  1 
ATOM   1053 C CG  . ARG A 1 151 ? 7.368   3.828   14.379  1.00 22.07 ?  130 ARG A CG  1 
ATOM   1054 C CD  . ARG A 1 151 ? 5.975   4.285   14.417  1.00 23.27 ?  130 ARG A CD  1 
ATOM   1055 N NE  . ARG A 1 151 ? 5.097   3.284   15.041  1.00 24.43 ?  130 ARG A NE  1 
ATOM   1056 C CZ  . ARG A 1 151 ? 3.772   3.410   15.101  1.00 20.54 ?  130 ARG A CZ  1 
ATOM   1057 N NH1 . ARG A 1 151 ? 3.194   4.492   14.616  1.00 21.53 ?  130 ARG A NH1 1 
ATOM   1058 N NH2 . ARG A 1 151 ? 3.027   2.438   15.637  1.00 21.64 ?  130 ARG A NH2 1 
ATOM   1059 N N   . ALA A 1 152 ? 8.623   7.217   11.586  1.00 19.21 ?  131 ALA A N   1 
ATOM   1060 C CA  . ALA A 1 152 ? 9.380   8.356   11.104  1.00 25.57 ?  131 ALA A CA  1 
ATOM   1061 C C   . ALA A 1 152 ? 9.724   9.266   12.267  1.00 30.04 ?  131 ALA A C   1 
ATOM   1062 O O   . ALA A 1 152 ? 9.285   9.011   13.400  1.00 34.61 ?  131 ALA A O   1 
ATOM   1063 C CB  . ALA A 1 152 ? 8.594   9.099   10.032  1.00 23.46 ?  131 ALA A CB  1 
HETATM 1064 C C4  . 8JL B 2 .   ? 4.427   3.245   -6.187  1.00 17.81 ?  200 8JL A C4  1 
HETATM 1065 C C14 . 8JL B 2 .   ? 3.451   -0.061  -1.828  1.00 17.08 ?  200 8JL A C14 1 
HETATM 1066 C C5  . 8JL B 2 .   ? 3.992   2.235   -7.091  1.00 16.17 ?  200 8JL A C5  1 
HETATM 1067 C C6  . 8JL B 2 .   ? 2.776   1.551   -6.796  1.00 16.36 ?  200 8JL A C6  1 
HETATM 1068 C C11 . 8JL B 2 .   ? 6.276   4.532   -5.445  1.00 18.15 ?  200 8JL A C11 1 
HETATM 1069 C C7  . 8JL B 2 .   ? 4.698   1.899   -8.265  1.00 16.39 ?  200 8JL A C7  1 
HETATM 1070 C C8  . 8JL B 2 .   ? 4.201   0.932   -9.096  1.00 16.06 ?  200 8JL A C8  1 
HETATM 1071 C C9  . 8JL B 2 .   ? 3.023   0.229   -8.791  1.00 16.27 ?  200 8JL A C9  1 
HETATM 1072 C C10 . 8JL B 2 .   ? 2.317   0.538   -7.668  1.00 16.24 ?  200 8JL A C10 1 
HETATM 1073 C C12 . 8JL B 2 .   ? 1.973   -0.691  -3.627  1.00 15.74 ?  200 8JL A C12 1 
HETATM 1074 C C13 . 8JL B 2 .   ? 2.415   0.260   -2.696  1.00 16.75 ?  200 8JL A C13 1 
HETATM 1075 N N1  . 8JL B 2 .   ? 0.972   -0.418  -4.611  1.00 15.03 ?  200 8JL A N1  1 
HETATM 1076 C C3  . 8JL B 2 .   ? 3.731   3.526   -5.046  1.00 17.97 ?  200 8JL A C3  1 
HETATM 1077 C C1  . 8JL B 2 .   ? 2.064   1.902   -5.609  1.00 15.06 ?  200 8JL A C1  1 
HETATM 1078 C C15 . 8JL B 2 .   ? 4.033   -1.317  -1.883  1.00 17.30 ?  200 8JL A C15 1 
HETATM 1079 C C16 . 8JL B 2 .   ? 3.625   -2.254  -2.819  1.00 17.17 ?  200 8JL A C16 1 
HETATM 1080 C C17 . 8JL B 2 .   ? 2.607   -1.917  -3.678  1.00 16.53 ?  200 8JL A C17 1 
HETATM 1081 C C18 . 8JL B 2 .   ? 3.943   0.958   -0.832  1.00 16.11 ?  200 8JL A C18 1 
HETATM 1082 C C2  . 8JL B 2 .   ? 2.539   2.858   -4.752  1.00 17.06 ?  200 8JL A C2  1 
HETATM 1083 F F1  . 8JL B 2 .   ? 2.184   -2.826  -4.595  1.00 17.79 ?  200 8JL A F1  1 
HETATM 1084 O O1  . 8JL B 2 .   ? 5.608   3.844   -6.508  1.00 17.61 ?  200 8JL A O1  1 
HETATM 1085 O O2  . 8JL B 2 .   ? -0.322  0.921   -6.209  1.00 16.20 ?  200 8JL A O2  1 
HETATM 1086 O O3  . 8JL B 2 .   ? 0.041   1.781   -3.964  1.00 16.89 ?  200 8JL A O3  1 
HETATM 1087 O O4  . 8JL B 2 .   ? 3.224   1.960   -0.595  1.00 19.32 ?  200 8JL A O4  1 
HETATM 1088 O O5  . 8JL B 2 .   ? 5.106   0.819   -0.401  1.00 17.08 -1 200 8JL A O5  1 
HETATM 1089 S S1  . 8JL B 2 .   ? 0.568   1.084   -5.104  1.00 16.46 ?  200 8JL A S1  1 
HETATM 1090 O O   . HOH C 3 .   ? 13.416  -6.862  -9.075  1.00 21.47 ?  301 HOH A O   1 
HETATM 1091 O O   . HOH C 3 .   ? 6.920   12.885  -10.137 1.00 34.26 ?  302 HOH A O   1 
HETATM 1092 O O   . HOH C 3 .   ? 5.770   -0.507  17.675  1.00 31.18 ?  303 HOH A O   1 
HETATM 1093 O O   . HOH C 3 .   ? -9.340  10.757  1.379   1.00 28.39 ?  304 HOH A O   1 
HETATM 1094 O O   . HOH C 3 .   ? -17.024 4.506   -9.478  1.00 26.40 ?  305 HOH A O   1 
HETATM 1095 O O   . HOH C 3 .   ? 10.206  15.276  -7.124  1.00 22.24 ?  306 HOH A O   1 
HETATM 1096 O O   . HOH C 3 .   ? -6.552  4.529   19.437  1.00 33.31 ?  307 HOH A O   1 
HETATM 1097 O O   . HOH C 3 .   ? 4.008   6.084   -2.742  1.00 21.12 ?  308 HOH A O   1 
HETATM 1098 O O   . HOH C 3 .   ? -8.126  10.301  9.212   1.00 27.17 ?  309 HOH A O   1 
HETATM 1099 O O   . HOH C 3 .   ? -5.834  -11.863 -3.369  1.00 35.83 ?  310 HOH A O   1 
HETATM 1100 O O   . HOH C 3 .   ? 1.567   -1.374  17.954  1.00 33.88 ?  311 HOH A O   1 
HETATM 1101 O O   . HOH C 3 .   ? 10.950  8.535   3.612   1.00 28.08 ?  312 HOH A O   1 
HETATM 1102 O O   . HOH C 3 .   ? -17.299 2.775   1.280   1.00 23.02 ?  313 HOH A O   1 
HETATM 1103 O O   . HOH C 3 .   ? -3.128  5.203   -4.006  1.00 24.39 ?  314 HOH A O   1 
HETATM 1104 O O   . HOH C 3 .   ? 4.901   8.100   -4.141  1.00 25.16 ?  315 HOH A O   1 
HETATM 1105 O O   . HOH C 3 .   ? -13.640 0.116   8.398   1.00 19.41 ?  316 HOH A O   1 
HETATM 1106 O O   . HOH C 3 .   ? 16.390  6.205   -3.296  1.00 26.67 ?  317 HOH A O   1 
HETATM 1107 O O   . HOH C 3 .   ? 9.991   1.670   13.519  1.00 24.77 ?  318 HOH A O   1 
HETATM 1108 O O   . HOH C 3 .   ? 12.913  9.553   -5.499  1.00 19.62 ?  319 HOH A O   1 
HETATM 1109 O O   . HOH C 3 .   ? -2.404  1.749   -2.442  1.00 20.25 ?  320 HOH A O   1 
HETATM 1110 O O   . HOH C 3 .   ? 6.900   -14.867 -5.282  1.00 28.72 ?  321 HOH A O   1 
HETATM 1111 O O   . HOH C 3 .   ? 1.318   3.795   -1.042  1.00 28.54 ?  322 HOH A O   1 
HETATM 1112 O O   . HOH C 3 .   ? 9.728   3.423   -4.107  1.00 20.29 ?  323 HOH A O   1 
HETATM 1113 O O   . HOH C 3 .   ? -9.648  8.396   8.149   1.00 20.08 ?  324 HOH A O   1 
HETATM 1114 O O   . HOH C 3 .   ? -1.752  -10.696 13.388  1.00 27.89 ?  325 HOH A O   1 
HETATM 1115 O O   . HOH C 3 .   ? 12.246  9.409   -8.125  1.00 17.15 ?  326 HOH A O   1 
HETATM 1116 O O   . HOH C 3 .   ? 3.914   4.807   0.996   1.00 24.96 ?  327 HOH A O   1 
HETATM 1117 O O   . HOH C 3 .   ? -17.114 -4.175  -1.442  1.00 18.61 ?  328 HOH A O   1 
HETATM 1118 O O   . HOH C 3 .   ? 1.149   5.709   -3.280  1.00 21.98 ?  329 HOH A O   1 
HETATM 1119 O O   . HOH C 3 .   ? -8.375  0.821   -15.581 1.00 31.97 ?  330 HOH A O   1 
HETATM 1120 O O   . HOH C 3 .   ? -0.426  -6.639  11.724  1.00 25.60 ?  331 HOH A O   1 
HETATM 1121 O O   . HOH C 3 .   ? 1.363   1.644   -14.762 1.00 25.23 ?  332 HOH A O   1 
HETATM 1122 O O   . HOH C 3 .   ? 7.630   -9.263  18.252  1.00 25.28 ?  333 HOH A O   1 
HETATM 1123 O O   . HOH C 3 .   ? -19.166 -2.343  6.124   1.00 33.33 ?  334 HOH A O   1 
HETATM 1124 O O   . HOH C 3 .   ? -15.419 -5.610  -3.232  1.00 23.98 ?  335 HOH A O   1 
HETATM 1125 O O   . HOH C 3 .   ? -1.058  -2.441  -16.121 1.00 28.46 ?  336 HOH A O   1 
HETATM 1126 O O   . HOH C 3 .   ? 0.266   2.909   16.091  1.00 22.85 ?  337 HOH A O   1 
HETATM 1127 O O   . HOH C 3 .   ? -13.758 4.664   0.050   1.00 16.73 ?  338 HOH A O   1 
HETATM 1128 O O   . HOH C 3 .   ? -9.646  -11.750 11.077  1.00 28.36 ?  339 HOH A O   1 
HETATM 1129 O O   . HOH C 3 .   ? -11.716 2.842   -10.640 1.00 25.38 ?  340 HOH A O   1 
HETATM 1130 O O   . HOH C 3 .   ? -2.908  -3.764  2.443   1.00 15.02 ?  341 HOH A O   1 
HETATM 1131 O O   . HOH C 3 .   ? -12.181 -1.329  1.168   1.00 14.01 ?  342 HOH A O   1 
HETATM 1132 O O   . HOH C 3 .   ? -4.450  -10.452 -6.711  1.00 25.78 ?  343 HOH A O   1 
HETATM 1133 O O   . HOH C 3 .   ? -17.033 3.329   -2.084  1.00 27.37 ?  344 HOH A O   1 
HETATM 1134 O O   . HOH C 3 .   ? -2.077  6.227   -0.575  1.00 21.24 ?  345 HOH A O   1 
HETATM 1135 O O   . HOH C 3 .   ? 5.089   3.650   -1.875  1.00 26.19 ?  346 HOH A O   1 
HETATM 1136 O O   . HOH C 3 .   ? 8.540   -9.465  -13.669 1.00 28.30 ?  347 HOH A O   1 
HETATM 1137 O O   . HOH C 3 .   ? 0.059   -2.179  -6.750  1.00 15.69 ?  348 HOH A O   1 
HETATM 1138 O O   . HOH C 3 .   ? 1.731   14.041  -6.626  1.00 33.28 ?  349 HOH A O   1 
HETATM 1139 O O   . HOH C 3 .   ? 6.678   8.302   14.260  1.00 30.18 ?  350 HOH A O   1 
HETATM 1140 O O   . HOH C 3 .   ? 7.788   1.130   -21.057 1.00 30.32 ?  351 HOH A O   1 
HETATM 1141 O O   . HOH C 3 .   ? 6.043   15.138  -1.546  1.00 31.35 ?  352 HOH A O   1 
HETATM 1142 O O   . HOH C 3 .   ? 14.930  -9.511  -3.526  1.00 29.73 ?  353 HOH A O   1 
HETATM 1143 O O   . HOH C 3 .   ? 14.916  2.936   -9.922  1.00 28.82 ?  354 HOH A O   1 
HETATM 1144 O O   . HOH C 3 .   ? -20.476 1.173   6.407   1.00 36.68 ?  355 HOH A O   1 
HETATM 1145 O O   . HOH C 3 .   ? 14.033  -2.268  -15.184 1.00 34.74 ?  356 HOH A O   1 
HETATM 1146 O O   . HOH C 3 .   ? -1.763  -11.604 -10.084 1.00 30.64 ?  357 HOH A O   1 
HETATM 1147 O O   . HOH C 3 .   ? 1.098   1.631   1.302   1.00 27.28 ?  358 HOH A O   1 
HETATM 1148 O O   . HOH C 3 .   ? -10.104 -1.478  -15.838 1.00 30.71 ?  359 HOH A O   1 
HETATM 1149 O O   . HOH C 3 .   ? -11.849 -4.425  -5.727  1.00 24.45 ?  360 HOH A O   1 
HETATM 1150 O O   . HOH C 3 .   ? 12.472  -5.074  1.992   1.00 21.06 ?  361 HOH A O   1 
HETATM 1151 O O   . HOH C 3 .   ? 12.971  0.584   -10.551 1.00 29.40 ?  362 HOH A O   1 
HETATM 1152 O O   . HOH C 3 .   ? -9.575  -7.476  0.500   1.00 21.13 ?  363 HOH A O   1 
HETATM 1153 O O   . HOH C 3 .   ? 15.662  -5.738  -5.138  1.00 28.20 ?  364 HOH A O   1 
HETATM 1154 O O   . HOH C 3 .   ? -17.010 6.465   10.640  1.00 26.55 ?  365 HOH A O   1 
HETATM 1155 O O   . HOH C 3 .   ? -0.642  4.411   -4.997  1.00 19.12 ?  366 HOH A O   1 
HETATM 1156 O O   . HOH C 3 .   ? -4.380  10.039  -4.411  1.00 24.62 ?  367 HOH A O   1 
HETATM 1157 O O   . HOH C 3 .   ? -14.492 2.213   1.066   1.00 15.65 ?  368 HOH A O   1 
HETATM 1158 O O   . HOH C 3 .   ? 16.314  -1.661  -0.111  1.00 29.61 ?  369 HOH A O   1 
HETATM 1159 O O   . HOH C 3 .   ? -12.385 -6.673  7.223   1.00 25.22 ?  370 HOH A O   1 
HETATM 1160 O O   . HOH C 3 .   ? -5.833  8.058   13.719  1.00 20.63 ?  371 HOH A O   1 
HETATM 1161 O O   . HOH C 3 .   ? -3.652  9.657   7.002   1.00 20.90 ?  372 HOH A O   1 
HETATM 1162 O O   . HOH C 3 .   ? 11.058  -7.535  18.616  1.00 25.02 ?  373 HOH A O   1 
HETATM 1163 O O   . HOH C 3 .   ? 4.328   7.123   13.990  1.00 22.45 ?  374 HOH A O   1 
HETATM 1164 O O   . HOH C 3 .   ? 13.091  -3.019  -4.819  1.00 20.95 ?  375 HOH A O   1 
HETATM 1165 O O   . HOH C 3 .   ? 15.253  -9.492  -6.235  1.00 23.44 ?  376 HOH A O   1 
HETATM 1166 O O   . HOH C 3 .   ? 11.491  -3.412  14.707  1.00 26.15 ?  377 HOH A O   1 
HETATM 1167 O O   . HOH C 3 .   ? -7.277  7.300   -5.378  1.00 24.54 ?  378 HOH A O   1 
HETATM 1168 O O   . HOH C 3 .   ? 12.061  0.370   -5.024  1.00 29.59 ?  379 HOH A O   1 
HETATM 1169 O O   . HOH C 3 .   ? 5.913   -3.669  -17.643 1.00 28.07 ?  380 HOH A O   1 
HETATM 1170 O O   . HOH C 3 .   ? -4.728  7.754   -4.682  1.00 29.46 ?  381 HOH A O   1 
HETATM 1171 O O   . HOH C 3 .   ? 6.572   4.893   -18.016 1.00 25.62 ?  382 HOH A O   1 
HETATM 1172 O O   . HOH C 3 .   ? 6.027   -4.253  -1.511  1.00 20.98 ?  383 HOH A O   1 
HETATM 1173 O O   . HOH C 3 .   ? 5.539   14.880  -5.345  1.00 37.11 ?  384 HOH A O   1 
HETATM 1174 O O   . HOH C 3 .   ? 13.974  -4.439  -7.543  1.00 27.22 ?  385 HOH A O   1 
HETATM 1175 O O   . HOH C 3 .   ? -5.587  2.125   -15.803 1.00 26.27 ?  386 HOH A O   1 
HETATM 1176 O O   . HOH C 3 .   ? -12.067 8.052   15.728  1.00 31.57 ?  387 HOH A O   1 
HETATM 1177 O O   . HOH C 3 .   ? 2.553   11.444  13.907  1.00 20.89 ?  388 HOH A O   1 
HETATM 1178 O O   . HOH C 3 .   ? -8.344  -9.096  12.294  1.00 27.34 ?  389 HOH A O   1 
HETATM 1179 O O   . HOH C 3 .   ? -3.510  -10.761 -12.748 1.00 28.06 ?  390 HOH A O   1 
HETATM 1180 O O   . HOH C 3 .   ? 14.459  -3.836  6.688   1.00 37.16 ?  391 HOH A O   1 
HETATM 1181 O O   . HOH C 3 .   ? -8.845  12.335  11.219  1.00 26.73 ?  392 HOH A O   1 
HETATM 1182 O O   . HOH C 3 .   ? 0.275   -10.045 -0.866  1.00 28.31 ?  393 HOH A O   1 
HETATM 1183 O O   . HOH C 3 .   ? 10.595  -10.058 -1.660  1.00 32.28 ?  394 HOH A O   1 
HETATM 1184 O O   . HOH C 3 .   ? 3.198   3.209   -16.086 1.00 32.79 ?  395 HOH A O   1 
HETATM 1185 O O   . HOH C 3 .   ? -1.492  3.689   -0.584  1.00 29.82 ?  396 HOH A O   1 
HETATM 1186 O O   . HOH C 3 .   ? 12.398  0.110   13.793  1.00 33.40 ?  397 HOH A O   1 
HETATM 1187 O O   . HOH C 3 .   ? -17.833 3.327   -12.210 1.00 35.67 ?  398 HOH A O   1 
HETATM 1188 O O   . HOH C 3 .   ? 14.490  -10.673 -1.322  1.00 30.68 ?  399 HOH A O   1 
HETATM 1189 O O   . HOH C 3 .   ? -15.841 -1.347  9.172   1.00 32.38 ?  400 HOH A O   1 
# 
loop_
_pdbx_poly_seq_scheme.asym_id 
_pdbx_poly_seq_scheme.entity_id 
_pdbx_poly_seq_scheme.seq_id 
_pdbx_poly_seq_scheme.mon_id 
_pdbx_poly_seq_scheme.ndb_seq_num 
_pdbx_poly_seq_scheme.pdb_seq_num 
_pdbx_poly_seq_scheme.auth_seq_num 
_pdbx_poly_seq_scheme.pdb_mon_id 
_pdbx_poly_seq_scheme.auth_mon_id 
_pdbx_poly_seq_scheme.pdb_strand_id 
_pdbx_poly_seq_scheme.pdb_ins_code 
_pdbx_poly_seq_scheme.hetero 
A 1 1   MET 1   -20 ?   ?   ?   A . n 
A 1 2   GLY 2   -19 ?   ?   ?   A . n 
A 1 3   SER 3   -18 ?   ?   ?   A . n 
A 1 4   SER 4   -17 ?   ?   ?   A . n 
A 1 5   HIS 5   -16 ?   ?   ?   A . n 
A 1 6   HIS 6   -15 ?   ?   ?   A . n 
A 1 7   HIS 7   -14 ?   ?   ?   A . n 
A 1 8   HIS 8   -13 ?   ?   ?   A . n 
A 1 9   HIS 9   -12 ?   ?   ?   A . n 
A 1 10  HIS 10  -11 ?   ?   ?   A . n 
A 1 11  SER 11  -10 ?   ?   ?   A . n 
A 1 12  SER 12  -9  ?   ?   ?   A . n 
A 1 13  GLY 13  -8  ?   ?   ?   A . n 
A 1 14  LEU 14  -7  ?   ?   ?   A . n 
A 1 15  VAL 15  -6  ?   ?   ?   A . n 
A 1 16  PRO 16  -5  ?   ?   ?   A . n 
A 1 17  ARG 17  -4  -4  ARG ARG A . n 
A 1 18  GLY 18  -3  -3  GLY GLY A . n 
A 1 19  SER 19  -2  -2  SER SER A . n 
A 1 20  HIS 20  -1  -1  HIS HIS A . n 
A 1 21  MET 21  0   0   MET MET A . n 
A 1 22  CYS 22  1   1   CYS CYS A . n 
A 1 23  ASP 23  2   2   ASP ASP A . n 
A 1 24  ALA 24  3   3   ALA ALA A . n 
A 1 25  PHE 25  4   4   PHE PHE A . n 
A 1 26  VAL 26  5   5   VAL VAL A . n 
A 1 27  GLY 27  6   6   GLY GLY A . n 
A 1 28  THR 28  7   7   THR THR A . n 
A 1 29  TRP 29  8   8   TRP TRP A . n 
A 1 30  LYS 30  9   9   LYS LYS A . n 
A 1 31  LEU 31  10  10  LEU LEU A . n 
A 1 32  VAL 32  11  11  VAL VAL A . n 
A 1 33  SER 33  12  12  SER SER A . n 
A 1 34  SER 34  13  13  SER SER A . n 
A 1 35  GLU 35  14  14  GLU GLU A . n 
A 1 36  ASN 36  15  15  ASN ASN A . n 
A 1 37  PHE 37  16  16  PHE PHE A . n 
A 1 38  ASP 38  17  17  ASP ASP A . n 
A 1 39  ASP 39  18  18  ASP ASP A . n 
A 1 40  TYR 40  19  19  TYR TYR A . n 
A 1 41  MET 41  20  20  MET MET A . n 
A 1 42  LYS 42  21  21  LYS LYS A . n 
A 1 43  GLU 43  22  22  GLU GLU A . n 
A 1 44  VAL 44  23  23  VAL VAL A . n 
A 1 45  GLY 45  24  24  GLY GLY A . n 
A 1 46  VAL 46  25  25  VAL VAL A . n 
A 1 47  GLY 47  26  26  GLY GLY A . n 
A 1 48  PHE 48  27  27  PHE PHE A . n 
A 1 49  ALA 49  28  28  ALA ALA A . n 
A 1 50  THR 50  29  29  THR THR A . n 
A 1 51  ARG 51  30  30  ARG ARG A . n 
A 1 52  LYS 52  31  31  LYS LYS A . n 
A 1 53  VAL 53  32  32  VAL VAL A . n 
A 1 54  ALA 54  33  33  ALA ALA A . n 
A 1 55  GLY 55  34  34  GLY GLY A . n 
A 1 56  MET 56  35  35  MET MET A . n 
A 1 57  ALA 57  36  36  ALA ALA A . n 
A 1 58  LYS 58  37  37  LYS LYS A . n 
A 1 59  PRO 59  38  38  PRO PRO A . n 
A 1 60  ASN 60  39  39  ASN ASN A . n 
A 1 61  MET 61  40  40  MET MET A . n 
A 1 62  ILE 62  41  41  ILE ILE A . n 
A 1 63  ILE 63  42  42  ILE ILE A . n 
A 1 64  SER 64  43  43  SER SER A . n 
A 1 65  VAL 65  44  44  VAL VAL A . n 
A 1 66  ASN 66  45  45  ASN ASN A . n 
A 1 67  GLY 67  46  46  GLY GLY A . n 
A 1 68  ASP 68  47  47  ASP ASP A . n 
A 1 69  VAL 69  48  48  VAL VAL A . n 
A 1 70  ILE 70  49  49  ILE ILE A . n 
A 1 71  THR 71  50  50  THR THR A . n 
A 1 72  ILE 72  51  51  ILE ILE A . n 
A 1 73  LYS 73  52  52  LYS LYS A . n 
A 1 74  SER 74  53  53  SER SER A . n 
A 1 75  GLU 75  54  54  GLU GLU A . n 
A 1 76  SER 76  55  55  SER SER A . n 
A 1 77  THR 77  56  56  THR THR A . n 
A 1 78  PHE 78  57  57  PHE PHE A . n 
A 1 79  LYS 79  58  58  LYS LYS A . n 
A 1 80  ASN 80  59  59  ASN ASN A . n 
A 1 81  THR 81  60  60  THR THR A . n 
A 1 82  GLU 82  61  61  GLU GLU A . n 
A 1 83  ILE 83  62  62  ILE ILE A . n 
A 1 84  SER 84  63  63  SER SER A . n 
A 1 85  PHE 85  64  64  PHE PHE A . n 
A 1 86  ILE 86  65  65  ILE ILE A . n 
A 1 87  LEU 87  66  66  LEU LEU A . n 
A 1 88  GLY 88  67  67  GLY GLY A . n 
A 1 89  GLN 89  68  68  GLN GLN A . n 
A 1 90  GLU 90  69  69  GLU GLU A . n 
A 1 91  PHE 91  70  70  PHE PHE A . n 
A 1 92  ASP 92  71  71  ASP ASP A . n 
A 1 93  GLU 93  72  72  GLU GLU A . n 
A 1 94  VAL 94  73  73  VAL VAL A . n 
A 1 95  THR 95  74  74  THR THR A . n 
A 1 96  ALA 96  75  75  ALA ALA A . n 
A 1 97  ASP 97  76  76  ASP ASP A . n 
A 1 98  ASP 98  77  77  ASP ASP A . n 
A 1 99  ARG 99  78  78  ARG ARG A . n 
A 1 100 LYS 100 79  79  LYS LYS A . n 
A 1 101 VAL 101 80  80  VAL VAL A . n 
A 1 102 LYS 102 81  81  LYS LYS A . n 
A 1 103 SER 103 82  82  SER SER A . n 
A 1 104 THR 104 83  83  THR THR A . n 
A 1 105 ILE 105 84  84  ILE ILE A . n 
A 1 106 THR 106 85  85  THR THR A . n 
A 1 107 LEU 107 86  86  LEU LEU A . n 
A 1 108 ASP 108 87  87  ASP ASP A . n 
A 1 109 GLY 109 88  88  GLY GLY A . n 
A 1 110 GLY 110 89  89  GLY GLY A . n 
A 1 111 VAL 111 90  90  VAL VAL A . n 
A 1 112 LEU 112 91  91  LEU LEU A . n 
A 1 113 VAL 113 92  92  VAL VAL A . n 
A 1 114 HIS 114 93  93  HIS HIS A . n 
A 1 115 VAL 115 94  94  VAL VAL A . n 
A 1 116 GLN 116 95  95  GLN GLN A . n 
A 1 117 LYS 117 96  96  LYS LYS A . n 
A 1 118 TRP 118 97  97  TRP TRP A . n 
A 1 119 ASP 119 98  98  ASP ASP A . n 
A 1 120 GLY 120 99  99  GLY GLY A . n 
A 1 121 LYS 121 100 100 LYS LYS A . n 
A 1 122 SER 122 101 101 SER SER A . n 
A 1 123 THR 123 102 102 THR THR A . n 
A 1 124 THR 124 103 103 THR THR A . n 
A 1 125 ILE 125 104 104 ILE ILE A . n 
A 1 126 LYS 126 105 105 LYS LYS A . n 
A 1 127 ARG 127 106 106 ARG ARG A . n 
A 1 128 LYS 128 107 107 LYS LYS A . n 
A 1 129 ARG 129 108 108 ARG ARG A . n 
A 1 130 GLU 130 109 109 GLU GLU A . n 
A 1 131 ASP 131 110 110 ASP ASP A . n 
A 1 132 ASP 132 111 111 ASP ASP A . n 
A 1 133 LYS 133 112 112 LYS LYS A . n 
A 1 134 LEU 134 113 113 LEU LEU A . n 
A 1 135 VAL 135 114 114 VAL VAL A . n 
A 1 136 VAL 136 115 115 VAL VAL A . n 
A 1 137 GLU 137 116 116 GLU GLU A . n 
A 1 138 CYS 138 117 117 CYS CYS A . n 
A 1 139 VAL 139 118 118 VAL VAL A . n 
A 1 140 MET 140 119 119 MET MET A . n 
A 1 141 LYS 141 120 120 LYS LYS A . n 
A 1 142 GLY 142 121 121 GLY GLY A . n 
A 1 143 VAL 143 122 122 VAL VAL A . n 
A 1 144 THR 144 123 123 THR THR A . n 
A 1 145 SER 145 124 124 SER SER A . n 
A 1 146 THR 146 125 125 THR THR A . n 
A 1 147 ARG 147 126 126 ARG ARG A . n 
A 1 148 VAL 148 127 127 VAL VAL A . n 
A 1 149 TYR 149 128 128 TYR TYR A . n 
A 1 150 GLU 150 129 129 GLU GLU A . n 
A 1 151 ARG 151 130 130 ARG ARG A . n 
A 1 152 ALA 152 131 131 ALA ALA A . n 
# 
loop_
_pdbx_nonpoly_scheme.asym_id 
_pdbx_nonpoly_scheme.entity_id 
_pdbx_nonpoly_scheme.mon_id 
_pdbx_nonpoly_scheme.ndb_seq_num 
_pdbx_nonpoly_scheme.pdb_seq_num 
_pdbx_nonpoly_scheme.auth_seq_num 
_pdbx_nonpoly_scheme.pdb_mon_id 
_pdbx_nonpoly_scheme.auth_mon_id 
_pdbx_nonpoly_scheme.pdb_strand_id 
_pdbx_nonpoly_scheme.pdb_ins_code 
B 2 8JL 1   200 200  8JL DRG A . 
C 3 HOH 1   301 1079 HOH HOH A . 
C 3 HOH 2   302 1087 HOH HOH A . 
C 3 HOH 3   303 1083 HOH HOH A . 
C 3 HOH 4   304 1058 HOH HOH A . 
C 3 HOH 5   305 1073 HOH HOH A . 
C 3 HOH 6   306 1034 HOH HOH A . 
C 3 HOH 7   307 1095 HOH HOH A . 
C 3 HOH 8   308 1024 HOH HOH A . 
C 3 HOH 9   309 1055 HOH HOH A . 
C 3 HOH 10  310 1078 HOH HOH A . 
C 3 HOH 11  311 1089 HOH HOH A . 
C 3 HOH 12  312 1066 HOH HOH A . 
C 3 HOH 13  313 1018 HOH HOH A . 
C 3 HOH 14  314 1022 HOH HOH A . 
C 3 HOH 15  315 1025 HOH HOH A . 
C 3 HOH 16  316 1010 HOH HOH A . 
C 3 HOH 17  317 1040 HOH HOH A . 
C 3 HOH 18  318 1023 HOH HOH A . 
C 3 HOH 19  319 1006 HOH HOH A . 
C 3 HOH 20  320 1027 HOH HOH A . 
C 3 HOH 21  321 1077 HOH HOH A . 
C 3 HOH 22  322 1072 HOH HOH A . 
C 3 HOH 23  323 1017 HOH HOH A . 
C 3 HOH 24  324 1016 HOH HOH A . 
C 3 HOH 25  325 1064 HOH HOH A . 
C 3 HOH 26  326 1007 HOH HOH A . 
C 3 HOH 27  327 1039 HOH HOH A . 
C 3 HOH 28  328 1003 HOH HOH A . 
C 3 HOH 29  329 1048 HOH HOH A . 
C 3 HOH 30  330 1085 HOH HOH A . 
C 3 HOH 31  331 1032 HOH HOH A . 
C 3 HOH 32  332 1029 HOH HOH A . 
C 3 HOH 33  333 1030 HOH HOH A . 
C 3 HOH 34  334 1067 HOH HOH A . 
C 3 HOH 35  335 1019 HOH HOH A . 
C 3 HOH 36  336 1051 HOH HOH A . 
C 3 HOH 37  337 1011 HOH HOH A . 
C 3 HOH 38  338 1008 HOH HOH A . 
C 3 HOH 39  339 1047 HOH HOH A . 
C 3 HOH 40  340 1042 HOH HOH A . 
C 3 HOH 41  341 1004 HOH HOH A . 
C 3 HOH 42  342 1001 HOH HOH A . 
C 3 HOH 43  343 1061 HOH HOH A . 
C 3 HOH 44  344 1031 HOH HOH A . 
C 3 HOH 45  345 1014 HOH HOH A . 
C 3 HOH 46  346 1100 HOH HOH A . 
C 3 HOH 47  347 1059 HOH HOH A . 
C 3 HOH 48  348 1009 HOH HOH A . 
C 3 HOH 49  349 1082 HOH HOH A . 
C 3 HOH 50  350 1086 HOH HOH A . 
C 3 HOH 51  351 1076 HOH HOH A . 
C 3 HOH 52  352 1068 HOH HOH A . 
C 3 HOH 53  353 1074 HOH HOH A . 
C 3 HOH 54  354 1075 HOH HOH A . 
C 3 HOH 55  355 1092 HOH HOH A . 
C 3 HOH 56  356 1099 HOH HOH A . 
C 3 HOH 57  357 1060 HOH HOH A . 
C 3 HOH 58  358 1056 HOH HOH A . 
C 3 HOH 59  359 1050 HOH HOH A . 
C 3 HOH 60  360 1035 HOH HOH A . 
C 3 HOH 61  361 1012 HOH HOH A . 
C 3 HOH 62  362 1062 HOH HOH A . 
C 3 HOH 63  363 1015 HOH HOH A . 
C 3 HOH 64  364 1052 HOH HOH A . 
C 3 HOH 65  365 1057 HOH HOH A . 
C 3 HOH 66  366 1005 HOH HOH A . 
C 3 HOH 67  367 1041 HOH HOH A . 
C 3 HOH 68  368 1002 HOH HOH A . 
C 3 HOH 69  369 1071 HOH HOH A . 
C 3 HOH 70  370 1049 HOH HOH A . 
C 3 HOH 71  371 1026 HOH HOH A . 
C 3 HOH 72  372 1020 HOH HOH A . 
C 3 HOH 73  373 1043 HOH HOH A . 
C 3 HOH 74  374 1037 HOH HOH A . 
C 3 HOH 75  375 1021 HOH HOH A . 
C 3 HOH 76  376 1038 HOH HOH A . 
C 3 HOH 77  377 1063 HOH HOH A . 
C 3 HOH 78  378 1036 HOH HOH A . 
C 3 HOH 79  379 1070 HOH HOH A . 
C 3 HOH 80  380 1080 HOH HOH A . 
C 3 HOH 81  381 1069 HOH HOH A . 
C 3 HOH 82  382 1053 HOH HOH A . 
C 3 HOH 83  383 1033 HOH HOH A . 
C 3 HOH 84  384 1094 HOH HOH A . 
C 3 HOH 85  385 1044 HOH HOH A . 
C 3 HOH 86  386 1045 HOH HOH A . 
C 3 HOH 87  387 1054 HOH HOH A . 
C 3 HOH 88  388 1013 HOH HOH A . 
C 3 HOH 89  389 1081 HOH HOH A . 
C 3 HOH 90  390 1028 HOH HOH A . 
C 3 HOH 91  391 1098 HOH HOH A . 
C 3 HOH 92  392 1046 HOH HOH A . 
C 3 HOH 93  393 1090 HOH HOH A . 
C 3 HOH 94  394 1084 HOH HOH A . 
C 3 HOH 95  395 1097 HOH HOH A . 
C 3 HOH 96  396 1065 HOH HOH A . 
C 3 HOH 97  397 1096 HOH HOH A . 
C 3 HOH 98  398 1091 HOH HOH A . 
C 3 HOH 99  399 1093 HOH HOH A . 
C 3 HOH 100 400 1088 HOH HOH A . 
# 
_pdbx_struct_assembly.id                   1 
_pdbx_struct_assembly.details              author_defined_assembly 
_pdbx_struct_assembly.method_details       ? 
_pdbx_struct_assembly.oligomeric_details   monomeric 
_pdbx_struct_assembly.oligomeric_count     1 
# 
_pdbx_struct_assembly_gen.assembly_id       1 
_pdbx_struct_assembly_gen.oper_expression   1 
_pdbx_struct_assembly_gen.asym_id_list      A,B,C 
# 
loop_
_pdbx_struct_assembly_prop.biol_id 
_pdbx_struct_assembly_prop.type 
_pdbx_struct_assembly_prop.value 
_pdbx_struct_assembly_prop.details 
1 'ABSA (A^2)' 0    ? 
1 MORE         0    ? 
1 'SSA (A^2)'  7180 ? 
# 
_pdbx_struct_oper_list.id                   1 
_pdbx_struct_oper_list.type                 'identity operation' 
_pdbx_struct_oper_list.name                 1_555 
_pdbx_struct_oper_list.symmetry_operation   x,y,z 
_pdbx_struct_oper_list.matrix[1][1]         1.0000000000 
_pdbx_struct_oper_list.matrix[1][2]         0.0000000000 
_pdbx_struct_oper_list.matrix[1][3]         0.0000000000 
_pdbx_struct_oper_list.vector[1]            0.0000000000 
_pdbx_struct_oper_list.matrix[2][1]         0.0000000000 
_pdbx_struct_oper_list.matrix[2][2]         1.0000000000 
_pdbx_struct_oper_list.matrix[2][3]         0.0000000000 
_pdbx_struct_oper_list.vector[2]            0.0000000000 
_pdbx_struct_oper_list.matrix[3][1]         0.0000000000 
_pdbx_struct_oper_list.matrix[3][2]         0.0000000000 
_pdbx_struct_oper_list.matrix[3][3]         1.0000000000 
_pdbx_struct_oper_list.vector[3]            0.0000000000 
# 
loop_
_pdbx_audit_revision_history.ordinal 
_pdbx_audit_revision_history.data_content_type 
_pdbx_audit_revision_history.major_revision 
_pdbx_audit_revision_history.minor_revision 
_pdbx_audit_revision_history.revision_date 
1 'Structure model' 1 0 2018-06-06 
2 'Structure model' 1 1 2023-11-22 
# 
_pdbx_audit_revision_details.ordinal             1 
_pdbx_audit_revision_details.revision_ordinal    1 
_pdbx_audit_revision_details.data_content_type   'Structure model' 
_pdbx_audit_revision_details.provider            repository 
_pdbx_audit_revision_details.type                'Initial release' 
_pdbx_audit_revision_details.description         ? 
_pdbx_audit_revision_details.details             ? 
# 
loop_
_pdbx_audit_revision_group.ordinal 
_pdbx_audit_revision_group.revision_ordinal 
_pdbx_audit_revision_group.data_content_type 
_pdbx_audit_revision_group.group 
1 2 'Structure model' 'Data collection'        
2 2 'Structure model' 'Database references'    
3 2 'Structure model' 'Refinement description' 
# 
loop_
_pdbx_audit_revision_category.ordinal 
_pdbx_audit_revision_category.revision_ordinal 
_pdbx_audit_revision_category.data_content_type 
_pdbx_audit_revision_category.category 
1 2 'Structure model' chem_comp_atom                
2 2 'Structure model' chem_comp_bond                
3 2 'Structure model' database_2                    
4 2 'Structure model' pdbx_initial_refinement_model 
# 
loop_
_pdbx_audit_revision_item.ordinal 
_pdbx_audit_revision_item.revision_ordinal 
_pdbx_audit_revision_item.data_content_type 
_pdbx_audit_revision_item.item 
1 2 'Structure model' '_database_2.pdbx_DOI'                
2 2 'Structure model' '_database_2.pdbx_database_accession' 
# 
loop_
_software.citation_id 
_software.classification 
_software.compiler_name 
_software.compiler_version 
_software.contact_author 
_software.contact_author_email 
_software.date 
_software.description 
_software.dependencies 
_software.hardware 
_software.language 
_software.location 
_software.mods 
_software.name 
_software.os 
_software.os_version 
_software.type 
_software.version 
_software.pdbx_ordinal 
? refinement       ? ? ? ? ? ? ? ? ? ? ? PHENIX ? ? ? 1.11.1_2575 1 
? 'data reduction' ? ? ? ? ? ? ? ? ? ? ? XDS    ? ? ? .           2 
? 'data scaling'   ? ? ? ? ? ? ? ? ? ? ? XSCALE ? ? ? .           3 
? phasing          ? ? ? ? ? ? ? ? ? ? ? PHASER ? ? ? .           4 
# 
_pdbx_validate_torsion.id              1 
_pdbx_validate_torsion.PDB_model_num   1 
_pdbx_validate_torsion.auth_comp_id    ASP 
_pdbx_validate_torsion.auth_asym_id    A 
_pdbx_validate_torsion.auth_seq_id     110 
_pdbx_validate_torsion.PDB_ins_code    ? 
_pdbx_validate_torsion.label_alt_id    ? 
_pdbx_validate_torsion.phi             47.97 
_pdbx_validate_torsion.psi             -132.08 
# 
loop_
_pdbx_unobs_or_zero_occ_residues.id 
_pdbx_unobs_or_zero_occ_residues.PDB_model_num 
_pdbx_unobs_or_zero_occ_residues.polymer_flag 
_pdbx_unobs_or_zero_occ_residues.occupancy_flag 
_pdbx_unobs_or_zero_occ_residues.auth_asym_id 
_pdbx_unobs_or_zero_occ_residues.auth_comp_id 
_pdbx_unobs_or_zero_occ_residues.auth_seq_id 
_pdbx_unobs_or_zero_occ_residues.PDB_ins_code 
_pdbx_unobs_or_zero_occ_residues.label_asym_id 
_pdbx_unobs_or_zero_occ_residues.label_comp_id 
_pdbx_unobs_or_zero_occ_residues.label_seq_id 
1  1 Y 1 A MET -20 ? A MET 1  
2  1 Y 1 A GLY -19 ? A GLY 2  
3  1 Y 1 A SER -18 ? A SER 3  
4  1 Y 1 A SER -17 ? A SER 4  
5  1 Y 1 A HIS -16 ? A HIS 5  
6  1 Y 1 A HIS -15 ? A HIS 6  
7  1 Y 1 A HIS -14 ? A HIS 7  
8  1 Y 1 A HIS -13 ? A HIS 8  
9  1 Y 1 A HIS -12 ? A HIS 9  
10 1 Y 1 A HIS -11 ? A HIS 10 
11 1 Y 1 A SER -10 ? A SER 11 
12 1 Y 1 A SER -9  ? A SER 12 
13 1 Y 1 A GLY -8  ? A GLY 13 
14 1 Y 1 A LEU -7  ? A LEU 14 
15 1 Y 1 A VAL -6  ? A VAL 15 
16 1 Y 1 A PRO -5  ? A PRO 16 
# 
loop_
_chem_comp_atom.comp_id 
_chem_comp_atom.atom_id 
_chem_comp_atom.type_symbol 
_chem_comp_atom.pdbx_aromatic_flag 
_chem_comp_atom.pdbx_stereo_config 
_chem_comp_atom.pdbx_ordinal 
8JL C4   C Y N 1   
8JL C14  C Y N 2   
8JL C5   C Y N 3   
8JL C6   C Y N 4   
8JL C11  C N N 5   
8JL C7   C Y N 6   
8JL C8   C Y N 7   
8JL C9   C Y N 8   
8JL C10  C Y N 9   
8JL C12  C Y N 10  
8JL C13  C Y N 11  
8JL N1   N N N 12  
8JL C3   C Y N 13  
8JL C1   C Y N 14  
8JL C15  C Y N 15  
8JL C16  C Y N 16  
8JL C17  C Y N 17  
8JL C18  C N N 18  
8JL C2   C Y N 19  
8JL F1   F N N 20  
8JL O1   O N N 21  
8JL O2   O N N 22  
8JL O3   O N N 23  
8JL O4   O N N 24  
8JL O5   O N N 25  
8JL S1   S N N 26  
8JL H1   H N N 27  
8JL H2   H N N 28  
8JL H3   H N N 29  
8JL H4   H N N 30  
8JL H5   H N N 31  
8JL H6   H N N 32  
8JL H7   H N N 33  
8JL H8   H N N 34  
8JL H9   H N N 35  
8JL H10  H N N 36  
8JL H11  H N N 37  
8JL H12  H N N 38  
8JL H13  H N N 39  
8JL H14  H N N 40  
ALA N    N N N 41  
ALA CA   C N S 42  
ALA C    C N N 43  
ALA O    O N N 44  
ALA CB   C N N 45  
ALA OXT  O N N 46  
ALA H    H N N 47  
ALA H2   H N N 48  
ALA HA   H N N 49  
ALA HB1  H N N 50  
ALA HB2  H N N 51  
ALA HB3  H N N 52  
ALA HXT  H N N 53  
ARG N    N N N 54  
ARG CA   C N S 55  
ARG C    C N N 56  
ARG O    O N N 57  
ARG CB   C N N 58  
ARG CG   C N N 59  
ARG CD   C N N 60  
ARG NE   N N N 61  
ARG CZ   C N N 62  
ARG NH1  N N N 63  
ARG NH2  N N N 64  
ARG OXT  O N N 65  
ARG H    H N N 66  
ARG H2   H N N 67  
ARG HA   H N N 68  
ARG HB2  H N N 69  
ARG HB3  H N N 70  
ARG HG2  H N N 71  
ARG HG3  H N N 72  
ARG HD2  H N N 73  
ARG HD3  H N N 74  
ARG HE   H N N 75  
ARG HH11 H N N 76  
ARG HH12 H N N 77  
ARG HH21 H N N 78  
ARG HH22 H N N 79  
ARG HXT  H N N 80  
ASN N    N N N 81  
ASN CA   C N S 82  
ASN C    C N N 83  
ASN O    O N N 84  
ASN CB   C N N 85  
ASN CG   C N N 86  
ASN OD1  O N N 87  
ASN ND2  N N N 88  
ASN OXT  O N N 89  
ASN H    H N N 90  
ASN H2   H N N 91  
ASN HA   H N N 92  
ASN HB2  H N N 93  
ASN HB3  H N N 94  
ASN HD21 H N N 95  
ASN HD22 H N N 96  
ASN HXT  H N N 97  
ASP N    N N N 98  
ASP CA   C N S 99  
ASP C    C N N 100 
ASP O    O N N 101 
ASP CB   C N N 102 
ASP CG   C N N 103 
ASP OD1  O N N 104 
ASP OD2  O N N 105 
ASP OXT  O N N 106 
ASP H    H N N 107 
ASP H2   H N N 108 
ASP HA   H N N 109 
ASP HB2  H N N 110 
ASP HB3  H N N 111 
ASP HD2  H N N 112 
ASP HXT  H N N 113 
CYS N    N N N 114 
CYS CA   C N R 115 
CYS C    C N N 116 
CYS O    O N N 117 
CYS CB   C N N 118 
CYS SG   S N N 119 
CYS OXT  O N N 120 
CYS H    H N N 121 
CYS H2   H N N 122 
CYS HA   H N N 123 
CYS HB2  H N N 124 
CYS HB3  H N N 125 
CYS HG   H N N 126 
CYS HXT  H N N 127 
GLN N    N N N 128 
GLN CA   C N S 129 
GLN C    C N N 130 
GLN O    O N N 131 
GLN CB   C N N 132 
GLN CG   C N N 133 
GLN CD   C N N 134 
GLN OE1  O N N 135 
GLN NE2  N N N 136 
GLN OXT  O N N 137 
GLN H    H N N 138 
GLN H2   H N N 139 
GLN HA   H N N 140 
GLN HB2  H N N 141 
GLN HB3  H N N 142 
GLN HG2  H N N 143 
GLN HG3  H N N 144 
GLN HE21 H N N 145 
GLN HE22 H N N 146 
GLN HXT  H N N 147 
GLU N    N N N 148 
GLU CA   C N S 149 
GLU C    C N N 150 
GLU O    O N N 151 
GLU CB   C N N 152 
GLU CG   C N N 153 
GLU CD   C N N 154 
GLU OE1  O N N 155 
GLU OE2  O N N 156 
GLU OXT  O N N 157 
GLU H    H N N 158 
GLU H2   H N N 159 
GLU HA   H N N 160 
GLU HB2  H N N 161 
GLU HB3  H N N 162 
GLU HG2  H N N 163 
GLU HG3  H N N 164 
GLU HE2  H N N 165 
GLU HXT  H N N 166 
GLY N    N N N 167 
GLY CA   C N N 168 
GLY C    C N N 169 
GLY O    O N N 170 
GLY OXT  O N N 171 
GLY H    H N N 172 
GLY H2   H N N 173 
GLY HA2  H N N 174 
GLY HA3  H N N 175 
GLY HXT  H N N 176 
HIS N    N N N 177 
HIS CA   C N S 178 
HIS C    C N N 179 
HIS O    O N N 180 
HIS CB   C N N 181 
HIS CG   C Y N 182 
HIS ND1  N Y N 183 
HIS CD2  C Y N 184 
HIS CE1  C Y N 185 
HIS NE2  N Y N 186 
HIS OXT  O N N 187 
HIS H    H N N 188 
HIS H2   H N N 189 
HIS HA   H N N 190 
HIS HB2  H N N 191 
HIS HB3  H N N 192 
HIS HD1  H N N 193 
HIS HD2  H N N 194 
HIS HE1  H N N 195 
HIS HE2  H N N 196 
HIS HXT  H N N 197 
HOH O    O N N 198 
HOH H1   H N N 199 
HOH H2   H N N 200 
ILE N    N N N 201 
ILE CA   C N S 202 
ILE C    C N N 203 
ILE O    O N N 204 
ILE CB   C N S 205 
ILE CG1  C N N 206 
ILE CG2  C N N 207 
ILE CD1  C N N 208 
ILE OXT  O N N 209 
ILE H    H N N 210 
ILE H2   H N N 211 
ILE HA   H N N 212 
ILE HB   H N N 213 
ILE HG12 H N N 214 
ILE HG13 H N N 215 
ILE HG21 H N N 216 
ILE HG22 H N N 217 
ILE HG23 H N N 218 
ILE HD11 H N N 219 
ILE HD12 H N N 220 
ILE HD13 H N N 221 
ILE HXT  H N N 222 
LEU N    N N N 223 
LEU CA   C N S 224 
LEU C    C N N 225 
LEU O    O N N 226 
LEU CB   C N N 227 
LEU CG   C N N 228 
LEU CD1  C N N 229 
LEU CD2  C N N 230 
LEU OXT  O N N 231 
LEU H    H N N 232 
LEU H2   H N N 233 
LEU HA   H N N 234 
LEU HB2  H N N 235 
LEU HB3  H N N 236 
LEU HG   H N N 237 
LEU HD11 H N N 238 
LEU HD12 H N N 239 
LEU HD13 H N N 240 
LEU HD21 H N N 241 
LEU HD22 H N N 242 
LEU HD23 H N N 243 
LEU HXT  H N N 244 
LYS N    N N N 245 
LYS CA   C N S 246 
LYS C    C N N 247 
LYS O    O N N 248 
LYS CB   C N N 249 
LYS CG   C N N 250 
LYS CD   C N N 251 
LYS CE   C N N 252 
LYS NZ   N N N 253 
LYS OXT  O N N 254 
LYS H    H N N 255 
LYS H2   H N N 256 
LYS HA   H N N 257 
LYS HB2  H N N 258 
LYS HB3  H N N 259 
LYS HG2  H N N 260 
LYS HG3  H N N 261 
LYS HD2  H N N 262 
LYS HD3  H N N 263 
LYS HE2  H N N 264 
LYS HE3  H N N 265 
LYS HZ1  H N N 266 
LYS HZ2  H N N 267 
LYS HZ3  H N N 268 
LYS HXT  H N N 269 
MET N    N N N 270 
MET CA   C N S 271 
MET C    C N N 272 
MET O    O N N 273 
MET CB   C N N 274 
MET CG   C N N 275 
MET SD   S N N 276 
MET CE   C N N 277 
MET OXT  O N N 278 
MET H    H N N 279 
MET H2   H N N 280 
MET HA   H N N 281 
MET HB2  H N N 282 
MET HB3  H N N 283 
MET HG2  H N N 284 
MET HG3  H N N 285 
MET HE1  H N N 286 
MET HE2  H N N 287 
MET HE3  H N N 288 
MET HXT  H N N 289 
PHE N    N N N 290 
PHE CA   C N S 291 
PHE C    C N N 292 
PHE O    O N N 293 
PHE CB   C N N 294 
PHE CG   C Y N 295 
PHE CD1  C Y N 296 
PHE CD2  C Y N 297 
PHE CE1  C Y N 298 
PHE CE2  C Y N 299 
PHE CZ   C Y N 300 
PHE OXT  O N N 301 
PHE H    H N N 302 
PHE H2   H N N 303 
PHE HA   H N N 304 
PHE HB2  H N N 305 
PHE HB3  H N N 306 
PHE HD1  H N N 307 
PHE HD2  H N N 308 
PHE HE1  H N N 309 
PHE HE2  H N N 310 
PHE HZ   H N N 311 
PHE HXT  H N N 312 
PRO N    N N N 313 
PRO CA   C N S 314 
PRO C    C N N 315 
PRO O    O N N 316 
PRO CB   C N N 317 
PRO CG   C N N 318 
PRO CD   C N N 319 
PRO OXT  O N N 320 
PRO H    H N N 321 
PRO HA   H N N 322 
PRO HB2  H N N 323 
PRO HB3  H N N 324 
PRO HG2  H N N 325 
PRO HG3  H N N 326 
PRO HD2  H N N 327 
PRO HD3  H N N 328 
PRO HXT  H N N 329 
SER N    N N N 330 
SER CA   C N S 331 
SER C    C N N 332 
SER O    O N N 333 
SER CB   C N N 334 
SER OG   O N N 335 
SER OXT  O N N 336 
SER H    H N N 337 
SER H2   H N N 338 
SER HA   H N N 339 
SER HB2  H N N 340 
SER HB3  H N N 341 
SER HG   H N N 342 
SER HXT  H N N 343 
THR N    N N N 344 
THR CA   C N S 345 
THR C    C N N 346 
THR O    O N N 347 
THR CB   C N R 348 
THR OG1  O N N 349 
THR CG2  C N N 350 
THR OXT  O N N 351 
THR H    H N N 352 
THR H2   H N N 353 
THR HA   H N N 354 
THR HB   H N N 355 
THR HG1  H N N 356 
THR HG21 H N N 357 
THR HG22 H N N 358 
THR HG23 H N N 359 
THR HXT  H N N 360 
TRP N    N N N 361 
TRP CA   C N S 362 
TRP C    C N N 363 
TRP O    O N N 364 
TRP CB   C N N 365 
TRP CG   C Y N 366 
TRP CD1  C Y N 367 
TRP CD2  C Y N 368 
TRP NE1  N Y N 369 
TRP CE2  C Y N 370 
TRP CE3  C Y N 371 
TRP CZ2  C Y N 372 
TRP CZ3  C Y N 373 
TRP CH2  C Y N 374 
TRP OXT  O N N 375 
TRP H    H N N 376 
TRP H2   H N N 377 
TRP HA   H N N 378 
TRP HB2  H N N 379 
TRP HB3  H N N 380 
TRP HD1  H N N 381 
TRP HE1  H N N 382 
TRP HE3  H N N 383 
TRP HZ2  H N N 384 
TRP HZ3  H N N 385 
TRP HH2  H N N 386 
TRP HXT  H N N 387 
TYR N    N N N 388 
TYR CA   C N S 389 
TYR C    C N N 390 
TYR O    O N N 391 
TYR CB   C N N 392 
TYR CG   C Y N 393 
TYR CD1  C Y N 394 
TYR CD2  C Y N 395 
TYR CE1  C Y N 396 
TYR CE2  C Y N 397 
TYR CZ   C Y N 398 
TYR OH   O N N 399 
TYR OXT  O N N 400 
TYR H    H N N 401 
TYR H2   H N N 402 
TYR HA   H N N 403 
TYR HB2  H N N 404 
TYR HB3  H N N 405 
TYR HD1  H N N 406 
TYR HD2  H N N 407 
TYR HE1  H N N 408 
TYR HE2  H N N 409 
TYR HH   H N N 410 
TYR HXT  H N N 411 
VAL N    N N N 412 
VAL CA   C N S 413 
VAL C    C N N 414 
VAL O    O N N 415 
VAL CB   C N N 416 
VAL CG1  C N N 417 
VAL CG2  C N N 418 
VAL OXT  O N N 419 
VAL H    H N N 420 
VAL H2   H N N 421 
VAL HA   H N N 422 
VAL HB   H N N 423 
VAL HG11 H N N 424 
VAL HG12 H N N 425 
VAL HG13 H N N 426 
VAL HG21 H N N 427 
VAL HG22 H N N 428 
VAL HG23 H N N 429 
VAL HXT  H N N 430 
# 
loop_
_chem_comp_bond.comp_id 
_chem_comp_bond.atom_id_1 
_chem_comp_bond.atom_id_2 
_chem_comp_bond.value_order 
_chem_comp_bond.pdbx_aromatic_flag 
_chem_comp_bond.pdbx_stereo_config 
_chem_comp_bond.pdbx_ordinal 
8JL C8  C9   sing Y N 1   
8JL C8  C7   doub Y N 2   
8JL C9  C10  doub Y N 3   
8JL C7  C5   sing Y N 4   
8JL C10 C6   sing Y N 5   
8JL C5  C6   sing Y N 6   
8JL C5  C4   doub Y N 7   
8JL C6  C1   doub Y N 8   
8JL O1  C4   sing N N 9   
8JL O1  C11  sing N N 10  
8JL O2  S1   doub N N 11  
8JL C4  C3   sing Y N 12  
8JL C1  S1   sing N N 13  
8JL C1  C2   sing Y N 14  
8JL S1  N1   sing N N 15  
8JL S1  O3   doub N N 16  
8JL F1  C17  sing N N 17  
8JL C3  C2   doub Y N 18  
8JL N1  C12  sing N N 19  
8JL C17 C12  doub Y N 20  
8JL C17 C16  sing Y N 21  
8JL C12 C13  sing Y N 22  
8JL C16 C15  doub Y N 23  
8JL C13 C14  doub Y N 24  
8JL C15 C14  sing Y N 25  
8JL C14 C18  sing N N 26  
8JL C18 O4   doub N N 27  
8JL C18 O5   sing N N 28  
8JL C11 H1   sing N N 29  
8JL C11 H2   sing N N 30  
8JL C11 H3   sing N N 31  
8JL C7  H4   sing N N 32  
8JL C8  H5   sing N N 33  
8JL C9  H6   sing N N 34  
8JL C10 H7   sing N N 35  
8JL C13 H8   sing N N 36  
8JL N1  H9   sing N N 37  
8JL C3  H10  sing N N 38  
8JL C15 H11  sing N N 39  
8JL C16 H12  sing N N 40  
8JL C2  H13  sing N N 41  
8JL O5  H14  sing N N 42  
ALA N   CA   sing N N 43  
ALA N   H    sing N N 44  
ALA N   H2   sing N N 45  
ALA CA  C    sing N N 46  
ALA CA  CB   sing N N 47  
ALA CA  HA   sing N N 48  
ALA C   O    doub N N 49  
ALA C   OXT  sing N N 50  
ALA CB  HB1  sing N N 51  
ALA CB  HB2  sing N N 52  
ALA CB  HB3  sing N N 53  
ALA OXT HXT  sing N N 54  
ARG N   CA   sing N N 55  
ARG N   H    sing N N 56  
ARG N   H2   sing N N 57  
ARG CA  C    sing N N 58  
ARG CA  CB   sing N N 59  
ARG CA  HA   sing N N 60  
ARG C   O    doub N N 61  
ARG C   OXT  sing N N 62  
ARG CB  CG   sing N N 63  
ARG CB  HB2  sing N N 64  
ARG CB  HB3  sing N N 65  
ARG CG  CD   sing N N 66  
ARG CG  HG2  sing N N 67  
ARG CG  HG3  sing N N 68  
ARG CD  NE   sing N N 69  
ARG CD  HD2  sing N N 70  
ARG CD  HD3  sing N N 71  
ARG NE  CZ   sing N N 72  
ARG NE  HE   sing N N 73  
ARG CZ  NH1  sing N N 74  
ARG CZ  NH2  doub N N 75  
ARG NH1 HH11 sing N N 76  
ARG NH1 HH12 sing N N 77  
ARG NH2 HH21 sing N N 78  
ARG NH2 HH22 sing N N 79  
ARG OXT HXT  sing N N 80  
ASN N   CA   sing N N 81  
ASN N   H    sing N N 82  
ASN N   H2   sing N N 83  
ASN CA  C    sing N N 84  
ASN CA  CB   sing N N 85  
ASN CA  HA   sing N N 86  
ASN C   O    doub N N 87  
ASN C   OXT  sing N N 88  
ASN CB  CG   sing N N 89  
ASN CB  HB2  sing N N 90  
ASN CB  HB3  sing N N 91  
ASN CG  OD1  doub N N 92  
ASN CG  ND2  sing N N 93  
ASN ND2 HD21 sing N N 94  
ASN ND2 HD22 sing N N 95  
ASN OXT HXT  sing N N 96  
ASP N   CA   sing N N 97  
ASP N   H    sing N N 98  
ASP N   H2   sing N N 99  
ASP CA  C    sing N N 100 
ASP CA  CB   sing N N 101 
ASP CA  HA   sing N N 102 
ASP C   O    doub N N 103 
ASP C   OXT  sing N N 104 
ASP CB  CG   sing N N 105 
ASP CB  HB2  sing N N 106 
ASP CB  HB3  sing N N 107 
ASP CG  OD1  doub N N 108 
ASP CG  OD2  sing N N 109 
ASP OD2 HD2  sing N N 110 
ASP OXT HXT  sing N N 111 
CYS N   CA   sing N N 112 
CYS N   H    sing N N 113 
CYS N   H2   sing N N 114 
CYS CA  C    sing N N 115 
CYS CA  CB   sing N N 116 
CYS CA  HA   sing N N 117 
CYS C   O    doub N N 118 
CYS C   OXT  sing N N 119 
CYS CB  SG   sing N N 120 
CYS CB  HB2  sing N N 121 
CYS CB  HB3  sing N N 122 
CYS SG  HG   sing N N 123 
CYS OXT HXT  sing N N 124 
GLN N   CA   sing N N 125 
GLN N   H    sing N N 126 
GLN N   H2   sing N N 127 
GLN CA  C    sing N N 128 
GLN CA  CB   sing N N 129 
GLN CA  HA   sing N N 130 
GLN C   O    doub N N 131 
GLN C   OXT  sing N N 132 
GLN CB  CG   sing N N 133 
GLN CB  HB2  sing N N 134 
GLN CB  HB3  sing N N 135 
GLN CG  CD   sing N N 136 
GLN CG  HG2  sing N N 137 
GLN CG  HG3  sing N N 138 
GLN CD  OE1  doub N N 139 
GLN CD  NE2  sing N N 140 
GLN NE2 HE21 sing N N 141 
GLN NE2 HE22 sing N N 142 
GLN OXT HXT  sing N N 143 
GLU N   CA   sing N N 144 
GLU N   H    sing N N 145 
GLU N   H2   sing N N 146 
GLU CA  C    sing N N 147 
GLU CA  CB   sing N N 148 
GLU CA  HA   sing N N 149 
GLU C   O    doub N N 150 
GLU C   OXT  sing N N 151 
GLU CB  CG   sing N N 152 
GLU CB  HB2  sing N N 153 
GLU CB  HB3  sing N N 154 
GLU CG  CD   sing N N 155 
GLU CG  HG2  sing N N 156 
GLU CG  HG3  sing N N 157 
GLU CD  OE1  doub N N 158 
GLU CD  OE2  sing N N 159 
GLU OE2 HE2  sing N N 160 
GLU OXT HXT  sing N N 161 
GLY N   CA   sing N N 162 
GLY N   H    sing N N 163 
GLY N   H2   sing N N 164 
GLY CA  C    sing N N 165 
GLY CA  HA2  sing N N 166 
GLY CA  HA3  sing N N 167 
GLY C   O    doub N N 168 
GLY C   OXT  sing N N 169 
GLY OXT HXT  sing N N 170 
HIS N   CA   sing N N 171 
HIS N   H    sing N N 172 
HIS N   H2   sing N N 173 
HIS CA  C    sing N N 174 
HIS CA  CB   sing N N 175 
HIS CA  HA   sing N N 176 
HIS C   O    doub N N 177 
HIS C   OXT  sing N N 178 
HIS CB  CG   sing N N 179 
HIS CB  HB2  sing N N 180 
HIS CB  HB3  sing N N 181 
HIS CG  ND1  sing Y N 182 
HIS CG  CD2  doub Y N 183 
HIS ND1 CE1  doub Y N 184 
HIS ND1 HD1  sing N N 185 
HIS CD2 NE2  sing Y N 186 
HIS CD2 HD2  sing N N 187 
HIS CE1 NE2  sing Y N 188 
HIS CE1 HE1  sing N N 189 
HIS NE2 HE2  sing N N 190 
HIS OXT HXT  sing N N 191 
HOH O   H1   sing N N 192 
HOH O   H2   sing N N 193 
ILE N   CA   sing N N 194 
ILE N   H    sing N N 195 
ILE N   H2   sing N N 196 
ILE CA  C    sing N N 197 
ILE CA  CB   sing N N 198 
ILE CA  HA   sing N N 199 
ILE C   O    doub N N 200 
ILE C   OXT  sing N N 201 
ILE CB  CG1  sing N N 202 
ILE CB  CG2  sing N N 203 
ILE CB  HB   sing N N 204 
ILE CG1 CD1  sing N N 205 
ILE CG1 HG12 sing N N 206 
ILE CG1 HG13 sing N N 207 
ILE CG2 HG21 sing N N 208 
ILE CG2 HG22 sing N N 209 
ILE CG2 HG23 sing N N 210 
ILE CD1 HD11 sing N N 211 
ILE CD1 HD12 sing N N 212 
ILE CD1 HD13 sing N N 213 
ILE OXT HXT  sing N N 214 
LEU N   CA   sing N N 215 
LEU N   H    sing N N 216 
LEU N   H2   sing N N 217 
LEU CA  C    sing N N 218 
LEU CA  CB   sing N N 219 
LEU CA  HA   sing N N 220 
LEU C   O    doub N N 221 
LEU C   OXT  sing N N 222 
LEU CB  CG   sing N N 223 
LEU CB  HB2  sing N N 224 
LEU CB  HB3  sing N N 225 
LEU CG  CD1  sing N N 226 
LEU CG  CD2  sing N N 227 
LEU CG  HG   sing N N 228 
LEU CD1 HD11 sing N N 229 
LEU CD1 HD12 sing N N 230 
LEU CD1 HD13 sing N N 231 
LEU CD2 HD21 sing N N 232 
LEU CD2 HD22 sing N N 233 
LEU CD2 HD23 sing N N 234 
LEU OXT HXT  sing N N 235 
LYS N   CA   sing N N 236 
LYS N   H    sing N N 237 
LYS N   H2   sing N N 238 
LYS CA  C    sing N N 239 
LYS CA  CB   sing N N 240 
LYS CA  HA   sing N N 241 
LYS C   O    doub N N 242 
LYS C   OXT  sing N N 243 
LYS CB  CG   sing N N 244 
LYS CB  HB2  sing N N 245 
LYS CB  HB3  sing N N 246 
LYS CG  CD   sing N N 247 
LYS CG  HG2  sing N N 248 
LYS CG  HG3  sing N N 249 
LYS CD  CE   sing N N 250 
LYS CD  HD2  sing N N 251 
LYS CD  HD3  sing N N 252 
LYS CE  NZ   sing N N 253 
LYS CE  HE2  sing N N 254 
LYS CE  HE3  sing N N 255 
LYS NZ  HZ1  sing N N 256 
LYS NZ  HZ2  sing N N 257 
LYS NZ  HZ3  sing N N 258 
LYS OXT HXT  sing N N 259 
MET N   CA   sing N N 260 
MET N   H    sing N N 261 
MET N   H2   sing N N 262 
MET CA  C    sing N N 263 
MET CA  CB   sing N N 264 
MET CA  HA   sing N N 265 
MET C   O    doub N N 266 
MET C   OXT  sing N N 267 
MET CB  CG   sing N N 268 
MET CB  HB2  sing N N 269 
MET CB  HB3  sing N N 270 
MET CG  SD   sing N N 271 
MET CG  HG2  sing N N 272 
MET CG  HG3  sing N N 273 
MET SD  CE   sing N N 274 
MET CE  HE1  sing N N 275 
MET CE  HE2  sing N N 276 
MET CE  HE3  sing N N 277 
MET OXT HXT  sing N N 278 
PHE N   CA   sing N N 279 
PHE N   H    sing N N 280 
PHE N   H2   sing N N 281 
PHE CA  C    sing N N 282 
PHE CA  CB   sing N N 283 
PHE CA  HA   sing N N 284 
PHE C   O    doub N N 285 
PHE C   OXT  sing N N 286 
PHE CB  CG   sing N N 287 
PHE CB  HB2  sing N N 288 
PHE CB  HB3  sing N N 289 
PHE CG  CD1  doub Y N 290 
PHE CG  CD2  sing Y N 291 
PHE CD1 CE1  sing Y N 292 
PHE CD1 HD1  sing N N 293 
PHE CD2 CE2  doub Y N 294 
PHE CD2 HD2  sing N N 295 
PHE CE1 CZ   doub Y N 296 
PHE CE1 HE1  sing N N 297 
PHE CE2 CZ   sing Y N 298 
PHE CE2 HE2  sing N N 299 
PHE CZ  HZ   sing N N 300 
PHE OXT HXT  sing N N 301 
PRO N   CA   sing N N 302 
PRO N   CD   sing N N 303 
PRO N   H    sing N N 304 
PRO CA  C    sing N N 305 
PRO CA  CB   sing N N 306 
PRO CA  HA   sing N N 307 
PRO C   O    doub N N 308 
PRO C   OXT  sing N N 309 
PRO CB  CG   sing N N 310 
PRO CB  HB2  sing N N 311 
PRO CB  HB3  sing N N 312 
PRO CG  CD   sing N N 313 
PRO CG  HG2  sing N N 314 
PRO CG  HG3  sing N N 315 
PRO CD  HD2  sing N N 316 
PRO CD  HD3  sing N N 317 
PRO OXT HXT  sing N N 318 
SER N   CA   sing N N 319 
SER N   H    sing N N 320 
SER N   H2   sing N N 321 
SER CA  C    sing N N 322 
SER CA  CB   sing N N 323 
SER CA  HA   sing N N 324 
SER C   O    doub N N 325 
SER C   OXT  sing N N 326 
SER CB  OG   sing N N 327 
SER CB  HB2  sing N N 328 
SER CB  HB3  sing N N 329 
SER OG  HG   sing N N 330 
SER OXT HXT  sing N N 331 
THR N   CA   sing N N 332 
THR N   H    sing N N 333 
THR N   H2   sing N N 334 
THR CA  C    sing N N 335 
THR CA  CB   sing N N 336 
THR CA  HA   sing N N 337 
THR C   O    doub N N 338 
THR C   OXT  sing N N 339 
THR CB  OG1  sing N N 340 
THR CB  CG2  sing N N 341 
THR CB  HB   sing N N 342 
THR OG1 HG1  sing N N 343 
THR CG2 HG21 sing N N 344 
THR CG2 HG22 sing N N 345 
THR CG2 HG23 sing N N 346 
THR OXT HXT  sing N N 347 
TRP N   CA   sing N N 348 
TRP N   H    sing N N 349 
TRP N   H2   sing N N 350 
TRP CA  C    sing N N 351 
TRP CA  CB   sing N N 352 
TRP CA  HA   sing N N 353 
TRP C   O    doub N N 354 
TRP C   OXT  sing N N 355 
TRP CB  CG   sing N N 356 
TRP CB  HB2  sing N N 357 
TRP CB  HB3  sing N N 358 
TRP CG  CD1  doub Y N 359 
TRP CG  CD2  sing Y N 360 
TRP CD1 NE1  sing Y N 361 
TRP CD1 HD1  sing N N 362 
TRP CD2 CE2  doub Y N 363 
TRP CD2 CE3  sing Y N 364 
TRP NE1 CE2  sing Y N 365 
TRP NE1 HE1  sing N N 366 
TRP CE2 CZ2  sing Y N 367 
TRP CE3 CZ3  doub Y N 368 
TRP CE3 HE3  sing N N 369 
TRP CZ2 CH2  doub Y N 370 
TRP CZ2 HZ2  sing N N 371 
TRP CZ3 CH2  sing Y N 372 
TRP CZ3 HZ3  sing N N 373 
TRP CH2 HH2  sing N N 374 
TRP OXT HXT  sing N N 375 
TYR N   CA   sing N N 376 
TYR N   H    sing N N 377 
TYR N   H2   sing N N 378 
TYR CA  C    sing N N 379 
TYR CA  CB   sing N N 380 
TYR CA  HA   sing N N 381 
TYR C   O    doub N N 382 
TYR C   OXT  sing N N 383 
TYR CB  CG   sing N N 384 
TYR CB  HB2  sing N N 385 
TYR CB  HB3  sing N N 386 
TYR CG  CD1  doub Y N 387 
TYR CG  CD2  sing Y N 388 
TYR CD1 CE1  sing Y N 389 
TYR CD1 HD1  sing N N 390 
TYR CD2 CE2  doub Y N 391 
TYR CD2 HD2  sing N N 392 
TYR CE1 CZ   doub Y N 393 
TYR CE1 HE1  sing N N 394 
TYR CE2 CZ   sing Y N 395 
TYR CE2 HE2  sing N N 396 
TYR CZ  OH   sing N N 397 
TYR OH  HH   sing N N 398 
TYR OXT HXT  sing N N 399 
VAL N   CA   sing N N 400 
VAL N   H    sing N N 401 
VAL N   H2   sing N N 402 
VAL CA  C    sing N N 403 
VAL CA  CB   sing N N 404 
VAL CA  HA   sing N N 405 
VAL C   O    doub N N 406 
VAL C   OXT  sing N N 407 
VAL CB  CG1  sing N N 408 
VAL CB  CG2  sing N N 409 
VAL CB  HB   sing N N 410 
VAL CG1 HG11 sing N N 411 
VAL CG1 HG12 sing N N 412 
VAL CG1 HG13 sing N N 413 
VAL CG2 HG21 sing N N 414 
VAL CG2 HG22 sing N N 415 
VAL CG2 HG23 sing N N 416 
VAL OXT HXT  sing N N 417 
# 
_pdbx_audit_support.funding_organization   ? 
_pdbx_audit_support.country                China 
_pdbx_audit_support.grant_number           ? 
_pdbx_audit_support.ordinal                1 
# 
_pdbx_entity_instance_feature.ordinal        1 
_pdbx_entity_instance_feature.comp_id        8JL 
_pdbx_entity_instance_feature.asym_id        ? 
_pdbx_entity_instance_feature.seq_num        ? 
_pdbx_entity_instance_feature.auth_comp_id   8JL 
_pdbx_entity_instance_feature.auth_asym_id   ? 
_pdbx_entity_instance_feature.auth_seq_num   ? 
_pdbx_entity_instance_feature.feature_type   'SUBJECT OF INVESTIGATION' 
_pdbx_entity_instance_feature.details        ? 
# 
loop_
_pdbx_entity_nonpoly.entity_id 
_pdbx_entity_nonpoly.name 
_pdbx_entity_nonpoly.comp_id 
2 '4-fluoranyl-3-[(4-methoxynaphthalen-1-yl)sulfonylamino]benzoic acid' 8JL 
3 water                                                                 HOH 
# 
_pdbx_initial_refinement_model.id               1 
_pdbx_initial_refinement_model.entity_id_list   ? 
_pdbx_initial_refinement_model.type             'experimental model' 
_pdbx_initial_refinement_model.source_name      PDB 
_pdbx_initial_refinement_model.accession_code   4NNS 
_pdbx_initial_refinement_model.details          ? 
# 
_pdbx_struct_assembly_auth_evidence.id                     1 
_pdbx_struct_assembly_auth_evidence.assembly_id            1 
_pdbx_struct_assembly_auth_evidence.experimental_support   none 
_pdbx_struct_assembly_auth_evidence.details                ? 
# 
